data_2DBK
#
_entry.id   2DBK
#
_entity_poly.entity_id   1
_entity_poly.type   'polypeptide(L)'
_entity_poly.pdbx_seq_one_letter_code
;GSSGSSGPLPSTQNGPVFAKAIQKRVPCAYDKTALALEVGDIVKVTRMNINGQWEGEVNGRKGLFPFTHVKIFDPQNPDE
NESGPSSG
;
_entity_poly.pdbx_strand_id   A
#
# COMPACT_ATOMS: atom_id res chain seq x y z
N GLY A 1 -26.14 8.25 30.61
CA GLY A 1 -25.49 8.78 29.44
C GLY A 1 -25.97 8.11 28.16
N SER A 2 -27.28 8.09 27.96
CA SER A 2 -27.87 7.48 26.77
C SER A 2 -26.97 7.68 25.56
N SER A 3 -26.51 6.58 24.99
CA SER A 3 -25.63 6.63 23.82
C SER A 3 -26.37 6.19 22.56
N GLY A 4 -26.36 7.05 21.55
CA GLY A 4 -27.05 6.74 20.31
C GLY A 4 -26.18 7.02 19.09
N SER A 5 -26.81 7.11 17.92
CA SER A 5 -26.10 7.36 16.68
C SER A 5 -25.77 8.84 16.54
N SER A 6 -24.54 9.13 16.09
CA SER A 6 -24.10 10.51 15.91
C SER A 6 -23.90 10.84 14.43
N GLY A 7 -23.20 9.96 13.73
CA GLY A 7 -22.95 10.17 12.31
C GLY A 7 -21.58 9.69 11.89
N PRO A 8 -21.49 9.19 10.64
CA PRO A 8 -20.23 8.68 10.09
C PRO A 8 -19.23 9.79 9.82
N LEU A 9 -18.00 9.41 9.47
CA LEU A 9 -16.95 10.37 9.19
C LEU A 9 -17.45 11.46 8.23
N PRO A 10 -16.84 12.65 8.31
CA PRO A 10 -17.20 13.78 7.46
C PRO A 10 -16.81 13.57 6.00
N SER A 11 -17.61 14.09 5.09
CA SER A 11 -17.36 13.94 3.66
C SER A 11 -16.04 14.62 3.28
N THR A 12 -14.96 13.84 3.30
CA THR A 12 -13.64 14.35 2.96
C THR A 12 -13.00 13.55 1.83
N GLN A 13 -11.88 14.03 1.33
CA GLN A 13 -11.18 13.35 0.24
C GLN A 13 -9.67 13.39 0.46
N ASN A 14 -9.10 12.25 0.83
CA ASN A 14 -7.67 12.16 1.08
C ASN A 14 -7.03 11.08 0.21
N GLY A 15 -5.75 11.21 -0.05
CA GLY A 15 -5.03 10.24 -0.87
C GLY A 15 -4.47 9.10 -0.06
N PRO A 16 -4.44 7.89 -0.64
CA PRO A 16 -3.93 6.70 0.02
C PRO A 16 -2.42 6.74 0.20
N VAL A 17 -1.93 6.05 1.23
CA VAL A 17 -0.50 6.01 1.52
C VAL A 17 0.14 4.76 0.93
N PHE A 18 1.17 4.95 0.12
CA PHE A 18 1.88 3.83 -0.50
C PHE A 18 3.10 3.43 0.32
N ALA A 19 3.24 2.12 0.56
CA ALA A 19 4.37 1.61 1.33
C ALA A 19 4.90 0.31 0.73
N LYS A 20 6.23 0.20 0.66
CA LYS A 20 6.86 -0.98 0.10
C LYS A 20 7.33 -1.92 1.21
N ALA A 21 7.14 -3.22 0.99
CA ALA A 21 7.55 -4.23 1.97
C ALA A 21 9.05 -4.48 1.90
N ILE A 22 9.77 -4.01 2.91
CA ILE A 22 11.21 -4.19 2.97
C ILE A 22 11.58 -5.53 3.58
N GLN A 23 10.57 -6.22 4.13
CA GLN A 23 10.79 -7.51 4.75
C GLN A 23 9.72 -8.51 4.31
N LYS A 24 9.99 -9.80 4.53
CA LYS A 24 9.05 -10.85 4.15
C LYS A 24 8.06 -11.11 5.28
N ARG A 25 6.79 -10.82 5.03
CA ARG A 25 5.74 -11.03 6.02
C ARG A 25 4.78 -12.11 5.57
N VAL A 26 4.69 -13.18 6.34
CA VAL A 26 3.79 -14.29 6.01
C VAL A 26 2.83 -14.58 7.16
N PRO A 27 1.54 -14.75 6.83
CA PRO A 27 0.49 -15.03 7.82
C PRO A 27 0.63 -16.43 8.42
N CYS A 28 0.53 -16.52 9.73
CA CYS A 28 0.63 -17.79 10.43
C CYS A 28 -0.43 -18.77 9.93
N ALA A 29 -0.15 -20.06 10.09
CA ALA A 29 -1.09 -21.10 9.65
C ALA A 29 -2.50 -20.81 10.14
N TYR A 30 -2.60 -20.11 11.27
CA TYR A 30 -3.89 -19.78 11.85
C TYR A 30 -4.13 -18.27 11.80
N ASP A 31 -3.63 -17.63 10.75
CA ASP A 31 -3.79 -16.19 10.58
C ASP A 31 -4.31 -15.86 9.18
N LYS A 32 -5.60 -15.55 9.10
CA LYS A 32 -6.22 -15.22 7.83
C LYS A 32 -6.21 -13.71 7.59
N THR A 33 -6.46 -12.94 8.65
CA THR A 33 -6.48 -11.50 8.56
C THR A 33 -5.09 -10.95 8.23
N ALA A 34 -4.07 -11.69 8.61
CA ALA A 34 -2.69 -11.29 8.35
C ALA A 34 -2.37 -11.33 6.86
N LEU A 35 -1.96 -10.20 6.31
CA LEU A 35 -1.62 -10.12 4.89
C LEU A 35 -0.18 -10.54 4.64
N ALA A 36 0.03 -11.30 3.57
CA ALA A 36 1.37 -11.77 3.22
C ALA A 36 2.02 -10.85 2.20
N LEU A 37 3.26 -10.43 2.49
CA LEU A 37 3.99 -9.55 1.58
C LEU A 37 5.43 -10.02 1.42
N GLU A 38 6.05 -9.65 0.30
CA GLU A 38 7.42 -10.03 0.04
C GLU A 38 8.29 -8.80 -0.19
N VAL A 39 9.61 -8.99 -0.20
CA VAL A 39 10.56 -7.91 -0.40
C VAL A 39 10.40 -7.30 -1.79
N GLY A 40 9.87 -6.08 -1.85
CA GLY A 40 9.68 -5.41 -3.12
C GLY A 40 8.24 -5.45 -3.58
N ASP A 41 7.31 -5.24 -2.65
CA ASP A 41 5.89 -5.24 -2.97
C ASP A 41 5.22 -3.95 -2.50
N ILE A 42 4.27 -3.47 -3.29
CA ILE A 42 3.55 -2.24 -2.96
C ILE A 42 2.23 -2.53 -2.27
N VAL A 43 2.13 -2.14 -1.00
CA VAL A 43 0.90 -2.37 -0.23
C VAL A 43 0.01 -1.12 -0.25
N LYS A 44 -1.02 -1.16 -1.07
CA LYS A 44 -1.95 -0.04 -1.18
C LYS A 44 -2.97 -0.07 -0.04
N VAL A 45 -2.84 0.85 0.90
CA VAL A 45 -3.74 0.93 2.04
C VAL A 45 -4.64 2.16 1.93
N THR A 46 -5.92 1.97 2.26
CA THR A 46 -6.88 3.06 2.20
C THR A 46 -7.40 3.40 3.59
N ARG A 47 -7.52 2.40 4.44
CA ARG A 47 -8.01 2.60 5.81
C ARG A 47 -6.90 2.35 6.82
N MET A 48 -6.38 3.44 7.38
CA MET A 48 -5.31 3.35 8.37
C MET A 48 -5.86 3.52 9.79
N ASN A 49 -5.68 2.50 10.62
CA ASN A 49 -6.16 2.54 12.00
C ASN A 49 -5.08 3.11 12.93
N ILE A 50 -5.46 4.08 13.73
CA ILE A 50 -4.53 4.70 14.68
C ILE A 50 -3.83 3.65 15.54
N ASN A 51 -4.57 2.62 15.91
CA ASN A 51 -4.02 1.55 16.73
C ASN A 51 -2.65 1.12 16.22
N GLY A 52 -2.57 0.83 14.92
CA GLY A 52 -1.31 0.41 14.33
C GLY A 52 -1.50 -0.38 13.05
N GLN A 53 -2.30 -1.43 13.13
CA GLN A 53 -2.57 -2.27 11.96
C GLN A 53 -3.44 -1.55 10.95
N TRP A 54 -3.07 -1.64 9.67
CA TRP A 54 -3.83 -0.98 8.61
C TRP A 54 -4.46 -2.01 7.68
N GLU A 55 -5.41 -1.56 6.87
CA GLU A 55 -6.08 -2.45 5.93
C GLU A 55 -5.64 -2.17 4.49
N GLY A 56 -4.81 -3.06 3.95
CA GLY A 56 -4.33 -2.89 2.60
C GLY A 56 -4.52 -4.14 1.76
N GLU A 57 -4.70 -3.95 0.45
CA GLU A 57 -4.89 -5.07 -0.46
C GLU A 57 -3.66 -5.28 -1.34
N VAL A 58 -3.18 -6.51 -1.42
CA VAL A 58 -2.02 -6.84 -2.22
C VAL A 58 -2.19 -8.18 -2.92
N ASN A 59 -2.06 -8.18 -4.24
CA ASN A 59 -2.20 -9.39 -5.03
C ASN A 59 -3.50 -10.11 -4.70
N GLY A 60 -4.60 -9.37 -4.73
CA GLY A 60 -5.90 -9.95 -4.43
C GLY A 60 -5.96 -10.54 -3.03
N ARG A 61 -5.41 -9.82 -2.06
CA ARG A 61 -5.38 -10.28 -0.68
C ARG A 61 -5.29 -9.10 0.29
N LYS A 62 -6.40 -8.83 0.98
CA LYS A 62 -6.44 -7.73 1.93
C LYS A 62 -6.27 -8.24 3.36
N GLY A 63 -5.25 -7.74 4.05
CA GLY A 63 -5.00 -8.17 5.41
C GLY A 63 -4.26 -7.11 6.21
N LEU A 64 -4.18 -7.32 7.52
CA LEU A 64 -3.50 -6.37 8.40
C LEU A 64 -2.00 -6.62 8.43
N PHE A 65 -1.22 -5.57 8.20
CA PHE A 65 0.23 -5.67 8.20
C PHE A 65 0.86 -4.63 9.11
N PRO A 66 1.96 -5.00 9.78
CA PRO A 66 2.67 -4.12 10.70
C PRO A 66 3.40 -2.99 9.96
N PHE A 67 3.37 -1.79 10.55
CA PHE A 67 4.02 -0.63 9.96
C PHE A 67 5.54 -0.73 10.10
N THR A 68 5.98 -1.50 11.08
CA THR A 68 7.41 -1.67 11.32
C THR A 68 8.02 -2.65 10.33
N HIS A 69 7.24 -3.04 9.33
CA HIS A 69 7.71 -3.98 8.31
C HIS A 69 7.83 -3.28 6.96
N VAL A 70 7.02 -2.25 6.75
CA VAL A 70 7.03 -1.50 5.50
C VAL A 70 7.66 -0.12 5.69
N LYS A 71 8.14 0.47 4.60
CA LYS A 71 8.75 1.78 4.65
C LYS A 71 8.00 2.77 3.76
N ILE A 72 7.62 3.91 4.33
CA ILE A 72 6.90 4.94 3.58
C ILE A 72 7.83 5.69 2.64
N PHE A 73 7.49 5.68 1.35
CA PHE A 73 8.29 6.37 0.35
C PHE A 73 7.41 6.96 -0.74
N ASP A 74 8.04 7.61 -1.72
CA ASP A 74 7.32 8.22 -2.82
C ASP A 74 7.50 7.42 -4.11
N PRO A 75 6.70 6.37 -4.27
CA PRO A 75 6.76 5.49 -5.45
C PRO A 75 6.25 6.18 -6.71
N GLN A 76 5.75 7.41 -6.55
CA GLN A 76 5.23 8.17 -7.67
C GLN A 76 6.17 9.31 -8.03
N ASN A 77 7.45 8.99 -8.17
CA ASN A 77 8.46 9.98 -8.52
C ASN A 77 9.16 9.61 -9.82
N PRO A 78 9.35 10.62 -10.70
CA PRO A 78 10.01 10.43 -11.99
C PRO A 78 11.50 10.13 -11.84
N ASP A 79 12.03 10.34 -10.64
CA ASP A 79 13.44 10.09 -10.36
C ASP A 79 13.84 8.68 -10.77
N GLU A 80 15.09 8.52 -11.18
CA GLU A 80 15.60 7.21 -11.59
C GLU A 80 14.57 6.48 -12.46
N ASN A 81 14.01 7.20 -13.43
CA ASN A 81 13.03 6.62 -14.33
C ASN A 81 13.03 7.34 -15.69
N GLU A 82 13.42 6.61 -16.73
CA GLU A 82 13.47 7.17 -18.06
C GLU A 82 12.07 7.29 -18.67
N SER A 83 11.87 8.29 -19.50
CA SER A 83 10.57 8.52 -20.13
C SER A 83 10.67 8.32 -21.65
N GLY A 84 9.92 7.34 -22.16
CA GLY A 84 9.93 7.07 -23.58
C GLY A 84 8.89 6.03 -23.97
N PRO A 85 8.38 6.15 -25.22
CA PRO A 85 7.37 5.23 -25.75
C PRO A 85 7.93 3.84 -25.99
N SER A 86 7.27 2.83 -25.40
CA SER A 86 7.70 1.45 -25.56
C SER A 86 9.17 1.28 -25.15
N SER A 87 9.54 1.92 -24.04
CA SER A 87 10.91 1.84 -23.55
C SER A 87 10.94 1.83 -22.02
N GLY A 88 11.94 1.16 -21.47
CA GLY A 88 12.07 1.08 -20.02
C GLY A 88 12.93 -0.08 -19.57
N GLY A 1 2.74 2.49 -32.97
CA GLY A 1 1.82 1.38 -32.82
C GLY A 1 1.95 0.70 -31.47
N SER A 2 1.10 -0.29 -31.23
CA SER A 2 1.12 -1.01 -29.96
C SER A 2 1.42 -0.08 -28.81
N SER A 3 0.81 1.11 -28.83
CA SER A 3 1.02 2.11 -27.78
C SER A 3 -0.30 2.46 -27.11
N GLY A 4 -0.32 2.36 -25.79
CA GLY A 4 -1.53 2.69 -25.03
C GLY A 4 -1.96 4.13 -25.23
N SER A 5 -1.55 5.00 -24.31
CA SER A 5 -1.90 6.41 -24.39
C SER A 5 -0.83 7.21 -25.15
N SER A 6 -1.28 8.19 -25.93
CA SER A 6 -0.37 9.01 -26.70
C SER A 6 0.93 9.24 -25.96
N GLY A 7 0.84 9.86 -24.78
CA GLY A 7 2.01 10.14 -23.98
C GLY A 7 1.71 10.19 -22.49
N PRO A 8 2.59 10.85 -21.73
CA PRO A 8 2.44 10.99 -20.28
C PRO A 8 1.28 11.92 -19.91
N LEU A 9 0.97 11.99 -18.62
CA LEU A 9 -0.11 12.83 -18.14
C LEU A 9 0.19 13.35 -16.74
N PRO A 10 -0.31 14.56 -16.44
CA PRO A 10 -0.12 15.20 -15.12
C PRO A 10 -0.88 14.49 -14.01
N SER A 11 -0.18 14.12 -12.96
CA SER A 11 -0.80 13.43 -11.83
C SER A 11 -0.94 14.37 -10.63
N THR A 12 -1.56 13.87 -9.57
CA THR A 12 -1.77 14.67 -8.36
C THR A 12 -1.39 13.88 -7.12
N GLN A 13 -0.74 14.55 -6.17
CA GLN A 13 -0.32 13.91 -4.93
C GLN A 13 -1.45 13.91 -3.91
N ASN A 14 -2.65 13.58 -4.37
CA ASN A 14 -3.82 13.54 -3.49
C ASN A 14 -4.53 12.19 -3.58
N GLY A 15 -3.99 11.19 -2.88
CA GLY A 15 -4.59 9.88 -2.89
C GLY A 15 -4.18 9.04 -1.69
N PRO A 16 -4.31 7.71 -1.82
CA PRO A 16 -3.97 6.78 -0.75
C PRO A 16 -2.46 6.70 -0.50
N VAL A 17 -2.08 6.13 0.63
CA VAL A 17 -0.66 5.99 0.97
C VAL A 17 -0.09 4.67 0.46
N PHE A 18 1.06 4.74 -0.17
CA PHE A 18 1.72 3.55 -0.72
C PHE A 18 3.00 3.24 0.06
N ALA A 19 3.10 2.00 0.54
CA ALA A 19 4.28 1.58 1.29
C ALA A 19 4.88 0.30 0.68
N LYS A 20 6.20 0.31 0.52
CA LYS A 20 6.90 -0.84 -0.03
C LYS A 20 7.39 -1.77 1.07
N ALA A 21 7.26 -3.08 0.84
CA ALA A 21 7.70 -4.07 1.81
C ALA A 21 9.22 -4.22 1.80
N ILE A 22 9.83 -3.92 2.94
CA ILE A 22 11.29 -4.02 3.07
C ILE A 22 11.70 -5.41 3.56
N GLN A 23 10.79 -6.09 4.23
CA GLN A 23 11.05 -7.42 4.75
C GLN A 23 10.10 -8.44 4.16
N LYS A 24 10.24 -9.70 4.57
CA LYS A 24 9.39 -10.78 4.07
C LYS A 24 8.41 -11.22 5.15
N ARG A 25 7.13 -10.92 4.95
CA ARG A 25 6.10 -11.29 5.90
C ARG A 25 5.62 -12.73 5.65
N VAL A 26 5.51 -13.50 6.72
CA VAL A 26 5.07 -14.89 6.63
C VAL A 26 3.94 -15.18 7.60
N PRO A 27 2.70 -15.03 7.13
CA PRO A 27 1.51 -15.27 7.95
C PRO A 27 1.32 -16.75 8.28
N CYS A 28 0.74 -17.03 9.43
CA CYS A 28 0.50 -18.40 9.86
C CYS A 28 -0.77 -18.96 9.22
N ALA A 29 -0.89 -20.28 9.22
CA ALA A 29 -2.06 -20.93 8.63
C ALA A 29 -3.31 -20.65 9.45
N TYR A 30 -3.24 -20.89 10.75
CA TYR A 30 -4.36 -20.66 11.65
C TYR A 30 -4.79 -19.19 11.62
N ASP A 31 -3.80 -18.30 11.65
CA ASP A 31 -4.08 -16.87 11.63
C ASP A 31 -4.17 -16.35 10.20
N LYS A 32 -5.40 -16.24 9.69
CA LYS A 32 -5.64 -15.76 8.34
C LYS A 32 -5.95 -14.26 8.33
N THR A 33 -5.25 -13.52 9.19
CA THR A 33 -5.44 -12.08 9.28
C THR A 33 -4.18 -11.33 8.88
N ALA A 34 -3.02 -11.89 9.21
CA ALA A 34 -1.75 -11.27 8.87
C ALA A 34 -1.53 -11.25 7.37
N LEU A 35 -1.41 -10.06 6.80
CA LEU A 35 -1.20 -9.91 5.37
C LEU A 35 0.19 -10.37 4.97
N ALA A 36 0.28 -11.17 3.91
CA ALA A 36 1.56 -11.68 3.43
C ALA A 36 2.10 -10.81 2.30
N LEU A 37 3.39 -10.50 2.36
CA LEU A 37 4.03 -9.68 1.34
C LEU A 37 5.46 -10.14 1.09
N GLU A 38 5.88 -10.10 -0.17
CA GLU A 38 7.22 -10.52 -0.54
C GLU A 38 8.14 -9.32 -0.69
N VAL A 39 9.36 -9.43 -0.15
CA VAL A 39 10.34 -8.36 -0.22
C VAL A 39 10.24 -7.62 -1.55
N GLY A 40 9.72 -6.40 -1.51
CA GLY A 40 9.58 -5.60 -2.72
C GLY A 40 8.17 -5.63 -3.27
N ASP A 41 7.19 -5.60 -2.38
CA ASP A 41 5.79 -5.63 -2.80
C ASP A 41 5.06 -4.38 -2.33
N ILE A 42 4.42 -3.68 -3.27
CA ILE A 42 3.69 -2.46 -2.95
C ILE A 42 2.39 -2.78 -2.21
N VAL A 43 2.13 -2.04 -1.13
CA VAL A 43 0.93 -2.24 -0.34
C VAL A 43 0.09 -0.97 -0.29
N LYS A 44 -1.01 -0.96 -1.03
CA LYS A 44 -1.90 0.19 -1.06
C LYS A 44 -2.83 0.21 0.15
N VAL A 45 -2.60 1.15 1.06
CA VAL A 45 -3.41 1.26 2.26
C VAL A 45 -4.31 2.49 2.20
N THR A 46 -5.61 2.29 2.36
CA THR A 46 -6.58 3.38 2.33
C THR A 46 -7.49 3.35 3.55
N ARG A 47 -7.30 2.35 4.41
CA ARG A 47 -8.10 2.21 5.61
C ARG A 47 -7.21 1.97 6.83
N MET A 48 -6.53 3.01 7.27
CA MET A 48 -5.65 2.91 8.43
C MET A 48 -6.44 2.93 9.73
N ASN A 49 -6.20 1.95 10.59
CA ASN A 49 -6.90 1.86 11.85
C ASN A 49 -6.12 2.56 12.96
N ILE A 50 -6.81 2.90 14.05
CA ILE A 50 -6.18 3.58 15.17
C ILE A 50 -5.31 2.62 15.97
N ASN A 51 -5.85 1.44 16.25
CA ASN A 51 -5.11 0.44 17.02
C ASN A 51 -3.63 0.45 16.67
N GLY A 52 -3.34 0.26 15.38
CA GLY A 52 -1.95 0.26 14.94
C GLY A 52 -1.80 -0.29 13.54
N GLN A 53 -2.39 -1.46 13.29
CA GLN A 53 -2.31 -2.10 11.99
C GLN A 53 -3.27 -1.45 11.01
N TRP A 54 -2.81 -1.27 9.77
CA TRP A 54 -3.63 -0.66 8.73
C TRP A 54 -4.21 -1.72 7.79
N GLU A 55 -5.17 -1.32 6.96
CA GLU A 55 -5.80 -2.24 6.02
C GLU A 55 -5.37 -1.92 4.59
N GLY A 56 -4.68 -2.86 3.96
CA GLY A 56 -4.23 -2.66 2.59
C GLY A 56 -4.54 -3.85 1.70
N GLU A 57 -4.68 -3.59 0.40
CA GLU A 57 -4.98 -4.65 -0.55
C GLU A 57 -3.76 -4.96 -1.42
N VAL A 58 -3.34 -6.22 -1.40
CA VAL A 58 -2.19 -6.65 -2.18
C VAL A 58 -2.38 -8.07 -2.72
N ASN A 59 -1.88 -8.31 -3.92
CA ASN A 59 -1.99 -9.62 -4.54
C ASN A 59 -3.41 -10.16 -4.42
N GLY A 60 -4.39 -9.34 -4.81
CA GLY A 60 -5.78 -9.74 -4.74
C GLY A 60 -6.16 -10.27 -3.37
N ARG A 61 -5.56 -9.69 -2.32
CA ARG A 61 -5.84 -10.11 -0.95
C ARG A 61 -5.81 -8.92 -0.01
N LYS A 62 -6.48 -9.06 1.13
CA LYS A 62 -6.54 -7.99 2.12
C LYS A 62 -6.25 -8.54 3.52
N GLY A 63 -5.26 -7.96 4.19
CA GLY A 63 -4.92 -8.40 5.52
C GLY A 63 -4.26 -7.31 6.35
N LEU A 64 -4.14 -7.54 7.64
CA LEU A 64 -3.53 -6.56 8.54
C LEU A 64 -2.01 -6.73 8.57
N PHE A 65 -1.29 -5.63 8.32
CA PHE A 65 0.17 -5.66 8.31
C PHE A 65 0.73 -4.54 9.19
N PRO A 66 1.84 -4.84 9.88
CA PRO A 66 2.50 -3.87 10.76
C PRO A 66 3.16 -2.74 9.98
N PHE A 67 3.09 -1.53 10.53
CA PHE A 67 3.67 -0.36 9.90
C PHE A 67 5.19 -0.44 9.90
N THR A 68 5.73 -1.34 10.73
CA THR A 68 7.17 -1.52 10.83
C THR A 68 7.70 -2.40 9.71
N HIS A 69 6.80 -3.13 9.06
CA HIS A 69 7.18 -4.02 7.96
C HIS A 69 7.41 -3.22 6.68
N VAL A 70 6.46 -2.37 6.34
CA VAL A 70 6.56 -1.56 5.13
C VAL A 70 7.06 -0.15 5.45
N LYS A 71 8.11 0.26 4.77
CA LYS A 71 8.70 1.58 4.98
C LYS A 71 8.06 2.62 4.05
N ILE A 72 7.59 3.71 4.63
CA ILE A 72 6.95 4.77 3.85
C ILE A 72 7.99 5.50 2.99
N PHE A 73 7.84 5.37 1.67
CA PHE A 73 8.76 6.00 0.74
C PHE A 73 8.03 7.07 -0.09
N ASP A 74 8.75 7.68 -1.02
CA ASP A 74 8.18 8.71 -1.87
C ASP A 74 7.97 8.19 -3.29
N PRO A 75 6.84 7.50 -3.50
CA PRO A 75 6.48 6.92 -4.80
C PRO A 75 6.12 8.00 -5.83
N GLN A 76 6.23 9.26 -5.41
CA GLN A 76 5.91 10.38 -6.29
C GLN A 76 7.07 10.66 -7.25
N ASN A 77 7.63 9.60 -7.82
CA ASN A 77 8.75 9.74 -8.75
C ASN A 77 8.51 8.90 -10.00
N PRO A 78 8.82 9.49 -11.17
CA PRO A 78 8.65 8.82 -12.46
C PRO A 78 9.64 7.69 -12.66
N ASP A 79 10.64 7.62 -11.79
CA ASP A 79 11.65 6.58 -11.87
C ASP A 79 11.01 5.21 -12.11
N GLU A 80 9.99 4.90 -11.33
CA GLU A 80 9.29 3.63 -11.46
C GLU A 80 8.20 3.70 -12.52
N ASN A 81 8.59 3.46 -13.77
CA ASN A 81 7.65 3.51 -14.88
C ASN A 81 7.00 2.14 -15.10
N GLU A 82 5.81 1.96 -14.53
CA GLU A 82 5.09 0.70 -14.66
C GLU A 82 3.60 0.95 -14.88
N SER A 83 3.06 0.37 -15.95
CA SER A 83 1.65 0.53 -16.28
C SER A 83 0.85 -0.67 -15.82
N GLY A 84 -0.36 -0.43 -15.34
CA GLY A 84 -1.22 -1.51 -14.88
C GLY A 84 -2.69 -1.15 -14.93
N PRO A 85 -3.50 -1.86 -14.13
CA PRO A 85 -4.95 -1.63 -14.06
C PRO A 85 -5.29 -0.31 -13.40
N SER A 86 -5.71 0.68 -14.20
CA SER A 86 -6.07 1.99 -13.69
C SER A 86 -7.57 2.08 -13.44
N SER A 87 -7.96 3.00 -12.56
CA SER A 87 -9.37 3.19 -12.22
C SER A 87 -9.86 4.56 -12.68
N GLY A 88 -9.17 5.60 -12.23
CA GLY A 88 -9.55 6.95 -12.61
C GLY A 88 -8.41 7.94 -12.44
N GLY A 1 -26.49 12.35 -25.47
CA GLY A 1 -25.77 13.57 -25.77
C GLY A 1 -26.06 14.68 -24.78
N SER A 2 -25.55 14.53 -23.56
CA SER A 2 -25.77 15.52 -22.52
C SER A 2 -24.64 15.49 -21.48
N SER A 3 -23.79 16.52 -21.51
CA SER A 3 -22.67 16.60 -20.59
C SER A 3 -22.21 18.05 -20.42
N GLY A 4 -22.18 18.50 -19.17
CA GLY A 4 -21.76 19.87 -18.89
C GLY A 4 -21.88 20.22 -17.41
N SER A 5 -20.84 19.91 -16.65
CA SER A 5 -20.82 20.19 -15.22
C SER A 5 -19.68 21.12 -14.86
N SER A 6 -19.62 21.53 -13.59
CA SER A 6 -18.57 22.42 -13.11
C SER A 6 -17.45 21.63 -12.44
N GLY A 7 -16.42 22.35 -12.00
CA GLY A 7 -15.30 21.70 -11.34
C GLY A 7 -15.38 21.80 -9.84
N PRO A 8 -14.88 20.76 -9.15
CA PRO A 8 -14.89 20.71 -7.68
C PRO A 8 -13.91 21.70 -7.06
N LEU A 9 -13.92 21.79 -5.73
CA LEU A 9 -13.04 22.70 -5.02
C LEU A 9 -11.57 22.37 -5.30
N PRO A 10 -10.70 23.39 -5.22
CA PRO A 10 -9.27 23.23 -5.46
C PRO A 10 -8.58 22.43 -4.35
N SER A 11 -8.12 21.23 -4.68
CA SER A 11 -7.46 20.37 -3.71
C SER A 11 -5.94 20.38 -3.94
N THR A 12 -5.21 20.96 -2.98
CA THR A 12 -3.77 21.03 -3.07
C THR A 12 -3.17 19.68 -3.43
N GLN A 13 -3.71 18.62 -2.84
CA GLN A 13 -3.23 17.27 -3.10
C GLN A 13 -4.17 16.23 -2.52
N ASN A 14 -4.34 15.12 -3.24
CA ASN A 14 -5.22 14.05 -2.80
C ASN A 14 -4.83 12.73 -3.42
N GLY A 15 -4.76 11.68 -2.60
CA GLY A 15 -4.39 10.36 -3.09
C GLY A 15 -4.10 9.38 -1.98
N PRO A 16 -4.20 8.08 -2.29
CA PRO A 16 -3.95 7.01 -1.32
C PRO A 16 -2.48 6.91 -0.93
N VAL A 17 -2.20 6.21 0.16
CA VAL A 17 -0.83 6.03 0.63
C VAL A 17 -0.27 4.69 0.18
N PHE A 18 0.98 4.71 -0.28
CA PHE A 18 1.65 3.50 -0.74
C PHE A 18 2.86 3.18 0.13
N ALA A 19 2.92 1.94 0.61
CA ALA A 19 4.02 1.50 1.45
C ALA A 19 4.74 0.31 0.84
N LYS A 20 6.03 0.46 0.57
CA LYS A 20 6.83 -0.60 -0.01
C LYS A 20 7.22 -1.65 1.04
N ALA A 21 7.33 -2.89 0.62
CA ALA A 21 7.69 -3.98 1.53
C ALA A 21 9.20 -4.17 1.58
N ILE A 22 9.80 -3.78 2.70
CA ILE A 22 11.24 -3.90 2.88
C ILE A 22 11.61 -5.29 3.38
N GLN A 23 10.71 -5.90 4.16
CA GLN A 23 10.94 -7.22 4.70
C GLN A 23 9.82 -8.18 4.32
N LYS A 24 10.18 -9.42 4.04
CA LYS A 24 9.20 -10.44 3.66
C LYS A 24 8.28 -10.77 4.83
N ARG A 25 6.99 -10.89 4.54
CA ARG A 25 6.00 -11.20 5.57
C ARG A 25 5.48 -12.63 5.40
N VAL A 26 5.65 -13.43 6.45
CA VAL A 26 5.19 -14.82 6.41
C VAL A 26 4.21 -15.10 7.54
N PRO A 27 2.90 -14.95 7.23
CA PRO A 27 1.84 -15.19 8.21
C PRO A 27 1.68 -16.66 8.57
N CYS A 28 1.10 -16.93 9.73
CA CYS A 28 0.90 -18.30 10.19
C CYS A 28 -0.40 -18.87 9.63
N ALA A 29 -0.59 -20.18 9.79
CA ALA A 29 -1.79 -20.85 9.31
C ALA A 29 -3.03 -20.36 10.06
N TYR A 30 -2.99 -20.46 11.38
CA TYR A 30 -4.12 -20.04 12.21
C TYR A 30 -4.43 -18.56 11.98
N ASP A 31 -3.45 -17.83 11.47
CA ASP A 31 -3.62 -16.40 11.20
C ASP A 31 -4.11 -16.18 9.78
N LYS A 32 -5.24 -15.49 9.65
CA LYS A 32 -5.83 -15.21 8.34
C LYS A 32 -5.80 -13.71 8.04
N THR A 33 -5.87 -12.90 9.10
CA THR A 33 -5.86 -11.45 8.96
C THR A 33 -4.47 -10.95 8.57
N ALA A 34 -3.45 -11.73 8.91
CA ALA A 34 -2.08 -11.37 8.59
C ALA A 34 -1.84 -11.39 7.09
N LEU A 35 -1.67 -10.22 6.49
CA LEU A 35 -1.43 -10.10 5.06
C LEU A 35 -0.02 -10.54 4.70
N ALA A 36 0.10 -11.35 3.66
CA ALA A 36 1.40 -11.84 3.22
C ALA A 36 1.94 -11.00 2.06
N LEU A 37 3.23 -10.70 2.10
CA LEU A 37 3.87 -9.90 1.07
C LEU A 37 5.28 -10.39 0.79
N GLU A 38 5.85 -9.97 -0.34
CA GLU A 38 7.19 -10.38 -0.72
C GLU A 38 8.11 -9.16 -0.79
N VAL A 39 9.36 -9.35 -0.35
CA VAL A 39 10.35 -8.28 -0.36
C VAL A 39 10.23 -7.44 -1.64
N GLY A 40 9.71 -6.23 -1.50
CA GLY A 40 9.56 -5.35 -2.65
C GLY A 40 8.16 -5.39 -3.22
N ASP A 41 7.16 -5.50 -2.35
CA ASP A 41 5.77 -5.55 -2.78
C ASP A 41 5.02 -4.30 -2.30
N ILE A 42 4.49 -3.54 -3.26
CA ILE A 42 3.75 -2.33 -2.94
C ILE A 42 2.46 -2.65 -2.21
N VAL A 43 2.29 -2.08 -1.02
CA VAL A 43 1.09 -2.30 -0.23
C VAL A 43 0.19 -1.08 -0.23
N LYS A 44 -0.84 -1.10 -1.06
CA LYS A 44 -1.78 0.02 -1.16
C LYS A 44 -2.79 -0.02 -0.02
N VAL A 45 -2.65 0.90 0.92
CA VAL A 45 -3.56 0.98 2.06
C VAL A 45 -4.49 2.19 1.95
N THR A 46 -5.76 1.99 2.28
CA THR A 46 -6.74 3.05 2.22
C THR A 46 -7.15 3.50 3.62
N ARG A 47 -7.19 2.56 4.55
CA ARG A 47 -7.57 2.87 5.93
C ARG A 47 -6.43 2.54 6.89
N MET A 48 -6.08 3.51 7.74
CA MET A 48 -5.01 3.32 8.70
C MET A 48 -5.52 3.45 10.13
N ASN A 49 -5.74 2.31 10.78
CA ASN A 49 -6.24 2.30 12.15
C ASN A 49 -5.25 2.96 13.10
N ILE A 50 -5.76 3.55 14.18
CA ILE A 50 -4.92 4.22 15.16
C ILE A 50 -4.04 3.22 15.89
N ASN A 51 -4.60 2.07 16.23
CA ASN A 51 -3.86 1.04 16.95
C ASN A 51 -2.50 0.80 16.30
N GLY A 52 -2.51 0.56 14.98
CA GLY A 52 -1.26 0.33 14.28
C GLY A 52 -1.47 -0.48 13.00
N GLN A 53 -2.28 -1.53 13.09
CA GLN A 53 -2.55 -2.38 11.95
C GLN A 53 -3.46 -1.67 10.95
N TRP A 54 -3.03 -1.63 9.69
CA TRP A 54 -3.79 -0.97 8.63
C TRP A 54 -4.35 -2.00 7.65
N GLU A 55 -5.33 -1.58 6.86
CA GLU A 55 -5.94 -2.47 5.88
C GLU A 55 -5.47 -2.13 4.46
N GLY A 56 -4.77 -3.06 3.83
CA GLY A 56 -4.28 -2.84 2.49
C GLY A 56 -4.51 -4.03 1.57
N GLU A 57 -4.70 -3.76 0.29
CA GLU A 57 -4.93 -4.82 -0.68
C GLU A 57 -3.67 -5.08 -1.52
N VAL A 58 -3.27 -6.33 -1.58
CA VAL A 58 -2.09 -6.72 -2.35
C VAL A 58 -2.24 -8.11 -2.94
N ASN A 59 -1.96 -8.23 -4.24
CA ASN A 59 -2.06 -9.51 -4.93
C ASN A 59 -3.42 -10.16 -4.66
N GLY A 60 -4.45 -9.33 -4.57
CA GLY A 60 -5.79 -9.84 -4.32
C GLY A 60 -5.97 -10.32 -2.89
N ARG A 61 -5.13 -9.84 -1.99
CA ARG A 61 -5.20 -10.23 -0.59
C ARG A 61 -5.25 -9.00 0.32
N LYS A 62 -6.30 -8.91 1.12
CA LYS A 62 -6.47 -7.80 2.04
C LYS A 62 -6.35 -8.25 3.49
N GLY A 63 -5.30 -7.79 4.16
CA GLY A 63 -5.08 -8.16 5.55
C GLY A 63 -4.32 -7.10 6.32
N LEU A 64 -4.24 -7.27 7.64
CA LEU A 64 -3.53 -6.32 8.49
C LEU A 64 -2.04 -6.64 8.53
N PHE A 65 -1.21 -5.64 8.23
CA PHE A 65 0.23 -5.82 8.24
C PHE A 65 0.89 -4.82 9.18
N PRO A 66 1.98 -5.27 9.85
CA PRO A 66 2.73 -4.43 10.79
C PRO A 66 3.48 -3.31 10.10
N PHE A 67 3.20 -2.07 10.50
CA PHE A 67 3.86 -0.91 9.92
C PHE A 67 5.36 -0.96 10.14
N THR A 68 5.79 -1.90 10.98
CA THR A 68 7.21 -2.06 11.29
C THR A 68 7.91 -2.93 10.25
N HIS A 69 7.11 -3.59 9.42
CA HIS A 69 7.65 -4.47 8.37
C HIS A 69 7.75 -3.72 7.05
N VAL A 70 7.00 -2.63 6.92
CA VAL A 70 7.00 -1.83 5.70
C VAL A 70 7.49 -0.42 5.98
N LYS A 71 7.86 0.29 4.92
CA LYS A 71 8.34 1.66 5.04
C LYS A 71 7.55 2.60 4.14
N ILE A 72 7.11 3.73 4.71
CA ILE A 72 6.34 4.71 3.95
C ILE A 72 7.25 5.57 3.09
N PHE A 73 6.90 5.70 1.82
CA PHE A 73 7.69 6.50 0.88
C PHE A 73 6.78 7.26 -0.07
N ASP A 74 7.35 8.24 -0.77
CA ASP A 74 6.60 9.05 -1.72
C ASP A 74 6.82 8.57 -3.16
N PRO A 75 5.75 8.59 -3.95
CA PRO A 75 5.80 8.16 -5.36
C PRO A 75 6.60 9.12 -6.23
N GLN A 76 6.61 10.39 -5.84
CA GLN A 76 7.33 11.41 -6.59
C GLN A 76 7.26 11.15 -8.09
N ASN A 77 6.04 10.91 -8.57
CA ASN A 77 5.82 10.65 -10.00
C ASN A 77 5.85 11.94 -10.80
N PRO A 78 6.64 11.96 -11.88
CA PRO A 78 6.78 13.13 -12.76
C PRO A 78 5.51 13.38 -13.57
N ASP A 79 4.60 12.41 -13.56
CA ASP A 79 3.35 12.53 -14.30
C ASP A 79 2.26 11.68 -13.66
N GLU A 80 1.01 12.08 -13.85
CA GLU A 80 -0.12 11.36 -13.29
C GLU A 80 -0.83 10.55 -14.36
N ASN A 81 -0.42 9.30 -14.53
CA ASN A 81 -1.01 8.41 -15.53
C ASN A 81 -2.42 8.00 -15.11
N GLU A 82 -2.54 7.48 -13.90
CA GLU A 82 -3.83 7.04 -13.38
C GLU A 82 -4.07 7.58 -11.98
N SER A 83 -5.34 7.75 -11.62
CA SER A 83 -5.71 8.27 -10.30
C SER A 83 -6.25 7.16 -9.42
N GLY A 84 -6.51 7.50 -8.15
CA GLY A 84 -7.02 6.51 -7.22
C GLY A 84 -8.52 6.62 -7.04
N PRO A 85 -8.96 7.53 -6.14
CA PRO A 85 -10.37 7.73 -5.86
C PRO A 85 -11.11 8.41 -7.02
N SER A 86 -10.37 8.67 -8.09
CA SER A 86 -10.95 9.30 -9.27
C SER A 86 -10.97 8.34 -10.45
N SER A 87 -12.16 7.88 -10.82
CA SER A 87 -12.32 6.95 -11.93
C SER A 87 -12.57 7.70 -13.24
N GLY A 88 -12.53 6.96 -14.35
CA GLY A 88 -12.76 7.58 -15.65
C GLY A 88 -14.15 7.31 -16.19
N GLY A 1 -32.57 -14.56 -16.63
CA GLY A 1 -32.32 -13.43 -15.75
C GLY A 1 -31.62 -12.29 -16.45
N SER A 2 -31.33 -11.23 -15.71
CA SER A 2 -30.66 -10.05 -16.26
C SER A 2 -29.92 -9.29 -15.18
N SER A 3 -28.96 -8.46 -15.60
CA SER A 3 -28.17 -7.68 -14.67
C SER A 3 -27.58 -6.45 -15.35
N GLY A 4 -27.21 -5.45 -14.55
CA GLY A 4 -26.64 -4.23 -15.11
C GLY A 4 -25.74 -3.51 -14.12
N SER A 5 -25.47 -2.24 -14.39
CA SER A 5 -24.62 -1.44 -13.52
C SER A 5 -24.88 0.05 -13.71
N SER A 6 -24.29 0.87 -12.84
CA SER A 6 -24.47 2.32 -12.92
C SER A 6 -23.13 3.02 -13.10
N GLY A 7 -22.12 2.24 -13.47
CA GLY A 7 -20.79 2.80 -13.68
C GLY A 7 -20.10 3.14 -12.37
N PRO A 8 -18.76 3.09 -12.36
CA PRO A 8 -17.95 3.39 -11.18
C PRO A 8 -17.98 4.87 -10.81
N LEU A 9 -17.23 5.24 -9.78
CA LEU A 9 -17.17 6.63 -9.33
C LEU A 9 -15.84 6.93 -8.69
N PRO A 10 -15.35 8.17 -8.88
CA PRO A 10 -14.07 8.62 -8.33
C PRO A 10 -14.12 8.77 -6.81
N SER A 11 -12.95 8.79 -6.18
CA SER A 11 -12.87 8.93 -4.72
C SER A 11 -12.83 10.40 -4.33
N THR A 12 -13.18 10.68 -3.08
CA THR A 12 -13.18 12.04 -2.56
C THR A 12 -12.21 12.19 -1.40
N GLN A 13 -12.23 11.23 -0.48
CA GLN A 13 -11.36 11.26 0.69
C GLN A 13 -9.91 11.49 0.27
N ASN A 14 -9.03 11.64 1.25
CA ASN A 14 -7.61 11.87 0.98
C ASN A 14 -7.03 10.72 0.17
N GLY A 15 -6.10 11.06 -0.72
CA GLY A 15 -5.48 10.04 -1.56
C GLY A 15 -4.93 8.88 -0.75
N PRO A 16 -4.96 7.68 -1.35
CA PRO A 16 -4.48 6.47 -0.70
C PRO A 16 -2.96 6.46 -0.53
N VAL A 17 -2.50 6.03 0.64
CA VAL A 17 -1.08 5.97 0.93
C VAL A 17 -0.47 4.64 0.48
N PHE A 18 0.74 4.71 -0.06
CA PHE A 18 1.42 3.51 -0.54
C PHE A 18 2.65 3.23 0.31
N ALA A 19 2.85 1.96 0.67
CA ALA A 19 4.00 1.56 1.48
C ALA A 19 4.65 0.31 0.91
N LYS A 20 5.96 0.40 0.65
CA LYS A 20 6.71 -0.73 0.10
C LYS A 20 7.13 -1.68 1.20
N ALA A 21 6.92 -2.97 0.97
CA ALA A 21 7.28 -4.00 1.95
C ALA A 21 8.78 -4.28 1.92
N ILE A 22 9.46 -3.96 3.01
CA ILE A 22 10.90 -4.19 3.12
C ILE A 22 11.20 -5.54 3.74
N GLN A 23 10.26 -6.06 4.50
CA GLN A 23 10.42 -7.35 5.16
C GLN A 23 9.27 -8.28 4.82
N LYS A 24 9.60 -9.53 4.48
CA LYS A 24 8.59 -10.52 4.14
C LYS A 24 7.62 -10.75 5.30
N ARG A 25 6.34 -10.89 4.98
CA ARG A 25 5.31 -11.11 5.99
C ARG A 25 4.73 -12.52 5.88
N VAL A 26 4.78 -13.25 6.99
CA VAL A 26 4.24 -14.61 7.01
C VAL A 26 3.13 -14.74 8.05
N PRO A 27 1.88 -14.56 7.59
CA PRO A 27 0.70 -14.66 8.46
C PRO A 27 0.44 -16.09 8.92
N CYS A 28 -0.28 -16.22 10.03
CA CYS A 28 -0.60 -17.54 10.58
C CYS A 28 -1.81 -18.14 9.86
N ALA A 29 -2.09 -19.40 10.14
CA ALA A 29 -3.22 -20.09 9.53
C ALA A 29 -4.49 -19.91 10.35
N TYR A 30 -4.32 -19.76 11.65
CA TYR A 30 -5.45 -19.57 12.55
C TYR A 30 -5.89 -18.11 12.60
N ASP A 31 -5.03 -17.24 12.08
CA ASP A 31 -5.32 -15.80 12.07
C ASP A 31 -5.99 -15.41 10.75
N LYS A 32 -5.45 -15.89 9.64
CA LYS A 32 -6.01 -15.58 8.33
C LYS A 32 -6.47 -14.13 8.26
N THR A 33 -5.84 -13.28 9.06
CA THR A 33 -6.19 -11.86 9.09
C THR A 33 -5.03 -11.00 8.61
N ALA A 34 -3.82 -11.48 8.83
CA ALA A 34 -2.61 -10.76 8.41
C ALA A 34 -2.37 -10.92 6.92
N LEU A 35 -1.99 -9.84 6.26
CA LEU A 35 -1.72 -9.86 4.83
C LEU A 35 -0.31 -10.37 4.55
N ALA A 36 -0.17 -11.16 3.48
CA ALA A 36 1.11 -11.73 3.10
C ALA A 36 1.78 -10.89 2.02
N LEU A 37 3.04 -10.56 2.22
CA LEU A 37 3.79 -9.76 1.24
C LEU A 37 5.19 -10.32 1.04
N GLU A 38 5.84 -9.91 -0.05
CA GLU A 38 7.19 -10.37 -0.36
C GLU A 38 8.14 -9.19 -0.52
N VAL A 39 9.30 -9.28 0.12
CA VAL A 39 10.31 -8.22 0.04
C VAL A 39 10.33 -7.59 -1.34
N GLY A 40 9.82 -6.36 -1.44
CA GLY A 40 9.79 -5.67 -2.71
C GLY A 40 8.41 -5.64 -3.33
N ASP A 41 7.40 -5.40 -2.51
CA ASP A 41 6.02 -5.34 -2.98
C ASP A 41 5.34 -4.06 -2.53
N ILE A 42 4.54 -3.48 -3.41
CA ILE A 42 3.82 -2.24 -3.11
C ILE A 42 2.53 -2.53 -2.35
N VAL A 43 2.43 -2.00 -1.13
CA VAL A 43 1.24 -2.19 -0.31
C VAL A 43 0.35 -0.96 -0.36
N LYS A 44 -0.81 -1.11 -0.99
CA LYS A 44 -1.77 -0.01 -1.10
C LYS A 44 -2.78 -0.05 0.04
N VAL A 45 -2.68 0.90 0.95
CA VAL A 45 -3.58 0.97 2.10
C VAL A 45 -4.54 2.16 1.96
N THR A 46 -5.82 1.91 2.19
CA THR A 46 -6.84 2.94 2.10
C THR A 46 -7.25 3.44 3.48
N ARG A 47 -7.06 2.58 4.49
CA ARG A 47 -7.41 2.94 5.85
C ARG A 47 -6.25 2.68 6.80
N MET A 48 -5.85 3.70 7.55
CA MET A 48 -4.75 3.58 8.50
C MET A 48 -5.26 3.59 9.93
N ASN A 49 -4.89 2.56 10.70
CA ASN A 49 -5.32 2.46 12.09
C ASN A 49 -4.33 3.15 13.01
N ILE A 50 -4.75 3.41 14.24
CA ILE A 50 -3.90 4.07 15.23
C ILE A 50 -3.12 3.06 16.05
N ASN A 51 -3.61 1.82 16.07
CA ASN A 51 -2.96 0.75 16.83
C ASN A 51 -1.59 0.42 16.23
N GLY A 52 -1.56 0.24 14.91
CA GLY A 52 -0.31 -0.07 14.24
C GLY A 52 -0.52 -0.81 12.93
N GLN A 53 -1.42 -1.78 12.94
CA GLN A 53 -1.72 -2.55 11.73
C GLN A 53 -2.70 -1.81 10.83
N TRP A 54 -2.36 -1.72 9.55
CA TRP A 54 -3.21 -1.03 8.58
C TRP A 54 -3.94 -2.03 7.70
N GLU A 55 -4.85 -1.53 6.86
CA GLU A 55 -5.61 -2.38 5.96
C GLU A 55 -5.30 -2.05 4.50
N GLY A 56 -4.62 -2.98 3.84
CA GLY A 56 -4.27 -2.78 2.45
C GLY A 56 -4.56 -4.00 1.59
N GLU A 57 -4.54 -3.82 0.28
CA GLU A 57 -4.80 -4.91 -0.65
C GLU A 57 -3.61 -5.15 -1.57
N VAL A 58 -3.10 -6.38 -1.58
CA VAL A 58 -1.96 -6.73 -2.42
C VAL A 58 -2.10 -8.16 -2.95
N ASN A 59 -1.95 -8.30 -4.27
CA ASN A 59 -2.06 -9.61 -4.90
C ASN A 59 -3.43 -10.22 -4.66
N GLY A 60 -4.46 -9.38 -4.68
CA GLY A 60 -5.81 -9.86 -4.46
C GLY A 60 -6.04 -10.33 -3.04
N ARG A 61 -5.15 -9.93 -2.14
CA ARG A 61 -5.26 -10.33 -0.74
C ARG A 61 -5.40 -9.10 0.16
N LYS A 62 -6.36 -9.14 1.07
CA LYS A 62 -6.60 -8.04 2.00
C LYS A 62 -6.43 -8.50 3.44
N GLY A 63 -5.41 -7.97 4.12
CA GLY A 63 -5.16 -8.32 5.50
C GLY A 63 -4.46 -7.22 6.27
N LEU A 64 -4.39 -7.38 7.59
CA LEU A 64 -3.74 -6.39 8.44
C LEU A 64 -2.24 -6.64 8.51
N PHE A 65 -1.46 -5.64 8.12
CA PHE A 65 -0.01 -5.75 8.14
C PHE A 65 0.61 -4.67 9.02
N PRO A 66 1.69 -5.03 9.73
CA PRO A 66 2.40 -4.11 10.62
C PRO A 66 3.13 -3.01 9.86
N PHE A 67 3.42 -1.91 10.55
CA PHE A 67 4.12 -0.79 9.93
C PHE A 67 5.63 -0.95 10.06
N THR A 68 6.06 -1.58 11.15
CA THR A 68 7.48 -1.80 11.39
C THR A 68 8.08 -2.73 10.35
N HIS A 69 7.21 -3.31 9.52
CA HIS A 69 7.65 -4.23 8.47
C HIS A 69 7.75 -3.52 7.13
N VAL A 70 6.93 -2.47 6.96
CA VAL A 70 6.93 -1.70 5.72
C VAL A 70 7.52 -0.31 5.94
N LYS A 71 7.85 0.36 4.84
CA LYS A 71 8.42 1.70 4.91
C LYS A 71 7.65 2.66 4.00
N ILE A 72 7.22 3.78 4.56
CA ILE A 72 6.48 4.78 3.80
C ILE A 72 7.41 5.62 2.94
N PHE A 73 7.11 5.70 1.65
CA PHE A 73 7.92 6.48 0.72
C PHE A 73 7.05 7.25 -0.27
N ASP A 74 7.69 7.91 -1.22
CA ASP A 74 6.97 8.68 -2.23
C ASP A 74 7.01 7.98 -3.58
N PRO A 75 6.14 6.97 -3.76
CA PRO A 75 6.06 6.20 -5.00
C PRO A 75 5.50 7.02 -6.16
N GLN A 76 4.77 8.08 -5.83
CA GLN A 76 4.17 8.95 -6.84
C GLN A 76 5.21 9.38 -7.86
N ASN A 77 6.47 9.40 -7.44
CA ASN A 77 7.55 9.81 -8.33
C ASN A 77 8.11 8.61 -9.09
N PRO A 78 8.35 8.79 -10.40
CA PRO A 78 8.88 7.73 -11.26
C PRO A 78 10.33 7.41 -10.94
N ASP A 79 10.92 8.17 -10.04
CA ASP A 79 12.31 7.97 -9.64
C ASP A 79 12.41 7.58 -8.17
N GLU A 80 12.97 6.40 -7.91
CA GLU A 80 13.12 5.91 -6.55
C GLU A 80 14.59 5.86 -6.14
N ASN A 81 15.05 6.94 -5.49
CA ASN A 81 16.44 7.01 -5.05
C ASN A 81 16.75 5.94 -4.02
N GLU A 82 17.74 5.10 -4.32
CA GLU A 82 18.14 4.03 -3.42
C GLU A 82 19.65 3.97 -3.28
N SER A 83 20.11 3.59 -2.09
CA SER A 83 21.55 3.49 -1.81
C SER A 83 22.01 2.05 -1.88
N GLY A 84 23.11 1.81 -2.60
CA GLY A 84 23.64 0.46 -2.72
C GLY A 84 23.42 -0.37 -1.47
N PRO A 85 22.34 -1.17 -1.48
CA PRO A 85 21.99 -2.03 -0.34
C PRO A 85 22.97 -3.18 -0.17
N SER A 86 23.04 -3.72 1.04
CA SER A 86 23.94 -4.83 1.34
C SER A 86 23.17 -6.15 1.40
N SER A 87 22.24 -6.26 2.34
CA SER A 87 21.45 -7.47 2.49
C SER A 87 21.17 -8.11 1.13
N GLY A 88 20.53 -7.37 0.24
CA GLY A 88 20.21 -7.88 -1.07
C GLY A 88 21.42 -7.90 -1.99
N GLY A 1 1.65 -4.47 -26.39
CA GLY A 1 2.22 -3.14 -26.24
C GLY A 1 1.55 -2.35 -25.14
N SER A 2 2.34 -1.83 -24.21
CA SER A 2 1.81 -1.05 -23.09
C SER A 2 1.42 0.34 -23.56
N SER A 3 0.57 0.99 -22.76
CA SER A 3 0.10 2.33 -23.09
C SER A 3 -0.18 3.13 -21.82
N GLY A 4 0.29 4.39 -21.80
CA GLY A 4 0.08 5.24 -20.64
C GLY A 4 0.12 6.71 -20.99
N SER A 5 -1.01 7.39 -20.84
CA SER A 5 -1.10 8.82 -21.15
C SER A 5 -1.79 9.57 -20.01
N SER A 6 -1.48 10.86 -19.90
CA SER A 6 -2.07 11.70 -18.86
C SER A 6 -3.22 12.53 -19.42
N GLY A 7 -3.90 13.25 -18.54
CA GLY A 7 -5.02 14.08 -18.96
C GLY A 7 -4.89 15.51 -18.47
N PRO A 8 -5.53 15.80 -17.33
CA PRO A 8 -5.50 17.14 -16.72
C PRO A 8 -4.13 17.51 -16.18
N LEU A 9 -4.04 18.67 -15.54
CA LEU A 9 -2.78 19.13 -14.97
C LEU A 9 -2.35 18.23 -13.80
N PRO A 10 -1.03 18.02 -13.67
CA PRO A 10 -0.46 17.19 -12.61
C PRO A 10 -0.59 17.83 -11.23
N SER A 11 -1.67 17.50 -10.53
CA SER A 11 -1.92 18.05 -9.20
C SER A 11 -2.82 17.13 -8.39
N THR A 12 -2.31 16.67 -7.25
CA THR A 12 -3.07 15.78 -6.38
C THR A 12 -3.28 16.41 -5.01
N GLN A 13 -4.53 16.73 -4.69
CA GLN A 13 -4.87 17.33 -3.41
C GLN A 13 -4.72 16.32 -2.27
N ASN A 14 -5.26 15.12 -2.48
CA ASN A 14 -5.18 14.07 -1.47
C ASN A 14 -5.30 12.69 -2.11
N GLY A 15 -4.39 11.79 -1.75
CA GLY A 15 -4.39 10.46 -2.30
C GLY A 15 -4.08 9.39 -1.26
N PRO A 16 -4.12 8.12 -1.68
CA PRO A 16 -3.83 6.99 -0.80
C PRO A 16 -2.36 6.92 -0.39
N VAL A 17 -2.10 6.28 0.73
CA VAL A 17 -0.73 6.14 1.23
C VAL A 17 -0.12 4.82 0.77
N PHE A 18 1.00 4.91 0.06
CA PHE A 18 1.69 3.72 -0.45
C PHE A 18 2.89 3.38 0.43
N ALA A 19 3.23 2.10 0.47
CA ALA A 19 4.36 1.63 1.27
C ALA A 19 4.82 0.25 0.83
N LYS A 20 6.06 0.16 0.35
CA LYS A 20 6.62 -1.11 -0.10
C LYS A 20 7.18 -1.91 1.07
N ALA A 21 7.02 -3.22 1.02
CA ALA A 21 7.51 -4.10 2.07
C ALA A 21 9.02 -4.29 1.96
N ILE A 22 9.76 -3.74 2.92
CA ILE A 22 11.21 -3.85 2.92
C ILE A 22 11.65 -5.23 3.40
N GLN A 23 10.82 -5.85 4.24
CA GLN A 23 11.14 -7.17 4.77
C GLN A 23 10.12 -8.20 4.30
N LYS A 24 10.48 -9.48 4.41
CA LYS A 24 9.59 -10.56 4.00
C LYS A 24 8.45 -10.75 5.00
N ARG A 25 7.24 -10.94 4.49
CA ARG A 25 6.07 -11.14 5.33
C ARG A 25 5.62 -12.59 5.28
N VAL A 26 5.60 -13.24 6.45
CA VAL A 26 5.17 -14.64 6.53
C VAL A 26 4.12 -14.82 7.62
N PRO A 27 2.85 -14.74 7.24
CA PRO A 27 1.72 -14.90 8.16
C PRO A 27 1.58 -16.33 8.66
N CYS A 28 1.49 -16.49 9.98
CA CYS A 28 1.35 -17.81 10.59
C CYS A 28 0.13 -18.54 10.04
N ALA A 29 0.01 -19.82 10.37
CA ALA A 29 -1.11 -20.63 9.90
C ALA A 29 -2.42 -20.16 10.54
N TYR A 30 -2.45 -20.11 11.87
CA TYR A 30 -3.65 -19.68 12.58
C TYR A 30 -4.07 -18.28 12.17
N ASP A 31 -3.07 -17.45 11.84
CA ASP A 31 -3.33 -16.08 11.42
C ASP A 31 -4.07 -16.05 10.09
N LYS A 32 -5.35 -15.67 10.14
CA LYS A 32 -6.17 -15.60 8.93
C LYS A 32 -6.29 -14.15 8.45
N THR A 33 -5.90 -13.21 9.30
CA THR A 33 -5.97 -11.80 8.95
C THR A 33 -4.60 -11.25 8.60
N ALA A 34 -3.56 -12.05 8.83
CA ALA A 34 -2.20 -11.65 8.53
C ALA A 34 -1.94 -11.64 7.03
N LEU A 35 -1.68 -10.47 6.48
CA LEU A 35 -1.42 -10.32 5.06
C LEU A 35 -0.01 -10.79 4.70
N ALA A 36 0.10 -11.58 3.65
CA ALA A 36 1.40 -12.09 3.20
C ALA A 36 1.98 -11.23 2.09
N LEU A 37 3.26 -10.90 2.21
CA LEU A 37 3.94 -10.08 1.22
C LEU A 37 5.38 -10.54 1.03
N GLU A 38 6.01 -10.06 -0.04
CA GLU A 38 7.39 -10.42 -0.34
C GLU A 38 8.26 -9.18 -0.46
N VAL A 39 9.53 -9.31 -0.08
CA VAL A 39 10.47 -8.19 -0.13
C VAL A 39 10.40 -7.50 -1.49
N GLY A 40 9.81 -6.31 -1.52
CA GLY A 40 9.70 -5.55 -2.76
C GLY A 40 8.28 -5.55 -3.30
N ASP A 41 7.30 -5.52 -2.40
CA ASP A 41 5.91 -5.52 -2.80
C ASP A 41 5.21 -4.23 -2.33
N ILE A 42 4.38 -3.67 -3.20
CA ILE A 42 3.66 -2.44 -2.88
C ILE A 42 2.34 -2.75 -2.18
N VAL A 43 2.13 -2.14 -1.01
CA VAL A 43 0.91 -2.35 -0.25
C VAL A 43 0.05 -1.08 -0.23
N LYS A 44 -1.00 -1.08 -1.03
CA LYS A 44 -1.90 0.07 -1.10
C LYS A 44 -2.95 0.01 0.00
N VAL A 45 -2.82 0.89 0.98
CA VAL A 45 -3.75 0.95 2.10
C VAL A 45 -4.65 2.17 2.00
N THR A 46 -5.95 1.96 2.25
CA THR A 46 -6.92 3.04 2.18
C THR A 46 -7.39 3.44 3.58
N ARG A 47 -7.27 2.51 4.52
CA ARG A 47 -7.69 2.76 5.90
C ARG A 47 -6.55 2.47 6.86
N MET A 48 -6.14 3.48 7.62
CA MET A 48 -5.06 3.33 8.58
C MET A 48 -5.59 3.46 10.01
N ASN A 49 -5.74 2.31 10.68
CA ASN A 49 -6.23 2.30 12.05
C ASN A 49 -5.27 2.99 12.99
N ILE A 50 -5.78 3.50 14.10
CA ILE A 50 -4.97 4.20 15.09
C ILE A 50 -4.01 3.23 15.78
N ASN A 51 -4.53 2.07 16.17
CA ASN A 51 -3.72 1.06 16.84
C ASN A 51 -2.33 0.96 16.21
N GLY A 52 -2.31 0.73 14.90
CA GLY A 52 -1.04 0.61 14.19
C GLY A 52 -1.18 -0.14 12.88
N GLN A 53 -1.84 -1.29 12.93
CA GLN A 53 -2.03 -2.11 11.74
C GLN A 53 -3.05 -1.47 10.79
N TRP A 54 -2.66 -1.34 9.53
CA TRP A 54 -3.53 -0.75 8.52
C TRP A 54 -4.16 -1.82 7.64
N GLU A 55 -5.08 -1.41 6.77
CA GLU A 55 -5.75 -2.33 5.86
C GLU A 55 -5.41 -2.01 4.41
N GLY A 56 -4.69 -2.91 3.76
CA GLY A 56 -4.32 -2.70 2.37
C GLY A 56 -4.50 -3.96 1.54
N GLU A 57 -4.55 -3.78 0.21
CA GLU A 57 -4.72 -4.91 -0.70
C GLU A 57 -3.45 -5.13 -1.52
N VAL A 58 -3.12 -6.39 -1.74
CA VAL A 58 -1.93 -6.76 -2.51
C VAL A 58 -2.11 -8.10 -3.21
N ASN A 59 -1.75 -8.14 -4.49
CA ASN A 59 -1.88 -9.36 -5.28
C ASN A 59 -3.21 -10.05 -5.00
N GLY A 60 -4.27 -9.25 -4.90
CA GLY A 60 -5.60 -9.80 -4.65
C GLY A 60 -5.71 -10.39 -3.25
N ARG A 61 -5.18 -9.68 -2.27
CA ARG A 61 -5.23 -10.14 -0.89
C ARG A 61 -5.28 -8.95 0.08
N LYS A 62 -6.24 -8.98 0.99
CA LYS A 62 -6.40 -7.91 1.96
C LYS A 62 -6.20 -8.44 3.39
N GLY A 63 -5.20 -7.90 4.08
CA GLY A 63 -4.92 -8.33 5.43
C GLY A 63 -4.27 -7.25 6.27
N LEU A 64 -4.16 -7.48 7.57
CA LEU A 64 -3.55 -6.52 8.48
C LEU A 64 -2.03 -6.70 8.53
N PHE A 65 -1.29 -5.66 8.17
CA PHE A 65 0.16 -5.70 8.18
C PHE A 65 0.74 -4.57 9.03
N PRO A 66 1.85 -4.88 9.73
CA PRO A 66 2.52 -3.89 10.60
C PRO A 66 3.19 -2.78 9.80
N PHE A 67 3.49 -1.68 10.48
CA PHE A 67 4.12 -0.53 9.83
C PHE A 67 5.65 -0.68 9.86
N THR A 68 6.16 -1.28 10.93
CA THR A 68 7.59 -1.47 11.09
C THR A 68 8.17 -2.31 9.96
N HIS A 69 7.38 -3.29 9.50
CA HIS A 69 7.81 -4.16 8.42
C HIS A 69 7.87 -3.41 7.10
N VAL A 70 6.95 -2.47 6.91
CA VAL A 70 6.90 -1.67 5.69
C VAL A 70 7.52 -0.30 5.91
N LYS A 71 7.77 0.41 4.82
CA LYS A 71 8.36 1.75 4.89
C LYS A 71 7.66 2.71 3.93
N ILE A 72 7.19 3.83 4.47
CA ILE A 72 6.50 4.83 3.67
C ILE A 72 7.45 5.49 2.68
N PHE A 73 7.15 5.36 1.39
CA PHE A 73 7.97 5.95 0.34
C PHE A 73 7.12 6.75 -0.64
N ASP A 74 7.60 7.94 -0.99
CA ASP A 74 6.89 8.81 -1.91
C ASP A 74 6.81 8.18 -3.31
N PRO A 75 5.61 8.20 -3.90
CA PRO A 75 5.38 7.63 -5.23
C PRO A 75 6.05 8.45 -6.34
N GLN A 76 6.00 9.77 -6.20
CA GLN A 76 6.60 10.65 -7.19
C GLN A 76 6.47 10.08 -8.59
N ASN A 77 5.33 9.48 -8.88
CA ASN A 77 5.08 8.88 -10.18
C ASN A 77 4.21 9.79 -11.05
N PRO A 78 4.60 9.97 -12.31
CA PRO A 78 3.87 10.81 -13.27
C PRO A 78 2.53 10.21 -13.66
N ASP A 79 2.29 8.97 -13.24
CA ASP A 79 1.04 8.28 -13.55
C ASP A 79 -0.03 8.61 -12.52
N GLU A 80 -1.24 8.87 -13.00
CA GLU A 80 -2.36 9.20 -12.11
C GLU A 80 -3.66 8.61 -12.65
N ASN A 81 -4.15 7.57 -11.97
CA ASN A 81 -5.39 6.90 -12.38
C ASN A 81 -6.14 6.38 -11.15
N GLU A 82 -7.46 6.30 -11.27
CA GLU A 82 -8.29 5.81 -10.18
C GLU A 82 -8.14 6.69 -8.95
N SER A 83 -8.28 8.00 -9.13
CA SER A 83 -8.15 8.95 -8.02
C SER A 83 -9.47 9.68 -7.78
N GLY A 84 -10.19 9.96 -8.86
CA GLY A 84 -11.47 10.65 -8.73
C GLY A 84 -11.30 12.14 -8.64
N PRO A 85 -12.36 12.89 -8.98
CA PRO A 85 -12.35 14.35 -8.94
C PRO A 85 -12.31 14.90 -7.51
N SER A 86 -11.49 15.92 -7.30
CA SER A 86 -11.36 16.53 -5.98
C SER A 86 -12.15 17.83 -5.90
N SER A 87 -13.33 17.77 -5.30
CA SER A 87 -14.18 18.94 -5.15
C SER A 87 -15.36 18.65 -4.22
N GLY A 88 -15.90 19.70 -3.63
CA GLY A 88 -17.02 19.55 -2.72
C GLY A 88 -16.74 18.53 -1.62
N GLY A 1 -18.93 -9.88 -25.71
CA GLY A 1 -19.18 -9.57 -24.32
C GLY A 1 -20.51 -8.84 -24.12
N SER A 2 -21.41 -9.48 -23.39
CA SER A 2 -22.72 -8.90 -23.12
C SER A 2 -22.60 -7.48 -22.58
N SER A 3 -21.50 -7.23 -21.86
CA SER A 3 -21.26 -5.91 -21.30
C SER A 3 -19.76 -5.61 -21.24
N GLY A 4 -19.43 -4.37 -20.89
CA GLY A 4 -18.04 -3.98 -20.82
C GLY A 4 -17.73 -3.15 -19.59
N SER A 5 -17.34 -1.89 -19.80
CA SER A 5 -17.02 -1.00 -18.68
C SER A 5 -17.22 0.45 -19.09
N SER A 6 -16.98 1.36 -18.14
CA SER A 6 -17.13 2.79 -18.40
C SER A 6 -15.79 3.51 -18.32
N GLY A 7 -15.66 4.60 -19.07
CA GLY A 7 -14.42 5.35 -19.07
C GLY A 7 -14.58 6.71 -18.42
N PRO A 8 -14.48 6.75 -17.07
CA PRO A 8 -14.61 7.98 -16.31
C PRO A 8 -13.42 8.92 -16.51
N LEU A 9 -13.34 9.95 -15.67
CA LEU A 9 -12.25 10.92 -15.76
C LEU A 9 -11.61 11.15 -14.39
N PRO A 10 -10.34 11.57 -14.40
CA PRO A 10 -9.59 11.84 -13.17
C PRO A 10 -10.10 13.07 -12.44
N SER A 11 -10.49 12.89 -11.18
CA SER A 11 -11.00 13.99 -10.36
C SER A 11 -9.94 14.48 -9.37
N THR A 12 -9.73 15.79 -9.35
CA THR A 12 -8.75 16.38 -8.44
C THR A 12 -9.02 15.98 -6.99
N GLN A 13 -8.23 15.02 -6.50
CA GLN A 13 -8.37 14.54 -5.14
C GLN A 13 -7.13 13.79 -4.68
N ASN A 14 -6.94 13.70 -3.37
CA ASN A 14 -5.79 13.01 -2.80
C ASN A 14 -5.85 11.52 -3.11
N GLY A 15 -4.67 10.90 -3.20
CA GLY A 15 -4.61 9.48 -3.49
C GLY A 15 -4.23 8.66 -2.27
N PRO A 16 -4.32 7.33 -2.41
CA PRO A 16 -3.99 6.40 -1.32
C PRO A 16 -2.50 6.36 -1.03
N VAL A 17 -2.14 5.97 0.19
CA VAL A 17 -0.74 5.88 0.59
C VAL A 17 -0.09 4.60 0.08
N PHE A 18 1.14 4.72 -0.42
CA PHE A 18 1.86 3.56 -0.95
C PHE A 18 3.08 3.25 -0.08
N ALA A 19 3.19 1.99 0.34
CA ALA A 19 4.30 1.56 1.16
C ALA A 19 4.83 0.21 0.72
N LYS A 20 6.09 0.17 0.30
CA LYS A 20 6.71 -1.07 -0.16
C LYS A 20 7.26 -1.86 1.02
N ALA A 21 7.11 -3.18 0.97
CA ALA A 21 7.60 -4.05 2.03
C ALA A 21 9.11 -4.18 1.97
N ILE A 22 9.80 -3.53 2.91
CA ILE A 22 11.26 -3.57 2.97
C ILE A 22 11.75 -4.95 3.41
N GLN A 23 10.92 -5.65 4.18
CA GLN A 23 11.27 -6.98 4.67
C GLN A 23 10.23 -8.00 4.24
N LYS A 24 10.68 -9.24 4.02
CA LYS A 24 9.78 -10.31 3.60
C LYS A 24 8.83 -10.69 4.73
N ARG A 25 7.53 -10.71 4.42
CA ARG A 25 6.52 -11.06 5.41
C ARG A 25 5.87 -12.41 5.08
N VAL A 26 6.02 -13.36 5.99
CA VAL A 26 5.45 -14.70 5.80
C VAL A 26 4.50 -15.06 6.94
N PRO A 27 3.21 -14.77 6.75
CA PRO A 27 2.18 -15.07 7.75
C PRO A 27 1.93 -16.57 7.91
N CYS A 28 1.30 -16.94 9.01
CA CYS A 28 1.00 -18.34 9.29
C CYS A 28 -0.18 -18.81 8.45
N ALA A 29 -0.08 -20.04 7.94
CA ALA A 29 -1.14 -20.61 7.11
C ALA A 29 -2.44 -20.72 7.90
N TYR A 30 -2.33 -20.81 9.21
CA TYR A 30 -3.50 -20.91 10.08
C TYR A 30 -4.23 -19.57 10.17
N ASP A 31 -3.53 -18.50 9.82
CA ASP A 31 -4.11 -17.16 9.86
C ASP A 31 -4.64 -16.76 8.49
N LYS A 32 -5.63 -15.88 8.48
CA LYS A 32 -6.23 -15.41 7.23
C LYS A 32 -6.13 -13.89 7.12
N THR A 33 -6.35 -13.20 8.23
CA THR A 33 -6.29 -11.74 8.26
C THR A 33 -4.87 -11.25 8.00
N ALA A 34 -3.88 -12.07 8.38
CA ALA A 34 -2.48 -11.72 8.18
C ALA A 34 -2.15 -11.59 6.70
N LEU A 35 -1.83 -10.37 6.28
CA LEU A 35 -1.50 -10.11 4.88
C LEU A 35 -0.08 -10.58 4.57
N ALA A 36 0.06 -11.30 3.46
CA ALA A 36 1.35 -11.82 3.04
C ALA A 36 2.01 -10.89 2.02
N LEU A 37 3.29 -10.61 2.22
CA LEU A 37 4.04 -9.74 1.32
C LEU A 37 5.47 -10.23 1.13
N GLU A 38 6.13 -9.73 0.09
CA GLU A 38 7.51 -10.12 -0.19
C GLU A 38 8.37 -8.89 -0.49
N VAL A 39 9.63 -8.96 -0.09
CA VAL A 39 10.56 -7.86 -0.32
C VAL A 39 10.34 -7.23 -1.69
N GLY A 40 9.88 -5.98 -1.69
CA GLY A 40 9.64 -5.28 -2.94
C GLY A 40 8.20 -5.38 -3.39
N ASP A 41 7.27 -5.22 -2.44
CA ASP A 41 5.85 -5.30 -2.74
C ASP A 41 5.12 -4.07 -2.23
N ILE A 42 4.49 -3.33 -3.14
CA ILE A 42 3.76 -2.12 -2.78
C ILE A 42 2.44 -2.46 -2.09
N VAL A 43 2.25 -1.91 -0.90
CA VAL A 43 1.03 -2.15 -0.14
C VAL A 43 0.15 -0.92 -0.11
N LYS A 44 -0.90 -0.91 -0.93
CA LYS A 44 -1.83 0.21 -0.99
C LYS A 44 -2.82 0.16 0.17
N VAL A 45 -2.66 1.08 1.12
CA VAL A 45 -3.54 1.14 2.28
C VAL A 45 -4.48 2.34 2.19
N THR A 46 -5.78 2.08 2.32
CA THR A 46 -6.78 3.14 2.24
C THR A 46 -7.27 3.52 3.63
N ARG A 47 -7.16 2.59 4.57
CA ARG A 47 -7.60 2.82 5.95
C ARG A 47 -6.50 2.46 6.93
N MET A 48 -6.13 3.43 7.78
CA MET A 48 -5.08 3.21 8.77
C MET A 48 -5.65 3.32 10.19
N ASN A 49 -5.89 2.18 10.81
CA ASN A 49 -6.45 2.14 12.16
C ASN A 49 -5.43 2.70 13.17
N ILE A 50 -5.90 3.59 14.03
CA ILE A 50 -5.03 4.19 15.04
C ILE A 50 -4.27 3.12 15.81
N ASN A 51 -4.96 2.07 16.21
CA ASN A 51 -4.35 0.97 16.94
C ASN A 51 -2.96 0.65 16.39
N GLY A 52 -2.88 0.46 15.08
CA GLY A 52 -1.61 0.15 14.46
C GLY A 52 -1.78 -0.65 13.18
N GLN A 53 -2.59 -1.71 13.25
CA GLN A 53 -2.82 -2.56 12.10
C GLN A 53 -3.68 -1.85 11.06
N TRP A 54 -3.15 -1.71 9.85
CA TRP A 54 -3.87 -1.05 8.77
C TRP A 54 -4.46 -2.07 7.80
N GLU A 55 -5.26 -1.59 6.86
CA GLU A 55 -5.89 -2.46 5.87
C GLU A 55 -5.42 -2.11 4.45
N GLY A 56 -4.75 -3.06 3.82
CA GLY A 56 -4.26 -2.83 2.46
C GLY A 56 -4.50 -4.01 1.55
N GLU A 57 -4.54 -3.75 0.25
CA GLU A 57 -4.76 -4.81 -0.73
C GLU A 57 -3.52 -5.05 -1.57
N VAL A 58 -3.05 -6.30 -1.59
CA VAL A 58 -1.86 -6.66 -2.35
C VAL A 58 -2.04 -8.00 -3.04
N ASN A 59 -1.82 -8.03 -4.35
CA ASN A 59 -1.96 -9.26 -5.12
C ASN A 59 -3.31 -9.91 -4.87
N GLY A 60 -4.36 -9.09 -4.84
CA GLY A 60 -5.70 -9.61 -4.60
C GLY A 60 -5.86 -10.21 -3.22
N ARG A 61 -5.21 -9.59 -2.23
CA ARG A 61 -5.28 -10.07 -0.86
C ARG A 61 -5.31 -8.90 0.12
N LYS A 62 -6.30 -8.90 1.01
CA LYS A 62 -6.45 -7.84 1.99
C LYS A 62 -6.27 -8.38 3.41
N GLY A 63 -5.26 -7.86 4.11
CA GLY A 63 -5.00 -8.30 5.47
C GLY A 63 -4.33 -7.25 6.31
N LEU A 64 -4.24 -7.49 7.61
CA LEU A 64 -3.61 -6.55 8.53
C LEU A 64 -2.10 -6.75 8.57
N PHE A 65 -1.35 -5.70 8.25
CA PHE A 65 0.11 -5.77 8.24
C PHE A 65 0.70 -4.68 9.14
N PRO A 66 1.80 -5.01 9.82
CA PRO A 66 2.49 -4.07 10.72
C PRO A 66 3.18 -2.94 9.96
N PHE A 67 3.41 -1.83 10.65
CA PHE A 67 4.06 -0.68 10.05
C PHE A 67 5.57 -0.77 10.19
N THR A 68 6.02 -1.65 11.07
CA THR A 68 7.46 -1.84 11.30
C THR A 68 8.08 -2.72 10.24
N HIS A 69 7.24 -3.35 9.42
CA HIS A 69 7.71 -4.22 8.35
C HIS A 69 7.83 -3.46 7.04
N VAL A 70 6.92 -2.53 6.80
CA VAL A 70 6.93 -1.72 5.59
C VAL A 70 7.48 -0.32 5.86
N LYS A 71 7.74 0.42 4.79
CA LYS A 71 8.26 1.77 4.90
C LYS A 71 7.54 2.72 3.96
N ILE A 72 7.05 3.83 4.51
CA ILE A 72 6.33 4.82 3.72
C ILE A 72 7.27 5.57 2.79
N PHE A 73 7.12 5.35 1.49
CA PHE A 73 7.96 6.00 0.49
C PHE A 73 7.12 6.84 -0.46
N ASP A 74 7.62 8.03 -0.80
CA ASP A 74 6.92 8.93 -1.70
C ASP A 74 7.09 8.49 -3.15
N PRO A 75 6.01 8.62 -3.94
CA PRO A 75 6.02 8.25 -5.36
C PRO A 75 6.87 9.18 -6.21
N GLN A 76 7.31 10.28 -5.60
CA GLN A 76 8.13 11.26 -6.30
C GLN A 76 9.62 10.97 -6.09
N ASN A 77 10.02 9.74 -6.39
CA ASN A 77 11.41 9.33 -6.24
C ASN A 77 12.33 10.17 -7.12
N PRO A 78 13.33 10.81 -6.50
CA PRO A 78 14.30 11.64 -7.22
C PRO A 78 15.23 10.83 -8.11
N ASP A 79 15.20 9.51 -7.94
CA ASP A 79 16.04 8.62 -8.74
C ASP A 79 16.02 9.03 -10.21
N GLU A 80 17.19 9.04 -10.83
CA GLU A 80 17.32 9.41 -12.23
C GLU A 80 16.70 8.34 -13.13
N ASN A 81 16.99 7.08 -12.83
CA ASN A 81 16.48 5.96 -13.61
C ASN A 81 14.96 6.06 -13.75
N GLU A 82 14.50 6.43 -14.94
CA GLU A 82 13.07 6.55 -15.21
C GLU A 82 12.57 5.42 -16.09
N SER A 83 11.31 5.06 -15.92
CA SER A 83 10.71 3.98 -16.71
C SER A 83 10.39 4.45 -18.12
N GLY A 84 9.58 5.50 -18.22
CA GLY A 84 9.21 6.03 -19.53
C GLY A 84 10.10 7.17 -19.96
N PRO A 85 9.85 7.69 -21.16
CA PRO A 85 10.63 8.81 -21.72
C PRO A 85 10.38 10.12 -20.99
N SER A 86 11.34 11.02 -21.05
CA SER A 86 11.23 12.31 -20.39
C SER A 86 11.79 13.43 -21.27
N SER A 87 11.10 14.57 -21.28
CA SER A 87 11.52 15.71 -22.08
C SER A 87 12.66 16.47 -21.40
N GLY A 88 13.64 16.88 -22.18
CA GLY A 88 14.77 17.62 -21.64
C GLY A 88 15.95 17.64 -22.57
N GLY A 1 -33.99 -11.09 -15.35
CA GLY A 1 -32.99 -10.38 -14.57
C GLY A 1 -32.40 -9.21 -15.33
N SER A 2 -31.34 -8.63 -14.77
CA SER A 2 -30.67 -7.49 -15.40
C SER A 2 -29.23 -7.83 -15.75
N SER A 3 -28.68 -7.09 -16.70
CA SER A 3 -27.30 -7.32 -17.14
C SER A 3 -26.32 -6.61 -16.20
N GLY A 4 -26.51 -5.31 -16.02
CA GLY A 4 -25.63 -4.56 -15.14
C GLY A 4 -25.51 -3.10 -15.56
N SER A 5 -24.79 -2.32 -14.77
CA SER A 5 -24.61 -0.90 -15.06
C SER A 5 -23.25 -0.41 -14.56
N SER A 6 -22.78 0.70 -15.11
CA SER A 6 -21.50 1.27 -14.73
C SER A 6 -21.69 2.55 -13.94
N GLY A 7 -20.69 2.89 -13.12
CA GLY A 7 -20.78 4.10 -12.32
C GLY A 7 -19.41 4.70 -12.03
N PRO A 8 -19.39 5.80 -11.26
CA PRO A 8 -18.15 6.48 -10.90
C PRO A 8 -17.30 5.67 -9.92
N LEU A 9 -16.04 6.05 -9.77
CA LEU A 9 -15.13 5.36 -8.87
C LEU A 9 -15.14 6.01 -7.49
N PRO A 10 -15.01 5.17 -6.44
CA PRO A 10 -15.00 5.64 -5.05
C PRO A 10 -13.74 6.42 -4.72
N SER A 11 -12.82 6.50 -5.67
CA SER A 11 -11.56 7.22 -5.47
C SER A 11 -11.80 8.52 -4.72
N THR A 12 -11.44 8.53 -3.44
CA THR A 12 -11.61 9.71 -2.61
C THR A 12 -10.78 10.88 -3.13
N GLN A 13 -11.07 12.07 -2.62
CA GLN A 13 -10.35 13.27 -3.04
C GLN A 13 -8.85 13.12 -2.79
N ASN A 14 -8.47 13.08 -1.52
CA ASN A 14 -7.06 12.94 -1.15
C ASN A 14 -6.42 11.76 -1.87
N GLY A 15 -5.16 11.50 -1.56
CA GLY A 15 -4.45 10.40 -2.19
C GLY A 15 -4.07 9.32 -1.20
N PRO A 16 -4.08 8.05 -1.65
CA PRO A 16 -3.74 6.90 -0.82
C PRO A 16 -2.26 6.87 -0.47
N VAL A 17 -1.92 6.17 0.61
CA VAL A 17 -0.53 6.05 1.06
C VAL A 17 0.10 4.78 0.52
N PHE A 18 1.24 4.93 -0.16
CA PHE A 18 1.95 3.79 -0.72
C PHE A 18 3.19 3.46 0.10
N ALA A 19 3.40 2.18 0.38
CA ALA A 19 4.55 1.74 1.16
C ALA A 19 5.16 0.49 0.56
N LYS A 20 6.48 0.50 0.37
CA LYS A 20 7.18 -0.64 -0.19
C LYS A 20 7.60 -1.63 0.91
N ALA A 21 7.24 -2.89 0.72
CA ALA A 21 7.58 -3.92 1.69
C ALA A 21 9.07 -4.23 1.67
N ILE A 22 9.73 -3.96 2.79
CA ILE A 22 11.16 -4.20 2.91
C ILE A 22 11.45 -5.60 3.42
N GLN A 23 10.49 -6.15 4.18
CA GLN A 23 10.63 -7.50 4.73
C GLN A 23 9.56 -8.43 4.16
N LYS A 24 9.77 -9.73 4.35
CA LYS A 24 8.82 -10.74 3.86
C LYS A 24 7.85 -11.13 4.96
N ARG A 25 6.57 -10.81 4.76
CA ARG A 25 5.54 -11.14 5.74
C ARG A 25 4.70 -12.32 5.26
N VAL A 26 4.64 -13.36 6.08
CA VAL A 26 3.87 -14.55 5.74
C VAL A 26 2.83 -14.86 6.81
N PRO A 27 1.57 -15.03 6.38
CA PRO A 27 0.46 -15.33 7.29
C PRO A 27 0.55 -16.73 7.88
N CYS A 28 -0.15 -16.95 8.99
CA CYS A 28 -0.14 -18.25 9.66
C CYS A 28 -1.27 -19.13 9.13
N ALA A 29 -1.23 -20.40 9.48
CA ALA A 29 -2.25 -21.35 9.05
C ALA A 29 -3.62 -20.97 9.59
N TYR A 30 -3.65 -20.53 10.85
CA TYR A 30 -4.90 -20.14 11.49
C TYR A 30 -5.00 -18.62 11.60
N ASP A 31 -4.59 -17.93 10.53
CA ASP A 31 -4.64 -16.47 10.51
C ASP A 31 -5.22 -15.97 9.19
N LYS A 32 -6.55 -15.95 9.09
CA LYS A 32 -7.23 -15.49 7.89
C LYS A 32 -7.34 -13.98 7.86
N THR A 33 -6.49 -13.31 8.65
CA THR A 33 -6.50 -11.86 8.73
C THR A 33 -5.12 -11.29 8.41
N ALA A 34 -4.10 -12.15 8.48
CA ALA A 34 -2.73 -11.72 8.19
C ALA A 34 -2.48 -11.66 6.69
N LEU A 35 -2.07 -10.49 6.21
CA LEU A 35 -1.79 -10.30 4.79
C LEU A 35 -0.38 -10.77 4.45
N ALA A 36 -0.27 -11.49 3.34
CA ALA A 36 1.02 -12.00 2.89
C ALA A 36 1.66 -11.06 1.86
N LEU A 37 2.94 -10.77 2.05
CA LEU A 37 3.67 -9.89 1.14
C LEU A 37 5.07 -10.41 0.88
N GLU A 38 5.72 -9.87 -0.15
CA GLU A 38 7.08 -10.29 -0.50
C GLU A 38 7.98 -9.07 -0.71
N VAL A 39 9.20 -9.16 -0.20
CA VAL A 39 10.16 -8.07 -0.33
C VAL A 39 10.11 -7.46 -1.73
N GLY A 40 9.59 -6.24 -1.81
CA GLY A 40 9.50 -5.56 -3.10
C GLY A 40 8.08 -5.47 -3.60
N ASP A 41 7.12 -5.41 -2.68
CA ASP A 41 5.71 -5.32 -3.05
C ASP A 41 5.09 -4.04 -2.52
N ILE A 42 4.26 -3.41 -3.32
CA ILE A 42 3.59 -2.17 -2.93
C ILE A 42 2.26 -2.45 -2.24
N VAL A 43 2.20 -2.13 -0.95
CA VAL A 43 0.99 -2.34 -0.17
C VAL A 43 0.12 -1.09 -0.15
N LYS A 44 -0.93 -1.09 -0.95
CA LYS A 44 -1.85 0.04 -1.03
C LYS A 44 -2.89 -0.02 0.09
N VAL A 45 -2.75 0.87 1.07
CA VAL A 45 -3.67 0.93 2.19
C VAL A 45 -4.56 2.16 2.12
N THR A 46 -5.86 1.95 2.24
CA THR A 46 -6.83 3.05 2.18
C THR A 46 -7.48 3.28 3.54
N ARG A 47 -7.42 2.27 4.39
CA ARG A 47 -8.00 2.37 5.73
C ARG A 47 -6.93 2.17 6.81
N MET A 48 -6.55 3.26 7.45
CA MET A 48 -5.55 3.21 8.51
C MET A 48 -6.18 3.34 9.88
N ASN A 49 -6.04 2.31 10.70
CA ASN A 49 -6.61 2.32 12.05
C ASN A 49 -5.69 3.05 13.02
N ILE A 50 -6.28 3.83 13.91
CA ILE A 50 -5.51 4.59 14.90
C ILE A 50 -4.58 3.67 15.68
N ASN A 51 -5.13 2.55 16.16
CA ASN A 51 -4.35 1.60 16.93
C ASN A 51 -2.93 1.48 16.39
N GLY A 52 -2.81 1.20 15.11
CA GLY A 52 -1.51 1.08 14.48
C GLY A 52 -1.55 0.27 13.20
N GLN A 53 -2.18 -0.89 13.25
CA GLN A 53 -2.27 -1.76 12.09
C GLN A 53 -3.23 -1.18 11.06
N TRP A 54 -2.81 -1.21 9.79
CA TRP A 54 -3.63 -0.68 8.71
C TRP A 54 -4.18 -1.81 7.85
N GLU A 55 -5.08 -1.46 6.93
CA GLU A 55 -5.69 -2.44 6.04
C GLU A 55 -5.39 -2.12 4.58
N GLY A 56 -4.71 -3.04 3.91
CA GLY A 56 -4.37 -2.84 2.50
C GLY A 56 -4.67 -4.05 1.65
N GLU A 57 -4.75 -3.84 0.34
CA GLU A 57 -5.04 -4.93 -0.58
C GLU A 57 -3.85 -5.20 -1.50
N VAL A 58 -3.37 -6.44 -1.49
CA VAL A 58 -2.23 -6.82 -2.32
C VAL A 58 -2.44 -8.21 -2.93
N ASN A 59 -2.02 -8.36 -4.17
CA ASN A 59 -2.15 -9.65 -4.87
C ASN A 59 -3.52 -10.27 -4.60
N GLY A 60 -4.57 -9.48 -4.75
CA GLY A 60 -5.92 -9.96 -4.52
C GLY A 60 -6.09 -10.53 -3.12
N ARG A 61 -5.53 -9.84 -2.13
CA ARG A 61 -5.63 -10.29 -0.75
C ARG A 61 -5.65 -9.09 0.21
N LYS A 62 -6.60 -9.11 1.14
CA LYS A 62 -6.73 -8.03 2.11
C LYS A 62 -6.47 -8.54 3.53
N GLY A 63 -5.48 -7.96 4.20
CA GLY A 63 -5.15 -8.37 5.54
C GLY A 63 -4.48 -7.26 6.34
N LEU A 64 -4.32 -7.49 7.64
CA LEU A 64 -3.69 -6.50 8.51
C LEU A 64 -2.17 -6.70 8.56
N PHE A 65 -1.44 -5.61 8.39
CA PHE A 65 0.02 -5.65 8.41
C PHE A 65 0.59 -4.48 9.18
N PRO A 66 1.69 -4.72 9.93
CA PRO A 66 2.35 -3.69 10.72
C PRO A 66 3.06 -2.65 9.85
N PHE A 67 3.21 -1.44 10.38
CA PHE A 67 3.86 -0.37 9.65
C PHE A 67 5.38 -0.54 9.67
N THR A 68 5.88 -1.24 10.69
CA THR A 68 7.31 -1.48 10.82
C THR A 68 7.82 -2.41 9.72
N HIS A 69 6.90 -3.16 9.12
CA HIS A 69 7.25 -4.09 8.05
C HIS A 69 7.52 -3.34 6.75
N VAL A 70 6.64 -2.39 6.42
CA VAL A 70 6.79 -1.60 5.21
C VAL A 70 7.24 -0.18 5.52
N LYS A 71 8.28 0.27 4.83
CA LYS A 71 8.81 1.61 5.03
C LYS A 71 8.12 2.62 4.11
N ILE A 72 7.57 3.67 4.70
CA ILE A 72 6.87 4.70 3.94
C ILE A 72 7.85 5.49 3.08
N PHE A 73 7.69 5.40 1.76
CA PHE A 73 8.55 6.11 0.84
C PHE A 73 7.73 6.98 -0.11
N ASP A 74 8.41 7.88 -0.83
CA ASP A 74 7.75 8.77 -1.77
C ASP A 74 7.76 8.18 -3.17
N PRO A 75 6.63 8.29 -3.87
CA PRO A 75 6.49 7.77 -5.24
C PRO A 75 7.29 8.58 -6.25
N GLN A 76 7.33 9.89 -6.05
CA GLN A 76 8.07 10.77 -6.95
C GLN A 76 9.50 10.97 -6.46
N ASN A 77 10.20 9.86 -6.22
CA ASN A 77 11.58 9.91 -5.75
C ASN A 77 12.55 9.49 -6.86
N PRO A 78 12.92 10.47 -7.71
CA PRO A 78 13.84 10.23 -8.83
C PRO A 78 15.27 9.97 -8.35
N ASP A 79 15.47 10.03 -7.04
CA ASP A 79 16.79 9.79 -6.46
C ASP A 79 16.96 8.33 -6.08
N GLU A 80 18.12 7.77 -6.39
CA GLU A 80 18.42 6.38 -6.08
C GLU A 80 19.91 6.17 -5.84
N ASN A 81 20.25 5.68 -4.66
CA ASN A 81 21.64 5.43 -4.30
C ASN A 81 22.11 4.09 -4.86
N GLU A 82 23.43 3.92 -4.94
CA GLU A 82 24.02 2.70 -5.46
C GLU A 82 24.16 1.66 -4.35
N SER A 83 23.41 0.57 -4.46
CA SER A 83 23.44 -0.49 -3.47
C SER A 83 24.24 -1.69 -3.98
N GLY A 84 24.75 -2.49 -3.06
CA GLY A 84 25.53 -3.66 -3.43
C GLY A 84 24.83 -4.96 -3.08
N PRO A 85 23.66 -5.21 -3.69
CA PRO A 85 22.88 -6.42 -3.45
C PRO A 85 23.55 -7.67 -4.01
N SER A 86 23.05 -8.83 -3.60
CA SER A 86 23.62 -10.10 -4.05
C SER A 86 22.58 -10.90 -4.85
N SER A 87 22.43 -10.56 -6.12
CA SER A 87 21.47 -11.23 -6.99
C SER A 87 21.71 -10.87 -8.45
N GLY A 88 21.43 -11.81 -9.34
CA GLY A 88 21.62 -11.57 -10.76
C GLY A 88 22.00 -12.83 -11.52
N GLY A 1 14.56 9.76 -21.87
CA GLY A 1 13.26 9.73 -21.21
C GLY A 1 12.88 11.09 -20.65
N SER A 2 12.28 11.08 -19.46
CA SER A 2 11.86 12.32 -18.82
C SER A 2 12.34 12.37 -17.36
N SER A 3 13.02 13.46 -17.02
CA SER A 3 13.54 13.64 -15.66
C SER A 3 13.95 15.09 -15.42
N GLY A 4 13.27 15.73 -14.48
CA GLY A 4 13.57 17.11 -14.16
C GLY A 4 12.70 18.09 -14.92
N SER A 5 11.39 18.01 -14.69
CA SER A 5 10.43 18.88 -15.36
C SER A 5 9.96 19.99 -14.42
N SER A 6 9.49 19.60 -13.24
CA SER A 6 9.00 20.56 -12.26
C SER A 6 9.07 19.97 -10.85
N GLY A 7 9.56 20.77 -9.92
CA GLY A 7 9.67 20.31 -8.54
C GLY A 7 8.33 19.98 -7.93
N PRO A 8 8.30 18.97 -7.04
CA PRO A 8 7.08 18.53 -6.37
C PRO A 8 6.57 19.57 -5.36
N LEU A 9 5.65 19.14 -4.51
CA LEU A 9 5.09 20.02 -3.49
C LEU A 9 5.18 19.38 -2.10
N PRO A 10 5.39 20.24 -1.08
CA PRO A 10 5.50 19.78 0.30
C PRO A 10 4.17 19.28 0.86
N SER A 11 3.87 18.01 0.63
CA SER A 11 2.63 17.40 1.11
C SER A 11 2.91 16.22 2.02
N THR A 12 2.18 16.15 3.13
CA THR A 12 2.36 15.06 4.09
C THR A 12 1.53 13.85 3.70
N GLN A 13 0.22 14.03 3.56
CA GLN A 13 -0.68 12.95 3.19
C GLN A 13 -1.54 13.34 1.99
N ASN A 14 -1.37 12.64 0.89
CA ASN A 14 -2.14 12.91 -0.32
C ASN A 14 -2.55 11.62 -1.03
N GLY A 15 -3.83 11.50 -1.33
CA GLY A 15 -4.33 10.31 -2.00
C GLY A 15 -4.03 9.05 -1.22
N PRO A 16 -4.04 7.90 -1.91
CA PRO A 16 -3.77 6.59 -1.30
C PRO A 16 -2.31 6.44 -0.87
N VAL A 17 -2.11 6.10 0.39
CA VAL A 17 -0.77 5.92 0.92
C VAL A 17 -0.17 4.59 0.49
N PHE A 18 1.08 4.61 0.05
CA PHE A 18 1.76 3.40 -0.41
C PHE A 18 2.99 3.13 0.44
N ALA A 19 3.21 1.87 0.76
CA ALA A 19 4.37 1.47 1.58
C ALA A 19 5.11 0.31 0.92
N LYS A 20 6.37 0.53 0.59
CA LYS A 20 7.20 -0.50 -0.04
C LYS A 20 7.70 -1.49 1.01
N ALA A 21 7.44 -2.77 0.77
CA ALA A 21 7.87 -3.82 1.68
C ALA A 21 9.39 -3.99 1.65
N ILE A 22 10.04 -3.70 2.77
CA ILE A 22 11.49 -3.81 2.87
C ILE A 22 11.90 -5.22 3.31
N GLN A 23 10.96 -5.94 3.90
CA GLN A 23 11.22 -7.29 4.37
C GLN A 23 10.14 -8.25 3.89
N LYS A 24 10.38 -9.55 4.06
CA LYS A 24 9.44 -10.57 3.63
C LYS A 24 8.43 -10.86 4.73
N ARG A 25 7.15 -10.73 4.40
CA ARG A 25 6.07 -10.97 5.36
C ARG A 25 5.50 -12.38 5.19
N VAL A 26 5.63 -13.20 6.22
CA VAL A 26 5.13 -14.56 6.19
C VAL A 26 4.18 -14.84 7.35
N PRO A 27 2.88 -14.63 7.12
CA PRO A 27 1.85 -14.85 8.14
C PRO A 27 1.67 -16.32 8.47
N CYS A 28 1.58 -16.62 9.77
CA CYS A 28 1.40 -18.00 10.22
C CYS A 28 0.21 -18.66 9.54
N ALA A 29 0.14 -19.97 9.60
CA ALA A 29 -0.96 -20.72 8.98
C ALA A 29 -2.30 -20.34 9.60
N TYR A 30 -2.38 -20.40 10.92
CA TYR A 30 -3.60 -20.07 11.63
C TYR A 30 -4.01 -18.62 11.36
N ASP A 31 -3.01 -17.74 11.30
CA ASP A 31 -3.27 -16.33 11.04
C ASP A 31 -3.84 -16.12 9.65
N LYS A 32 -5.04 -15.55 9.59
CA LYS A 32 -5.71 -15.30 8.32
C LYS A 32 -5.74 -13.80 8.02
N THR A 33 -5.94 -13.00 9.05
CA THR A 33 -6.00 -11.55 8.91
C THR A 33 -4.65 -10.98 8.50
N ALA A 34 -3.58 -11.70 8.84
CA ALA A 34 -2.23 -11.27 8.52
C ALA A 34 -1.99 -11.32 7.01
N LEU A 35 -1.93 -10.16 6.38
CA LEU A 35 -1.71 -10.07 4.94
C LEU A 35 -0.31 -10.53 4.59
N ALA A 36 -0.19 -11.25 3.47
CA ALA A 36 1.10 -11.74 3.01
C ALA A 36 1.70 -10.82 1.96
N LEU A 37 3.00 -10.54 2.09
CA LEU A 37 3.70 -9.68 1.15
C LEU A 37 5.12 -10.16 0.92
N GLU A 38 5.76 -9.63 -0.12
CA GLU A 38 7.13 -10.01 -0.45
C GLU A 38 8.03 -8.78 -0.48
N VAL A 39 9.34 -9.02 -0.57
CA VAL A 39 10.32 -7.94 -0.60
C VAL A 39 10.26 -7.19 -1.93
N GLY A 40 9.81 -5.94 -1.87
CA GLY A 40 9.70 -5.13 -3.09
C GLY A 40 8.27 -4.97 -3.55
N ASP A 41 7.33 -5.18 -2.64
CA ASP A 41 5.91 -5.05 -2.97
C ASP A 41 5.32 -3.80 -2.32
N ILE A 42 4.45 -3.12 -3.07
CA ILE A 42 3.80 -1.91 -2.56
C ILE A 42 2.45 -2.23 -1.93
N VAL A 43 2.32 -1.93 -0.64
CA VAL A 43 1.07 -2.18 0.08
C VAL A 43 0.14 -0.98 0.00
N LYS A 44 -0.96 -1.13 -0.75
CA LYS A 44 -1.93 -0.05 -0.91
C LYS A 44 -2.96 -0.08 0.22
N VAL A 45 -2.86 0.89 1.12
CA VAL A 45 -3.78 0.98 2.25
C VAL A 45 -4.74 2.15 2.08
N THR A 46 -6.02 1.88 2.26
CA THR A 46 -7.06 2.91 2.12
C THR A 46 -7.61 3.31 3.48
N ARG A 47 -7.37 2.47 4.48
CA ARG A 47 -7.85 2.74 5.84
C ARG A 47 -6.75 2.51 6.86
N MET A 48 -5.82 3.46 6.95
CA MET A 48 -4.71 3.35 7.89
C MET A 48 -5.19 3.60 9.33
N ASN A 49 -5.23 2.55 10.13
CA ASN A 49 -5.66 2.66 11.51
C ASN A 49 -4.64 3.42 12.34
N ILE A 50 -5.01 3.72 13.59
CA ILE A 50 -4.12 4.44 14.49
C ILE A 50 -3.34 3.49 15.39
N ASN A 51 -4.01 2.44 15.85
CA ASN A 51 -3.38 1.45 16.71
C ASN A 51 -2.03 1.01 16.13
N GLY A 52 -2.04 0.62 14.86
CA GLY A 52 -0.82 0.17 14.21
C GLY A 52 -1.10 -0.63 12.95
N GLN A 53 -2.00 -1.59 13.05
CA GLN A 53 -2.36 -2.42 11.91
C GLN A 53 -3.14 -1.63 10.88
N TRP A 54 -2.72 -1.74 9.61
CA TRP A 54 -3.40 -1.04 8.53
C TRP A 54 -4.11 -2.01 7.60
N GLU A 55 -5.14 -1.52 6.90
CA GLU A 55 -5.91 -2.35 5.99
C GLU A 55 -5.52 -2.05 4.53
N GLY A 56 -4.82 -3.00 3.91
CA GLY A 56 -4.41 -2.82 2.53
C GLY A 56 -4.73 -4.02 1.66
N GLU A 57 -4.67 -3.84 0.35
CA GLU A 57 -4.97 -4.92 -0.58
C GLU A 57 -3.76 -5.22 -1.46
N VAL A 58 -3.28 -6.46 -1.41
CA VAL A 58 -2.14 -6.87 -2.21
C VAL A 58 -2.23 -8.34 -2.59
N ASN A 59 -2.05 -8.62 -3.87
CA ASN A 59 -2.12 -10.00 -4.38
C ASN A 59 -3.53 -10.57 -4.18
N GLY A 60 -4.53 -9.83 -4.63
CA GLY A 60 -5.90 -10.28 -4.50
C GLY A 60 -6.23 -10.73 -3.09
N ARG A 61 -5.70 -10.00 -2.11
CA ARG A 61 -5.95 -10.33 -0.70
C ARG A 61 -5.89 -9.08 0.16
N LYS A 62 -6.74 -9.03 1.18
CA LYS A 62 -6.80 -7.89 2.08
C LYS A 62 -6.61 -8.33 3.53
N GLY A 63 -5.55 -7.84 4.16
CA GLY A 63 -5.27 -8.20 5.54
C GLY A 63 -4.48 -7.13 6.27
N LEU A 64 -4.34 -7.29 7.58
CA LEU A 64 -3.60 -6.33 8.39
C LEU A 64 -2.11 -6.64 8.37
N PHE A 65 -1.31 -5.62 8.05
CA PHE A 65 0.14 -5.78 8.00
C PHE A 65 0.83 -4.81 8.94
N PRO A 66 1.93 -5.25 9.55
CA PRO A 66 2.71 -4.44 10.49
C PRO A 66 3.45 -3.29 9.79
N PHE A 67 3.43 -2.12 10.41
CA PHE A 67 4.10 -0.96 9.85
C PHE A 67 5.60 -1.00 10.11
N THR A 68 6.01 -1.93 10.96
CA THR A 68 7.43 -2.08 11.30
C THR A 68 8.13 -2.98 10.29
N HIS A 69 7.38 -3.44 9.29
CA HIS A 69 7.94 -4.31 8.26
C HIS A 69 8.04 -3.56 6.92
N VAL A 70 7.11 -2.65 6.69
CA VAL A 70 7.10 -1.87 5.46
C VAL A 70 7.53 -0.42 5.71
N LYS A 71 7.99 0.25 4.67
CA LYS A 71 8.42 1.64 4.78
C LYS A 71 7.58 2.55 3.89
N ILE A 72 7.11 3.65 4.46
CA ILE A 72 6.29 4.59 3.71
C ILE A 72 7.17 5.48 2.82
N PHE A 73 6.99 5.35 1.51
CA PHE A 73 7.75 6.14 0.55
C PHE A 73 6.84 7.01 -0.29
N ASP A 74 7.41 8.02 -0.93
CA ASP A 74 6.65 8.93 -1.78
C ASP A 74 6.56 8.40 -3.21
N PRO A 75 5.36 8.46 -3.79
CA PRO A 75 5.12 8.00 -5.16
C PRO A 75 5.78 8.89 -6.21
N GLN A 76 6.34 10.00 -5.75
CA GLN A 76 7.01 10.95 -6.64
C GLN A 76 6.11 11.30 -7.82
N ASN A 77 4.81 11.25 -7.60
CA ASN A 77 3.83 11.57 -8.65
C ASN A 77 4.38 12.65 -9.57
N PRO A 78 4.96 12.22 -10.70
CA PRO A 78 5.53 13.13 -11.70
C PRO A 78 4.46 13.93 -12.44
N ASP A 79 3.20 13.57 -12.21
CA ASP A 79 2.08 14.25 -12.85
C ASP A 79 1.70 15.51 -12.08
N GLU A 80 1.43 16.59 -12.82
CA GLU A 80 1.05 17.85 -12.20
C GLU A 80 -0.29 18.35 -12.74
N ASN A 81 -1.32 18.26 -11.91
CA ASN A 81 -2.66 18.70 -12.31
C ASN A 81 -2.94 20.11 -11.81
N GLU A 82 -2.87 20.29 -10.49
CA GLU A 82 -3.12 21.60 -9.89
C GLU A 82 -2.63 21.62 -8.44
N SER A 83 -2.45 22.82 -7.90
CA SER A 83 -1.97 22.98 -6.53
C SER A 83 -2.79 24.05 -5.80
N GLY A 84 -3.21 23.74 -4.58
CA GLY A 84 -3.99 24.68 -3.80
C GLY A 84 -4.26 24.19 -2.39
N PRO A 85 -3.30 24.40 -1.49
CA PRO A 85 -3.41 23.97 -0.09
C PRO A 85 -4.44 24.79 0.68
N SER A 86 -5.24 24.10 1.48
CA SER A 86 -6.28 24.77 2.28
C SER A 86 -5.98 24.64 3.77
N SER A 87 -6.51 25.57 4.56
CA SER A 87 -6.30 25.56 6.00
C SER A 87 -7.07 24.40 6.65
N GLY A 88 -6.45 23.79 7.65
CA GLY A 88 -7.09 22.68 8.34
C GLY A 88 -6.14 21.51 8.55
N GLY A 1 17.48 10.55 -11.82
CA GLY A 1 17.78 9.50 -10.87
C GLY A 1 16.98 9.62 -9.59
N SER A 2 17.53 9.10 -8.50
CA SER A 2 16.86 9.15 -7.20
C SER A 2 17.88 9.03 -6.07
N SER A 3 17.43 9.33 -4.85
CA SER A 3 18.29 9.27 -3.67
C SER A 3 17.61 8.50 -2.55
N GLY A 4 18.35 7.59 -1.93
CA GLY A 4 17.81 6.80 -0.83
C GLY A 4 17.77 7.57 0.47
N SER A 5 16.74 8.39 0.64
CA SER A 5 16.59 9.18 1.85
C SER A 5 15.11 9.39 2.19
N SER A 6 14.78 9.22 3.46
CA SER A 6 13.40 9.39 3.91
C SER A 6 12.77 10.64 3.31
N GLY A 7 13.51 11.75 3.36
CA GLY A 7 13.02 13.00 2.82
C GLY A 7 11.88 13.59 3.64
N PRO A 8 11.36 14.73 3.19
CA PRO A 8 10.26 15.42 3.89
C PRO A 8 8.94 14.66 3.79
N LEU A 9 7.91 15.17 4.45
CA LEU A 9 6.60 14.55 4.42
C LEU A 9 5.86 14.87 3.13
N PRO A 10 4.98 13.95 2.70
CA PRO A 10 4.20 14.11 1.47
C PRO A 10 3.13 15.18 1.61
N SER A 11 2.62 15.65 0.48
CA SER A 11 1.60 16.69 0.47
C SER A 11 0.45 16.33 1.40
N THR A 12 -0.51 17.24 1.53
CA THR A 12 -1.67 17.01 2.40
C THR A 12 -2.93 16.78 1.57
N GLN A 13 -3.69 15.75 1.94
CA GLN A 13 -4.92 15.43 1.23
C GLN A 13 -4.66 15.27 -0.27
N ASN A 14 -3.65 14.47 -0.61
CA ASN A 14 -3.30 14.23 -2.01
C ASN A 14 -3.96 12.96 -2.52
N GLY A 15 -3.96 11.92 -1.69
CA GLY A 15 -4.55 10.65 -2.07
C GLY A 15 -4.18 9.53 -1.13
N PRO A 16 -4.29 8.28 -1.62
CA PRO A 16 -3.98 7.08 -0.82
C PRO A 16 -2.48 6.95 -0.57
N VAL A 17 -2.13 6.29 0.53
CA VAL A 17 -0.73 6.08 0.89
C VAL A 17 -0.24 4.71 0.46
N PHE A 18 0.99 4.64 -0.02
CA PHE A 18 1.57 3.38 -0.47
C PHE A 18 2.82 3.05 0.33
N ALA A 19 2.84 1.86 0.92
CA ALA A 19 3.99 1.42 1.72
C ALA A 19 4.64 0.19 1.10
N LYS A 20 5.90 0.32 0.72
CA LYS A 20 6.64 -0.78 0.11
C LYS A 20 7.13 -1.75 1.18
N ALA A 21 7.12 -3.03 0.84
CA ALA A 21 7.57 -4.07 1.77
C ALA A 21 9.08 -4.19 1.78
N ILE A 22 9.71 -3.67 2.82
CA ILE A 22 11.16 -3.72 2.95
C ILE A 22 11.62 -5.07 3.49
N GLN A 23 10.69 -5.82 4.07
CA GLN A 23 11.00 -7.13 4.63
C GLN A 23 10.01 -8.17 4.12
N LYS A 24 10.26 -9.44 4.47
CA LYS A 24 9.39 -10.53 4.06
C LYS A 24 8.34 -10.82 5.14
N ARG A 25 7.09 -10.94 4.71
CA ARG A 25 6.00 -11.22 5.63
C ARG A 25 5.42 -12.61 5.38
N VAL A 26 5.58 -13.49 6.35
CA VAL A 26 5.07 -14.86 6.24
C VAL A 26 4.10 -15.18 7.37
N PRO A 27 2.80 -14.97 7.12
CA PRO A 27 1.76 -15.23 8.11
C PRO A 27 1.56 -16.72 8.36
N CYS A 28 1.05 -17.05 9.54
CA CYS A 28 0.81 -18.44 9.91
C CYS A 28 -0.46 -18.97 9.25
N ALA A 29 -0.56 -20.29 9.17
CA ALA A 29 -1.71 -20.93 8.55
C ALA A 29 -3.02 -20.46 9.21
N TYR A 30 -3.08 -20.57 10.53
CA TYR A 30 -4.26 -20.16 11.27
C TYR A 30 -4.51 -18.66 11.14
N ASP A 31 -3.41 -17.90 11.07
CA ASP A 31 -3.50 -16.45 10.93
C ASP A 31 -3.96 -16.07 9.52
N LYS A 32 -5.21 -15.61 9.42
CA LYS A 32 -5.77 -15.20 8.14
C LYS A 32 -5.73 -13.69 7.97
N THR A 33 -5.86 -12.97 9.09
CA THR A 33 -5.83 -11.52 9.07
C THR A 33 -4.45 -11.00 8.68
N ALA A 34 -3.42 -11.74 9.04
CA ALA A 34 -2.05 -11.36 8.73
C ALA A 34 -1.81 -11.40 7.22
N LEU A 35 -1.70 -10.23 6.61
CA LEU A 35 -1.47 -10.13 5.17
C LEU A 35 -0.09 -10.67 4.81
N ALA A 36 -0.03 -11.45 3.73
CA ALA A 36 1.22 -12.04 3.28
C ALA A 36 1.83 -11.20 2.15
N LEU A 37 3.11 -10.88 2.28
CA LEU A 37 3.81 -10.09 1.28
C LEU A 37 5.25 -10.56 1.12
N GLU A 38 5.90 -10.12 0.04
CA GLU A 38 7.28 -10.51 -0.22
C GLU A 38 8.15 -9.26 -0.46
N VAL A 39 9.41 -9.34 -0.05
CA VAL A 39 10.33 -8.23 -0.22
C VAL A 39 10.21 -7.62 -1.61
N GLY A 40 9.74 -6.37 -1.67
CA GLY A 40 9.58 -5.70 -2.94
C GLY A 40 8.15 -5.74 -3.44
N ASP A 41 7.20 -5.62 -2.53
CA ASP A 41 5.79 -5.64 -2.88
C ASP A 41 5.07 -4.39 -2.37
N ILE A 42 4.48 -3.64 -3.29
CA ILE A 42 3.77 -2.42 -2.92
C ILE A 42 2.48 -2.74 -2.17
N VAL A 43 2.24 -1.99 -1.09
CA VAL A 43 1.04 -2.20 -0.28
C VAL A 43 0.19 -0.93 -0.22
N LYS A 44 -0.92 -0.94 -0.95
CA LYS A 44 -1.82 0.21 -0.99
C LYS A 44 -2.90 0.09 0.07
N VAL A 45 -2.79 0.91 1.11
CA VAL A 45 -3.77 0.90 2.20
C VAL A 45 -4.67 2.12 2.15
N THR A 46 -5.97 1.91 2.34
CA THR A 46 -6.94 2.99 2.32
C THR A 46 -7.38 3.37 3.72
N ARG A 47 -7.36 2.39 4.63
CA ARG A 47 -7.76 2.62 6.01
C ARG A 47 -6.55 2.59 6.94
N MET A 48 -6.03 3.76 7.29
CA MET A 48 -4.88 3.86 8.18
C MET A 48 -5.32 3.99 9.63
N ASN A 49 -5.27 2.88 10.37
CA ASN A 49 -5.67 2.87 11.77
C ASN A 49 -4.63 3.60 12.62
N ILE A 50 -5.05 3.99 13.83
CA ILE A 50 -4.15 4.69 14.74
C ILE A 50 -3.50 3.74 15.72
N ASN A 51 -3.92 2.47 15.68
CA ASN A 51 -3.38 1.45 16.57
C ASN A 51 -1.98 1.05 16.14
N GLY A 52 -1.79 0.86 14.84
CA GLY A 52 -0.49 0.48 14.32
C GLY A 52 -0.58 -0.23 12.98
N GLN A 53 -1.45 -1.23 12.89
CA GLN A 53 -1.63 -1.99 11.66
C GLN A 53 -2.63 -1.30 10.74
N TRP A 54 -2.41 -1.44 9.44
CA TRP A 54 -3.30 -0.83 8.45
C TRP A 54 -3.93 -1.88 7.56
N GLU A 55 -4.91 -1.48 6.77
CA GLU A 55 -5.61 -2.39 5.87
C GLU A 55 -5.29 -2.07 4.42
N GLY A 56 -4.59 -3.00 3.75
CA GLY A 56 -4.23 -2.80 2.36
C GLY A 56 -4.43 -4.04 1.53
N GLU A 57 -4.63 -3.85 0.23
CA GLU A 57 -4.83 -4.97 -0.69
C GLU A 57 -3.59 -5.22 -1.54
N VAL A 58 -3.22 -6.49 -1.66
CA VAL A 58 -2.05 -6.86 -2.45
C VAL A 58 -2.19 -8.28 -3.00
N ASN A 59 -1.64 -8.50 -4.18
CA ASN A 59 -1.70 -9.81 -4.83
C ASN A 59 -3.07 -10.44 -4.63
N GLY A 60 -4.11 -9.61 -4.59
CA GLY A 60 -5.46 -10.10 -4.41
C GLY A 60 -5.70 -10.64 -3.02
N ARG A 61 -5.14 -9.96 -2.02
CA ARG A 61 -5.29 -10.38 -0.63
C ARG A 61 -5.33 -9.18 0.30
N LYS A 62 -6.43 -9.03 1.04
CA LYS A 62 -6.58 -7.92 1.97
C LYS A 62 -6.44 -8.40 3.42
N GLY A 63 -5.41 -7.92 4.09
CA GLY A 63 -5.18 -8.30 5.47
C GLY A 63 -4.41 -7.24 6.25
N LEU A 64 -4.34 -7.42 7.56
CA LEU A 64 -3.64 -6.48 8.43
C LEU A 64 -2.15 -6.78 8.46
N PHE A 65 -1.34 -5.80 8.07
CA PHE A 65 0.12 -5.96 8.06
C PHE A 65 0.79 -4.93 8.96
N PRO A 66 1.89 -5.34 9.61
CA PRO A 66 2.64 -4.47 10.51
C PRO A 66 3.37 -3.35 9.77
N PHE A 67 3.36 -2.15 10.35
CA PHE A 67 4.01 -1.00 9.74
C PHE A 67 5.52 -1.06 9.96
N THR A 68 5.95 -1.86 10.93
CA THR A 68 7.37 -2.00 11.24
C THR A 68 8.07 -2.87 10.20
N HIS A 69 7.29 -3.44 9.28
CA HIS A 69 7.83 -4.29 8.24
C HIS A 69 7.93 -3.53 6.92
N VAL A 70 7.14 -2.48 6.78
CA VAL A 70 7.14 -1.67 5.57
C VAL A 70 7.49 -0.22 5.87
N LYS A 71 8.05 0.47 4.88
CA LYS A 71 8.42 1.87 5.04
C LYS A 71 7.65 2.76 4.08
N ILE A 72 7.20 3.91 4.58
CA ILE A 72 6.43 4.84 3.76
C ILE A 72 7.33 5.56 2.76
N PHE A 73 7.16 5.25 1.48
CA PHE A 73 7.95 5.87 0.43
C PHE A 73 7.06 6.66 -0.54
N ASP A 74 7.70 7.44 -1.40
CA ASP A 74 6.97 8.24 -2.38
C ASP A 74 7.14 7.68 -3.78
N PRO A 75 6.22 6.78 -4.17
CA PRO A 75 6.25 6.14 -5.49
C PRO A 75 5.90 7.12 -6.61
N GLN A 76 4.98 8.03 -6.32
CA GLN A 76 4.56 9.01 -7.31
C GLN A 76 5.34 10.32 -7.14
N ASN A 77 6.60 10.21 -6.76
CA ASN A 77 7.46 11.37 -6.56
C ASN A 77 7.08 12.48 -7.53
N PRO A 78 6.25 13.43 -7.05
CA PRO A 78 5.79 14.56 -7.87
C PRO A 78 6.92 15.56 -8.15
N ASP A 79 8.10 15.28 -7.62
CA ASP A 79 9.26 16.14 -7.81
C ASP A 79 10.55 15.35 -7.73
N GLU A 80 11.57 15.81 -8.46
CA GLU A 80 12.87 15.14 -8.46
C GLU A 80 13.89 15.92 -7.66
N ASN A 81 13.48 16.41 -6.50
CA ASN A 81 14.36 17.19 -5.63
C ASN A 81 13.89 17.13 -4.18
N GLU A 82 14.84 17.24 -3.26
CA GLU A 82 14.52 17.20 -1.83
C GLU A 82 14.95 18.49 -1.14
N SER A 83 14.60 18.62 0.13
CA SER A 83 14.94 19.81 0.91
C SER A 83 16.33 19.67 1.53
N GLY A 84 16.55 18.57 2.23
CA GLY A 84 17.83 18.33 2.87
C GLY A 84 17.70 18.03 4.35
N PRO A 85 18.65 17.24 4.88
CA PRO A 85 18.65 16.86 6.29
C PRO A 85 18.98 18.04 7.21
N SER A 86 18.26 18.13 8.33
CA SER A 86 18.47 19.21 9.29
C SER A 86 18.53 18.66 10.71
N SER A 87 19.19 19.41 11.60
CA SER A 87 19.32 19.00 12.99
C SER A 87 19.60 20.21 13.88
N GLY A 88 19.67 19.96 15.19
CA GLY A 88 19.91 21.04 16.14
C GLY A 88 20.83 20.62 17.27
N GLY A 1 -28.62 13.95 -32.89
CA GLY A 1 -27.50 13.42 -32.14
C GLY A 1 -27.32 14.09 -30.79
N SER A 2 -26.60 13.42 -29.89
CA SER A 2 -26.36 13.97 -28.56
C SER A 2 -25.07 13.41 -27.97
N SER A 3 -24.54 14.11 -26.97
CA SER A 3 -23.30 13.70 -26.32
C SER A 3 -23.14 14.37 -24.96
N GLY A 4 -22.17 13.90 -24.18
CA GLY A 4 -21.94 14.46 -22.86
C GLY A 4 -20.65 15.24 -22.78
N SER A 5 -20.13 15.41 -21.57
CA SER A 5 -18.89 16.15 -21.36
C SER A 5 -18.11 15.57 -20.19
N SER A 6 -16.84 15.94 -20.10
CA SER A 6 -15.97 15.47 -19.03
C SER A 6 -16.36 16.10 -17.69
N GLY A 7 -16.11 15.38 -16.60
CA GLY A 7 -16.44 15.89 -15.29
C GLY A 7 -15.22 16.39 -14.54
N PRO A 8 -15.40 16.70 -13.24
CA PRO A 8 -14.32 17.21 -12.39
C PRO A 8 -13.27 16.14 -12.10
N LEU A 9 -12.11 16.57 -11.61
CA LEU A 9 -11.04 15.64 -11.27
C LEU A 9 -10.44 15.97 -9.91
N PRO A 10 -9.95 14.93 -9.22
CA PRO A 10 -9.34 15.09 -7.89
C PRO A 10 -8.00 15.82 -7.94
N SER A 11 -7.90 16.90 -7.19
CA SER A 11 -6.67 17.70 -7.16
C SER A 11 -6.32 18.11 -5.73
N THR A 12 -5.04 18.31 -5.48
CA THR A 12 -4.57 18.70 -4.15
C THR A 12 -5.34 17.96 -3.06
N GLN A 13 -5.61 16.68 -3.30
CA GLN A 13 -6.35 15.87 -2.33
C GLN A 13 -5.54 14.64 -1.94
N ASN A 14 -4.88 14.71 -0.78
CA ASN A 14 -4.08 13.59 -0.29
C ASN A 14 -4.75 12.26 -0.59
N GLY A 15 -4.13 11.45 -1.44
CA GLY A 15 -4.68 10.17 -1.79
C GLY A 15 -4.29 9.08 -0.81
N PRO A 16 -4.36 7.81 -1.26
CA PRO A 16 -4.01 6.67 -0.42
C PRO A 16 -2.51 6.58 -0.15
N VAL A 17 -2.16 6.01 0.99
CA VAL A 17 -0.76 5.87 1.37
C VAL A 17 -0.17 4.57 0.82
N PHE A 18 0.98 4.69 0.15
CA PHE A 18 1.65 3.54 -0.43
C PHE A 18 2.94 3.22 0.32
N ALA A 19 3.04 2.01 0.84
CA ALA A 19 4.22 1.57 1.58
C ALA A 19 4.81 0.31 0.99
N LYS A 20 6.08 0.35 0.62
CA LYS A 20 6.76 -0.80 0.04
C LYS A 20 7.26 -1.73 1.13
N ALA A 21 7.27 -3.04 0.83
CA ALA A 21 7.74 -4.03 1.79
C ALA A 21 9.27 -4.14 1.77
N ILE A 22 9.89 -3.86 2.90
CA ILE A 22 11.34 -3.92 3.01
C ILE A 22 11.80 -5.31 3.43
N GLN A 23 10.94 -6.01 4.16
CA GLN A 23 11.25 -7.36 4.62
C GLN A 23 10.31 -8.39 4.00
N LYS A 24 10.50 -9.65 4.36
CA LYS A 24 9.66 -10.73 3.84
C LYS A 24 8.64 -11.18 4.88
N ARG A 25 7.37 -10.91 4.61
CA ARG A 25 6.29 -11.29 5.52
C ARG A 25 5.73 -12.66 5.15
N VAL A 26 5.81 -13.60 6.09
CA VAL A 26 5.30 -14.95 5.87
C VAL A 26 4.27 -15.33 6.92
N PRO A 27 2.98 -15.10 6.60
CA PRO A 27 1.88 -15.41 7.51
C PRO A 27 1.67 -16.91 7.68
N CYS A 28 1.01 -17.30 8.76
CA CYS A 28 0.74 -18.71 9.03
C CYS A 28 -0.41 -19.21 8.16
N ALA A 29 -0.41 -20.52 7.90
CA ALA A 29 -1.45 -21.13 7.08
C ALA A 29 -2.83 -20.89 7.68
N TYR A 30 -2.94 -21.05 9.00
CA TYR A 30 -4.20 -20.85 9.69
C TYR A 30 -4.58 -19.38 9.73
N ASP A 31 -3.57 -18.52 9.87
CA ASP A 31 -3.79 -17.08 9.92
C ASP A 31 -4.30 -16.56 8.58
N LYS A 32 -5.40 -15.81 8.61
CA LYS A 32 -5.99 -15.26 7.40
C LYS A 32 -5.90 -13.73 7.40
N THR A 33 -6.08 -13.14 8.58
CA THR A 33 -6.02 -11.68 8.70
C THR A 33 -4.62 -11.17 8.43
N ALA A 34 -3.63 -12.05 8.57
CA ALA A 34 -2.24 -11.68 8.34
C ALA A 34 -1.92 -11.62 6.86
N LEU A 35 -1.76 -10.41 6.34
CA LEU A 35 -1.45 -10.23 4.92
C LEU A 35 -0.05 -10.72 4.59
N ALA A 36 0.06 -11.49 3.52
CA ALA A 36 1.34 -12.03 3.08
C ALA A 36 1.98 -11.15 2.02
N LEU A 37 3.26 -10.84 2.20
CA LEU A 37 3.98 -9.99 1.26
C LEU A 37 5.41 -10.50 1.07
N GLU A 38 6.07 -10.03 0.02
CA GLU A 38 7.44 -10.43 -0.28
C GLU A 38 8.32 -9.21 -0.56
N VAL A 39 9.55 -9.25 -0.06
CA VAL A 39 10.49 -8.15 -0.26
C VAL A 39 10.40 -7.60 -1.67
N GLY A 40 9.87 -6.39 -1.81
CA GLY A 40 9.73 -5.77 -3.11
C GLY A 40 8.29 -5.74 -3.60
N ASP A 41 7.36 -5.51 -2.67
CA ASP A 41 5.95 -5.45 -3.01
C ASP A 41 5.31 -4.17 -2.48
N ILE A 42 4.40 -3.61 -3.26
CA ILE A 42 3.71 -2.38 -2.88
C ILE A 42 2.40 -2.68 -2.17
N VAL A 43 2.15 -1.99 -1.06
CA VAL A 43 0.92 -2.18 -0.30
C VAL A 43 0.04 -0.94 -0.35
N LYS A 44 -1.17 -1.11 -0.87
CA LYS A 44 -2.12 0.00 -0.99
C LYS A 44 -3.12 -0.03 0.17
N VAL A 45 -2.98 0.94 1.09
CA VAL A 45 -3.85 1.03 2.24
C VAL A 45 -4.82 2.20 2.09
N THR A 46 -6.12 1.92 2.23
CA THR A 46 -7.14 2.95 2.11
C THR A 46 -7.65 3.38 3.49
N ARG A 47 -7.46 2.51 4.48
CA ARG A 47 -7.90 2.81 5.84
C ARG A 47 -6.78 2.54 6.83
N MET A 48 -5.86 3.49 6.95
CA MET A 48 -4.73 3.36 7.87
C MET A 48 -5.18 3.64 9.30
N ASN A 49 -5.30 2.58 10.10
CA ASN A 49 -5.72 2.71 11.48
C ASN A 49 -4.61 3.33 12.33
N ILE A 50 -4.99 4.07 13.36
CA ILE A 50 -4.03 4.72 14.25
C ILE A 50 -3.30 3.69 15.10
N ASN A 51 -4.06 2.78 15.71
CA ASN A 51 -3.47 1.74 16.56
C ASN A 51 -2.13 1.28 16.00
N GLY A 52 -2.13 0.86 14.75
CA GLY A 52 -0.91 0.39 14.13
C GLY A 52 -1.16 -0.42 12.87
N GLN A 53 -1.97 -1.47 13.00
CA GLN A 53 -2.28 -2.33 11.87
C GLN A 53 -3.22 -1.62 10.90
N TRP A 54 -2.86 -1.62 9.62
CA TRP A 54 -3.66 -0.98 8.59
C TRP A 54 -4.34 -2.02 7.71
N GLU A 55 -5.20 -1.55 6.81
CA GLU A 55 -5.93 -2.44 5.90
C GLU A 55 -5.58 -2.14 4.46
N GLY A 56 -4.76 -2.99 3.85
CA GLY A 56 -4.37 -2.79 2.47
C GLY A 56 -4.52 -4.05 1.64
N GLU A 57 -4.77 -3.88 0.34
CA GLU A 57 -4.94 -5.01 -0.55
C GLU A 57 -3.73 -5.17 -1.46
N VAL A 58 -3.12 -6.36 -1.43
CA VAL A 58 -1.94 -6.65 -2.24
C VAL A 58 -2.05 -8.03 -2.88
N ASN A 59 -1.53 -8.14 -4.10
CA ASN A 59 -1.56 -9.41 -4.82
C ASN A 59 -2.93 -10.07 -4.69
N GLY A 60 -3.97 -9.26 -4.62
CA GLY A 60 -5.32 -9.80 -4.49
C GLY A 60 -5.58 -10.37 -3.11
N ARG A 61 -4.99 -9.76 -2.10
CA ARG A 61 -5.17 -10.22 -0.73
C ARG A 61 -5.11 -9.04 0.25
N LYS A 62 -6.19 -8.83 0.99
CA LYS A 62 -6.26 -7.75 1.96
C LYS A 62 -6.12 -8.28 3.39
N GLY A 63 -5.12 -7.76 4.11
CA GLY A 63 -4.90 -8.19 5.47
C GLY A 63 -4.23 -7.13 6.32
N LEU A 64 -4.15 -7.37 7.62
CA LEU A 64 -3.53 -6.43 8.54
C LEU A 64 -2.01 -6.61 8.57
N PHE A 65 -1.27 -5.59 8.16
CA PHE A 65 0.18 -5.65 8.15
C PHE A 65 0.78 -4.56 9.03
N PRO A 66 1.89 -4.89 9.70
CA PRO A 66 2.59 -3.95 10.59
C PRO A 66 3.26 -2.82 9.82
N PHE A 67 3.44 -1.68 10.49
CA PHE A 67 4.07 -0.52 9.87
C PHE A 67 5.59 -0.69 9.82
N THR A 68 6.12 -1.47 10.77
CA THR A 68 7.55 -1.71 10.83
C THR A 68 8.02 -2.57 9.67
N HIS A 69 7.08 -3.30 9.06
CA HIS A 69 7.40 -4.17 7.93
C HIS A 69 7.57 -3.36 6.65
N VAL A 70 6.65 -2.43 6.40
CA VAL A 70 6.71 -1.59 5.22
C VAL A 70 7.14 -0.17 5.57
N LYS A 71 8.17 0.32 4.88
CA LYS A 71 8.68 1.67 5.11
C LYS A 71 8.10 2.65 4.11
N ILE A 72 7.61 3.79 4.62
CA ILE A 72 7.03 4.80 3.76
C ILE A 72 8.08 5.41 2.83
N PHE A 73 7.87 5.24 1.53
CA PHE A 73 8.79 5.78 0.54
C PHE A 73 8.08 6.69 -0.45
N ASP A 74 8.81 7.17 -1.45
CA ASP A 74 8.24 8.05 -2.46
C ASP A 74 7.97 7.30 -3.76
N PRO A 75 6.74 6.80 -3.92
CA PRO A 75 6.34 6.06 -5.13
C PRO A 75 6.27 6.95 -6.36
N GLN A 76 6.61 8.22 -6.19
CA GLN A 76 6.58 9.17 -7.30
C GLN A 76 7.80 9.01 -8.20
N ASN A 77 8.11 7.77 -8.55
CA ASN A 77 9.25 7.48 -9.41
C ASN A 77 8.81 7.21 -10.84
N PRO A 78 9.48 7.87 -11.80
CA PRO A 78 9.17 7.71 -13.22
C PRO A 78 9.56 6.34 -13.76
N ASP A 79 10.07 5.49 -12.87
CA ASP A 79 10.50 4.14 -13.25
C ASP A 79 9.53 3.10 -12.69
N GLU A 80 9.42 3.07 -11.37
CA GLU A 80 8.54 2.11 -10.70
C GLU A 80 7.10 2.62 -10.70
N ASN A 81 6.35 2.27 -11.74
CA ASN A 81 4.96 2.69 -11.87
C ASN A 81 4.86 4.20 -12.04
N GLU A 82 5.57 4.74 -13.02
CA GLU A 82 5.56 6.17 -13.29
C GLU A 82 4.16 6.74 -13.11
N SER A 83 4.09 7.98 -12.63
CA SER A 83 2.82 8.64 -12.41
C SER A 83 2.87 10.09 -12.86
N GLY A 84 2.09 10.43 -13.87
CA GLY A 84 2.06 11.79 -14.37
C GLY A 84 1.03 12.65 -13.67
N PRO A 85 -0.18 12.73 -14.24
CA PRO A 85 -1.27 13.52 -13.69
C PRO A 85 -1.82 12.93 -12.38
N SER A 86 -1.21 13.31 -11.27
CA SER A 86 -1.62 12.82 -9.96
C SER A 86 -3.14 12.78 -9.85
N SER A 87 -3.66 11.69 -9.28
CA SER A 87 -5.10 11.52 -9.12
C SER A 87 -5.45 11.15 -7.69
N GLY A 88 -6.35 11.93 -7.08
CA GLY A 88 -6.75 11.67 -5.71
C GLY A 88 -7.46 10.34 -5.57
N GLY A 1 8.71 -5.35 -36.23
CA GLY A 1 7.57 -4.56 -35.80
C GLY A 1 7.99 -3.26 -35.14
N SER A 2 7.17 -2.78 -34.20
CA SER A 2 7.46 -1.55 -33.49
C SER A 2 6.86 -1.56 -32.09
N SER A 3 7.33 -0.66 -31.24
CA SER A 3 6.84 -0.57 -29.87
C SER A 3 6.52 0.86 -29.49
N GLY A 4 5.52 1.04 -28.63
CA GLY A 4 5.12 2.38 -28.20
C GLY A 4 5.64 2.72 -26.82
N SER A 5 5.16 3.83 -26.27
CA SER A 5 5.58 4.27 -24.95
C SER A 5 4.53 5.18 -24.32
N SER A 6 4.71 5.48 -23.03
CA SER A 6 3.77 6.33 -22.31
C SER A 6 4.40 6.85 -21.02
N GLY A 7 3.79 7.89 -20.45
CA GLY A 7 4.30 8.46 -19.21
C GLY A 7 3.20 8.78 -18.23
N PRO A 8 3.50 8.62 -16.93
CA PRO A 8 2.54 8.90 -15.86
C PRO A 8 2.24 10.39 -15.72
N LEU A 9 1.49 10.74 -14.68
CA LEU A 9 1.14 12.13 -14.43
C LEU A 9 1.20 12.45 -12.94
N PRO A 10 1.60 13.69 -12.60
CA PRO A 10 1.70 14.15 -11.21
C PRO A 10 0.34 14.31 -10.55
N SER A 11 0.29 14.09 -9.24
CA SER A 11 -0.95 14.20 -8.49
C SER A 11 -0.67 14.61 -7.04
N THR A 12 -1.60 15.36 -6.46
CA THR A 12 -1.46 15.82 -5.08
C THR A 12 -1.09 14.67 -4.16
N GLN A 13 -0.49 15.00 -3.02
CA GLN A 13 -0.08 14.00 -2.05
C GLN A 13 -1.25 13.61 -1.14
N ASN A 14 -2.44 13.57 -1.71
CA ASN A 14 -3.64 13.21 -0.96
C ASN A 14 -4.17 11.85 -1.38
N GLY A 15 -4.57 11.04 -0.40
CA GLY A 15 -5.09 9.73 -0.69
C GLY A 15 -4.45 8.65 0.17
N PRO A 16 -4.51 7.40 -0.31
CA PRO A 16 -3.94 6.25 0.41
C PRO A 16 -2.42 6.28 0.42
N VAL A 17 -1.83 5.92 1.56
CA VAL A 17 -0.39 5.91 1.70
C VAL A 17 0.20 4.60 1.15
N PHE A 18 1.28 4.74 0.39
CA PHE A 18 1.95 3.57 -0.20
C PHE A 18 3.18 3.18 0.61
N ALA A 19 3.37 1.88 0.80
CA ALA A 19 4.52 1.39 1.55
C ALA A 19 5.12 0.16 0.88
N LYS A 20 6.40 0.26 0.51
CA LYS A 20 7.10 -0.83 -0.15
C LYS A 20 7.56 -1.87 0.87
N ALA A 21 7.20 -3.12 0.65
CA ALA A 21 7.59 -4.20 1.54
C ALA A 21 9.09 -4.48 1.46
N ILE A 22 9.81 -4.05 2.49
CA ILE A 22 11.26 -4.24 2.55
C ILE A 22 11.61 -5.60 3.16
N GLN A 23 10.70 -6.13 3.95
CA GLN A 23 10.91 -7.42 4.61
C GLN A 23 9.80 -8.40 4.25
N LYS A 24 10.15 -9.68 4.19
CA LYS A 24 9.18 -10.72 3.85
C LYS A 24 8.17 -10.92 4.99
N ARG A 25 6.89 -10.89 4.64
CA ARG A 25 5.83 -11.06 5.63
C ARG A 25 4.93 -12.24 5.26
N VAL A 26 4.88 -13.23 6.15
CA VAL A 26 4.06 -14.41 5.92
C VAL A 26 3.14 -14.68 7.11
N PRO A 27 1.83 -14.82 6.82
CA PRO A 27 0.82 -15.09 7.86
C PRO A 27 0.96 -16.48 8.45
N CYS A 28 0.37 -16.67 9.63
CA CYS A 28 0.41 -17.97 10.31
C CYS A 28 -0.82 -18.80 9.97
N ALA A 29 -0.74 -20.10 10.25
CA ALA A 29 -1.84 -21.01 9.99
C ALA A 29 -3.14 -20.50 10.61
N TYR A 30 -3.08 -20.15 11.89
CA TYR A 30 -4.25 -19.65 12.60
C TYR A 30 -4.57 -18.21 12.19
N ASP A 31 -3.52 -17.43 11.98
CA ASP A 31 -3.68 -16.03 11.57
C ASP A 31 -4.22 -15.94 10.15
N LYS A 32 -5.46 -15.49 10.02
CA LYS A 32 -6.09 -15.35 8.71
C LYS A 32 -6.14 -13.89 8.28
N THR A 33 -6.21 -12.99 9.26
CA THR A 33 -6.26 -11.56 9.00
C THR A 33 -4.90 -11.04 8.57
N ALA A 34 -3.84 -11.74 8.97
CA ALA A 34 -2.49 -11.34 8.63
C ALA A 34 -2.27 -11.36 7.12
N LEU A 35 -1.88 -10.21 6.57
CA LEU A 35 -1.64 -10.09 5.13
C LEU A 35 -0.27 -10.64 4.76
N ALA A 36 -0.21 -11.41 3.69
CA ALA A 36 1.04 -11.99 3.23
C ALA A 36 1.66 -11.14 2.13
N LEU A 37 2.96 -10.83 2.29
CA LEU A 37 3.67 -10.02 1.31
C LEU A 37 5.06 -10.59 1.05
N GLU A 38 5.70 -10.12 -0.02
CA GLU A 38 7.03 -10.58 -0.37
C GLU A 38 7.95 -9.40 -0.68
N VAL A 39 9.22 -9.53 -0.29
CA VAL A 39 10.20 -8.47 -0.52
C VAL A 39 10.02 -7.83 -1.88
N GLY A 40 9.70 -6.54 -1.89
CA GLY A 40 9.50 -5.83 -3.13
C GLY A 40 8.04 -5.80 -3.57
N ASP A 41 7.15 -5.54 -2.61
CA ASP A 41 5.73 -5.48 -2.88
C ASP A 41 5.10 -4.24 -2.27
N ILE A 42 4.43 -3.45 -3.11
CA ILE A 42 3.78 -2.22 -2.65
C ILE A 42 2.42 -2.52 -2.02
N VAL A 43 2.25 -2.11 -0.77
CA VAL A 43 1.00 -2.32 -0.06
C VAL A 43 0.11 -1.09 -0.13
N LYS A 44 -1.00 -1.20 -0.86
CA LYS A 44 -1.93 -0.09 -1.01
C LYS A 44 -2.97 -0.11 0.12
N VAL A 45 -2.86 0.84 1.04
CA VAL A 45 -3.79 0.94 2.16
C VAL A 45 -4.80 2.05 1.94
N THR A 46 -6.06 1.76 2.25
CA THR A 46 -7.13 2.75 2.09
C THR A 46 -7.76 3.11 3.43
N ARG A 47 -7.71 2.17 4.38
CA ARG A 47 -8.27 2.40 5.70
C ARG A 47 -7.19 2.26 6.78
N MET A 48 -6.78 3.40 7.33
CA MET A 48 -5.76 3.40 8.38
C MET A 48 -6.39 3.54 9.76
N ASN A 49 -6.18 2.53 10.60
CA ASN A 49 -6.73 2.54 11.95
C ASN A 49 -5.78 3.21 12.93
N ILE A 50 -6.32 3.75 14.01
CA ILE A 50 -5.51 4.42 15.02
C ILE A 50 -4.56 3.44 15.71
N ASN A 51 -5.10 2.30 16.15
CA ASN A 51 -4.30 1.29 16.81
C ASN A 51 -2.94 1.15 16.15
N GLY A 52 -2.93 1.05 14.83
CA GLY A 52 -1.68 0.92 14.10
C GLY A 52 -1.82 0.04 12.87
N GLN A 53 -2.54 -1.08 13.03
CA GLN A 53 -2.74 -2.00 11.92
C GLN A 53 -3.70 -1.44 10.89
N TRP A 54 -3.26 -1.40 9.64
CA TRP A 54 -4.09 -0.87 8.56
C TRP A 54 -4.61 -2.00 7.67
N GLU A 55 -5.47 -1.65 6.72
CA GLU A 55 -6.05 -2.63 5.81
C GLU A 55 -5.73 -2.27 4.35
N GLY A 56 -4.83 -3.05 3.74
CA GLY A 56 -4.45 -2.80 2.36
C GLY A 56 -4.37 -4.07 1.55
N GLU A 57 -4.63 -3.96 0.25
CA GLU A 57 -4.59 -5.10 -0.65
C GLU A 57 -3.26 -5.16 -1.39
N VAL A 58 -2.69 -6.36 -1.48
CA VAL A 58 -1.41 -6.54 -2.16
C VAL A 58 -1.48 -7.74 -3.12
N ASN A 59 -1.62 -7.45 -4.41
CA ASN A 59 -1.70 -8.50 -5.42
C ASN A 59 -2.30 -9.77 -4.85
N GLY A 60 -3.34 -9.60 -4.03
CA GLY A 60 -4.00 -10.75 -3.43
C GLY A 60 -5.26 -10.37 -2.68
N ARG A 61 -5.12 -10.11 -1.38
CA ARG A 61 -6.25 -9.73 -0.54
C ARG A 61 -5.88 -8.61 0.42
N LYS A 62 -6.83 -8.19 1.23
CA LYS A 62 -6.60 -7.13 2.21
C LYS A 62 -6.37 -7.70 3.60
N GLY A 63 -5.24 -7.35 4.20
CA GLY A 63 -4.92 -7.84 5.53
C GLY A 63 -4.15 -6.82 6.35
N LEU A 64 -4.02 -7.09 7.64
CA LEU A 64 -3.29 -6.19 8.54
C LEU A 64 -1.79 -6.48 8.49
N PHE A 65 -1.01 -5.44 8.18
CA PHE A 65 0.44 -5.57 8.11
C PHE A 65 1.12 -4.55 9.00
N PRO A 66 2.24 -4.96 9.63
CA PRO A 66 3.02 -4.10 10.52
C PRO A 66 3.73 -2.98 9.77
N PHE A 67 3.46 -1.74 10.17
CA PHE A 67 4.09 -0.59 9.53
C PHE A 67 5.60 -0.63 9.67
N THR A 68 6.08 -1.42 10.64
CA THR A 68 7.50 -1.55 10.89
C THR A 68 8.15 -2.49 9.88
N HIS A 69 7.34 -3.04 8.98
CA HIS A 69 7.84 -3.96 7.97
C HIS A 69 7.90 -3.28 6.60
N VAL A 70 7.01 -2.32 6.38
CA VAL A 70 6.96 -1.59 5.12
C VAL A 70 7.44 -0.15 5.30
N LYS A 71 8.32 0.29 4.40
CA LYS A 71 8.85 1.64 4.44
C LYS A 71 7.96 2.62 3.68
N ILE A 72 7.59 3.71 4.33
CA ILE A 72 6.74 4.72 3.71
C ILE A 72 7.52 5.57 2.71
N PHE A 73 7.15 5.48 1.44
CA PHE A 73 7.82 6.24 0.39
C PHE A 73 6.80 6.92 -0.51
N ASP A 74 7.23 8.00 -1.15
CA ASP A 74 6.36 8.75 -2.06
C ASP A 74 6.53 8.28 -3.49
N PRO A 75 5.42 8.23 -4.25
CA PRO A 75 5.42 7.80 -5.64
C PRO A 75 6.11 8.80 -6.56
N GLN A 76 6.14 10.06 -6.14
CA GLN A 76 6.77 11.12 -6.93
C GLN A 76 8.00 10.58 -7.66
N ASN A 77 8.91 9.97 -6.91
CA ASN A 77 10.13 9.42 -7.49
C ASN A 77 9.82 8.61 -8.74
N PRO A 78 10.57 8.88 -9.82
CA PRO A 78 10.39 8.19 -11.11
C PRO A 78 10.83 6.74 -11.05
N ASP A 79 11.52 6.38 -9.97
CA ASP A 79 12.00 5.00 -9.79
C ASP A 79 10.89 4.00 -10.08
N GLU A 80 9.80 4.10 -9.34
CA GLU A 80 8.67 3.20 -9.52
C GLU A 80 8.00 3.42 -10.87
N ASN A 81 8.55 2.78 -11.90
CA ASN A 81 8.01 2.91 -13.25
C ASN A 81 6.51 2.58 -13.28
N GLU A 82 6.16 1.44 -12.71
CA GLU A 82 4.76 1.01 -12.67
C GLU A 82 4.00 1.74 -11.57
N SER A 83 3.37 2.86 -11.95
CA SER A 83 2.60 3.66 -10.99
C SER A 83 1.52 2.82 -10.33
N GLY A 84 0.72 2.15 -11.15
CA GLY A 84 -0.36 1.32 -10.63
C GLY A 84 -1.05 0.52 -11.71
N PRO A 85 -2.13 -0.18 -11.33
CA PRO A 85 -2.91 -1.01 -12.26
C PRO A 85 -3.67 -0.18 -13.29
N SER A 86 -3.55 1.14 -13.18
CA SER A 86 -4.23 2.05 -14.09
C SER A 86 -4.03 1.61 -15.54
N SER A 87 -5.07 1.00 -16.11
CA SER A 87 -5.01 0.54 -17.49
C SER A 87 -6.41 0.49 -18.11
N GLY A 88 -6.56 1.16 -19.26
CA GLY A 88 -7.84 1.18 -19.93
C GLY A 88 -7.78 1.90 -21.27
N GLY A 1 -45.60 15.11 -9.39
CA GLY A 1 -44.56 15.33 -10.36
C GLY A 1 -43.39 14.37 -10.20
N SER A 2 -42.20 14.82 -10.59
CA SER A 2 -41.01 13.99 -10.48
C SER A 2 -39.76 14.85 -10.27
N SER A 3 -38.88 14.41 -9.38
CA SER A 3 -37.66 15.14 -9.08
C SER A 3 -36.78 14.35 -8.12
N GLY A 4 -35.58 14.87 -7.86
CA GLY A 4 -34.66 14.19 -6.97
C GLY A 4 -33.37 14.97 -6.77
N SER A 5 -32.78 14.84 -5.60
CA SER A 5 -31.53 15.55 -5.30
C SER A 5 -30.86 14.95 -4.06
N SER A 6 -29.61 14.53 -4.21
CA SER A 6 -28.85 13.93 -3.12
C SER A 6 -27.38 13.82 -3.47
N GLY A 7 -26.56 13.51 -2.47
CA GLY A 7 -25.14 13.38 -2.69
C GLY A 7 -24.38 13.02 -1.43
N PRO A 8 -23.31 12.23 -1.57
CA PRO A 8 -22.48 11.80 -0.44
C PRO A 8 -21.68 12.94 0.15
N LEU A 9 -21.05 12.69 1.30
CA LEU A 9 -20.25 13.70 1.98
C LEU A 9 -18.77 13.49 1.70
N PRO A 10 -18.02 14.60 1.57
CA PRO A 10 -16.58 14.56 1.31
C PRO A 10 -15.78 14.04 2.50
N SER A 11 -14.46 14.04 2.35
CA SER A 11 -13.58 13.56 3.42
C SER A 11 -12.22 14.23 3.33
N THR A 12 -11.62 14.49 4.50
CA THR A 12 -10.31 15.12 4.56
C THR A 12 -9.19 14.14 4.22
N GLN A 13 -9.22 13.62 2.99
CA GLN A 13 -8.22 12.66 2.54
C GLN A 13 -7.36 13.26 1.44
N ASN A 14 -6.06 12.99 1.50
CA ASN A 14 -5.12 13.50 0.51
C ASN A 14 -4.40 12.37 -0.21
N GLY A 15 -5.09 11.72 -1.14
CA GLY A 15 -4.51 10.62 -1.87
C GLY A 15 -4.10 9.47 -0.97
N PRO A 16 -4.22 8.24 -1.49
CA PRO A 16 -3.86 7.03 -0.73
C PRO A 16 -2.37 6.90 -0.51
N VAL A 17 -1.99 6.35 0.63
CA VAL A 17 -0.58 6.17 0.97
C VAL A 17 -0.08 4.79 0.55
N PHE A 18 1.13 4.75 0.01
CA PHE A 18 1.72 3.50 -0.45
C PHE A 18 3.00 3.19 0.32
N ALA A 19 3.12 1.94 0.78
CA ALA A 19 4.30 1.52 1.53
C ALA A 19 4.87 0.22 0.96
N LYS A 20 6.15 0.26 0.61
CA LYS A 20 6.82 -0.92 0.05
C LYS A 20 7.30 -1.85 1.16
N ALA A 21 7.15 -3.16 0.94
CA ALA A 21 7.58 -4.14 1.92
C ALA A 21 9.08 -4.38 1.86
N ILE A 22 9.80 -3.85 2.86
CA ILE A 22 11.24 -4.00 2.91
C ILE A 22 11.63 -5.39 3.41
N GLN A 23 10.73 -6.03 4.15
CA GLN A 23 10.97 -7.36 4.68
C GLN A 23 9.88 -8.33 4.26
N LYS A 24 10.25 -9.58 4.03
CA LYS A 24 9.30 -10.61 3.62
C LYS A 24 8.31 -10.90 4.74
N ARG A 25 7.03 -10.71 4.45
CA ARG A 25 5.98 -10.97 5.44
C ARG A 25 5.11 -12.14 5.01
N VAL A 26 5.03 -13.16 5.87
CA VAL A 26 4.22 -14.34 5.59
C VAL A 26 3.28 -14.65 6.74
N PRO A 27 1.98 -14.68 6.44
CA PRO A 27 0.95 -14.98 7.45
C PRO A 27 0.97 -16.44 7.90
N CYS A 28 1.09 -16.63 9.22
CA CYS A 28 1.14 -17.97 9.78
C CYS A 28 -0.05 -18.81 9.30
N ALA A 29 0.16 -20.11 9.18
CA ALA A 29 -0.89 -21.02 8.73
C ALA A 29 -2.21 -20.72 9.42
N TYR A 30 -2.18 -20.71 10.76
CA TYR A 30 -3.37 -20.44 11.55
C TYR A 30 -3.85 -19.01 11.33
N ASP A 31 -2.92 -18.10 11.07
CA ASP A 31 -3.25 -16.70 10.85
C ASP A 31 -3.73 -16.49 9.42
N LYS A 32 -4.83 -15.75 9.28
CA LYS A 32 -5.39 -15.47 7.96
C LYS A 32 -5.59 -13.96 7.77
N THR A 33 -5.82 -13.25 8.87
CA THR A 33 -6.03 -11.81 8.82
C THR A 33 -4.76 -11.08 8.39
N ALA A 34 -3.61 -11.67 8.70
CA ALA A 34 -2.33 -11.08 8.33
C ALA A 34 -2.16 -11.05 6.82
N LEU A 35 -1.76 -9.89 6.30
CA LEU A 35 -1.56 -9.72 4.86
C LEU A 35 -0.24 -10.35 4.42
N ALA A 36 -0.28 -11.06 3.29
CA ALA A 36 0.92 -11.71 2.76
C ALA A 36 1.59 -10.83 1.70
N LEU A 37 2.89 -10.63 1.86
CA LEU A 37 3.66 -9.82 0.91
C LEU A 37 5.05 -10.39 0.72
N GLU A 38 5.74 -9.92 -0.32
CA GLU A 38 7.09 -10.38 -0.62
C GLU A 38 8.02 -9.20 -0.94
N VAL A 39 9.27 -9.31 -0.52
CA VAL A 39 10.25 -8.26 -0.76
C VAL A 39 10.05 -7.61 -2.13
N GLY A 40 9.60 -6.37 -2.13
CA GLY A 40 9.37 -5.66 -3.37
C GLY A 40 7.91 -5.67 -3.79
N ASP A 41 7.02 -5.47 -2.83
CA ASP A 41 5.59 -5.46 -3.10
C ASP A 41 4.94 -4.18 -2.58
N ILE A 42 4.24 -3.48 -3.45
CA ILE A 42 3.58 -2.24 -3.08
C ILE A 42 2.27 -2.51 -2.34
N VAL A 43 2.20 -2.05 -1.09
CA VAL A 43 1.00 -2.25 -0.28
C VAL A 43 0.12 -1.00 -0.30
N LYS A 44 -0.94 -1.04 -1.10
CA LYS A 44 -1.86 0.09 -1.20
C LYS A 44 -2.86 0.07 -0.04
N VAL A 45 -2.70 1.02 0.88
CA VAL A 45 -3.59 1.12 2.03
C VAL A 45 -4.49 2.34 1.92
N THR A 46 -5.79 2.13 2.18
CA THR A 46 -6.76 3.22 2.11
C THR A 46 -7.28 3.58 3.49
N ARG A 47 -7.33 2.59 4.38
CA ARG A 47 -7.81 2.81 5.74
C ARG A 47 -6.76 2.37 6.76
N MET A 48 -6.40 3.29 7.65
CA MET A 48 -5.40 3.00 8.68
C MET A 48 -6.02 3.10 10.07
N ASN A 49 -6.00 1.99 10.80
CA ASN A 49 -6.56 1.94 12.15
C ASN A 49 -5.63 2.64 13.14
N ILE A 50 -6.22 3.26 14.15
CA ILE A 50 -5.44 3.96 15.17
C ILE A 50 -4.51 2.99 15.91
N ASN A 51 -5.04 1.85 16.30
CA ASN A 51 -4.26 0.84 17.01
C ASN A 51 -2.88 0.70 16.38
N GLY A 52 -2.83 0.68 15.05
CA GLY A 52 -1.57 0.53 14.35
C GLY A 52 -1.70 -0.26 13.06
N GLN A 53 -2.43 -1.37 13.13
CA GLN A 53 -2.64 -2.22 11.96
C GLN A 53 -3.55 -1.55 10.95
N TRP A 54 -3.08 -1.43 9.72
CA TRP A 54 -3.86 -0.80 8.66
C TRP A 54 -4.46 -1.86 7.73
N GLU A 55 -5.35 -1.43 6.85
CA GLU A 55 -6.00 -2.34 5.91
C GLU A 55 -5.58 -2.03 4.48
N GLY A 56 -4.88 -2.97 3.86
CA GLY A 56 -4.43 -2.78 2.50
C GLY A 56 -4.73 -3.98 1.61
N GLU A 57 -4.69 -3.77 0.30
CA GLU A 57 -4.97 -4.84 -0.65
C GLU A 57 -3.77 -5.09 -1.56
N VAL A 58 -3.30 -6.33 -1.59
CA VAL A 58 -2.16 -6.70 -2.42
C VAL A 58 -2.32 -8.11 -2.97
N ASN A 59 -2.00 -8.27 -4.26
CA ASN A 59 -2.11 -9.57 -4.91
C ASN A 59 -3.44 -10.23 -4.60
N GLY A 60 -4.53 -9.47 -4.77
CA GLY A 60 -5.85 -9.99 -4.50
C GLY A 60 -5.98 -10.57 -3.10
N ARG A 61 -5.44 -9.85 -2.12
CA ARG A 61 -5.49 -10.31 -0.74
C ARG A 61 -5.66 -9.13 0.22
N LYS A 62 -6.46 -9.33 1.26
CA LYS A 62 -6.71 -8.28 2.24
C LYS A 62 -6.34 -8.75 3.65
N GLY A 63 -5.33 -8.11 4.23
CA GLY A 63 -4.90 -8.48 5.56
C GLY A 63 -4.24 -7.32 6.30
N LEU A 64 -4.06 -7.48 7.61
CA LEU A 64 -3.44 -6.45 8.43
C LEU A 64 -1.93 -6.64 8.50
N PHE A 65 -1.19 -5.60 8.13
CA PHE A 65 0.27 -5.66 8.15
C PHE A 65 0.85 -4.53 9.00
N PRO A 66 1.93 -4.84 9.73
CA PRO A 66 2.60 -3.87 10.61
C PRO A 66 3.32 -2.78 9.81
N PHE A 67 3.03 -1.52 10.13
CA PHE A 67 3.65 -0.40 9.45
C PHE A 67 5.16 -0.43 9.62
N THR A 68 5.63 -1.20 10.59
CA THR A 68 7.06 -1.33 10.86
C THR A 68 7.75 -2.17 9.79
N HIS A 69 7.04 -3.20 9.31
CA HIS A 69 7.58 -4.09 8.29
C HIS A 69 7.81 -3.34 6.98
N VAL A 70 6.92 -2.39 6.70
CA VAL A 70 7.02 -1.60 5.47
C VAL A 70 7.70 -0.26 5.73
N LYS A 71 8.02 0.45 4.66
CA LYS A 71 8.67 1.75 4.77
C LYS A 71 7.97 2.79 3.91
N ILE A 72 7.58 3.90 4.52
CA ILE A 72 6.89 4.97 3.82
C ILE A 72 7.85 5.75 2.92
N PHE A 73 7.86 5.41 1.63
CA PHE A 73 8.74 6.07 0.68
C PHE A 73 7.95 7.04 -0.20
N ASP A 74 8.64 7.66 -1.15
CA ASP A 74 8.00 8.61 -2.05
C ASP A 74 7.86 8.02 -3.45
N PRO A 75 6.75 7.30 -3.69
CA PRO A 75 6.46 6.67 -4.98
C PRO A 75 6.16 7.70 -6.07
N GLN A 76 6.23 8.97 -5.71
CA GLN A 76 5.96 10.05 -6.66
C GLN A 76 7.21 10.38 -7.49
N ASN A 77 7.91 9.34 -7.91
CA ASN A 77 9.13 9.51 -8.72
C ASN A 77 8.94 8.97 -10.12
N PRO A 78 8.36 9.80 -11.01
CA PRO A 78 8.10 9.42 -12.40
C PRO A 78 9.40 9.30 -13.21
N ASP A 79 10.52 9.57 -12.55
CA ASP A 79 11.82 9.49 -13.21
C ASP A 79 12.37 8.07 -13.16
N GLU A 80 12.30 7.45 -11.99
CA GLU A 80 12.79 6.09 -11.81
C GLU A 80 11.69 5.18 -11.29
N ASN A 81 11.08 4.42 -12.19
CA ASN A 81 10.02 3.50 -11.83
C ASN A 81 9.98 2.29 -12.75
N GLU A 82 10.24 1.11 -12.19
CA GLU A 82 10.25 -0.12 -12.96
C GLU A 82 8.90 -0.36 -13.63
N SER A 83 8.91 -1.09 -14.75
CA SER A 83 7.69 -1.38 -15.48
C SER A 83 6.77 -2.30 -14.68
N GLY A 84 7.36 -3.33 -14.08
CA GLY A 84 6.59 -4.27 -13.29
C GLY A 84 7.35 -5.54 -12.99
N PRO A 85 8.18 -5.50 -11.93
CA PRO A 85 9.00 -6.66 -11.53
C PRO A 85 8.15 -7.78 -10.94
N SER A 86 7.69 -8.68 -11.80
CA SER A 86 6.86 -9.80 -11.37
C SER A 86 6.78 -10.87 -12.45
N SER A 87 6.76 -12.13 -12.03
CA SER A 87 6.69 -13.24 -12.97
C SER A 87 5.36 -13.24 -13.72
N GLY A 88 5.43 -13.28 -15.05
CA GLY A 88 4.22 -13.28 -15.85
C GLY A 88 3.31 -14.45 -15.53
N GLY A 1 -15.02 4.57 -36.33
CA GLY A 1 -14.41 5.44 -35.33
C GLY A 1 -12.99 5.02 -34.98
N SER A 2 -12.52 5.45 -33.82
CA SER A 2 -11.17 5.11 -33.38
C SER A 2 -11.21 3.99 -32.34
N SER A 3 -10.18 3.15 -32.36
CA SER A 3 -10.10 2.03 -31.42
C SER A 3 -10.56 2.45 -30.03
N GLY A 4 -10.04 3.58 -29.56
CA GLY A 4 -10.41 4.07 -28.24
C GLY A 4 -9.97 5.50 -28.01
N SER A 5 -10.77 6.26 -27.26
CA SER A 5 -10.46 7.66 -26.98
C SER A 5 -9.39 7.76 -25.89
N SER A 6 -8.38 8.58 -26.13
CA SER A 6 -7.29 8.77 -25.18
C SER A 6 -7.72 9.70 -24.04
N GLY A 7 -7.46 9.29 -22.81
CA GLY A 7 -7.82 10.09 -21.67
C GLY A 7 -7.15 11.46 -21.68
N PRO A 8 -7.66 12.39 -20.86
CA PRO A 8 -7.13 13.75 -20.77
C PRO A 8 -5.76 13.78 -20.11
N LEU A 9 -5.08 14.92 -20.24
CA LEU A 9 -3.75 15.09 -19.64
C LEU A 9 -3.69 14.43 -18.26
N PRO A 10 -2.57 13.75 -17.98
CA PRO A 10 -2.36 13.06 -16.70
C PRO A 10 -2.16 14.05 -15.55
N SER A 11 -2.42 13.58 -14.33
CA SER A 11 -2.27 14.42 -13.15
C SER A 11 -2.45 13.59 -11.88
N THR A 12 -1.65 13.91 -10.86
CA THR A 12 -1.71 13.21 -9.58
C THR A 12 -2.30 14.09 -8.49
N GLN A 13 -3.21 13.51 -7.71
CA GLN A 13 -3.85 14.25 -6.63
C GLN A 13 -3.98 13.39 -5.38
N ASN A 14 -4.50 13.97 -4.31
CA ASN A 14 -4.67 13.25 -3.05
C ASN A 14 -5.26 11.87 -3.29
N GLY A 15 -4.58 10.84 -2.79
CA GLY A 15 -5.05 9.47 -2.97
C GLY A 15 -4.63 8.58 -1.83
N PRO A 16 -4.66 7.25 -2.07
CA PRO A 16 -4.30 6.25 -1.07
C PRO A 16 -2.80 6.26 -0.76
N VAL A 17 -2.44 5.81 0.43
CA VAL A 17 -1.05 5.77 0.85
C VAL A 17 -0.40 4.44 0.46
N PHE A 18 0.80 4.52 -0.13
CA PHE A 18 1.52 3.33 -0.54
C PHE A 18 2.72 3.06 0.38
N ALA A 19 3.10 1.80 0.48
CA ALA A 19 4.22 1.41 1.32
C ALA A 19 5.03 0.28 0.67
N LYS A 20 6.33 0.51 0.52
CA LYS A 20 7.21 -0.48 -0.08
C LYS A 20 7.71 -1.48 0.96
N ALA A 21 7.36 -2.74 0.78
CA ALA A 21 7.76 -3.79 1.72
C ALA A 21 9.28 -3.91 1.76
N ILE A 22 9.86 -3.63 2.93
CA ILE A 22 11.30 -3.71 3.11
C ILE A 22 11.73 -5.11 3.51
N GLN A 23 10.90 -5.77 4.33
CA GLN A 23 11.20 -7.12 4.79
C GLN A 23 10.13 -8.10 4.31
N LYS A 24 10.54 -9.35 4.08
CA LYS A 24 9.61 -10.38 3.63
C LYS A 24 8.62 -10.75 4.72
N ARG A 25 7.33 -10.61 4.43
CA ARG A 25 6.28 -10.93 5.39
C ARG A 25 5.68 -12.30 5.11
N VAL A 26 5.88 -13.23 6.05
CA VAL A 26 5.36 -14.58 5.89
C VAL A 26 4.37 -14.91 7.01
N PRO A 27 3.07 -14.68 6.74
CA PRO A 27 2.00 -14.95 7.70
C PRO A 27 1.79 -16.44 7.93
N CYS A 28 1.12 -16.77 9.03
CA CYS A 28 0.84 -18.17 9.36
C CYS A 28 -0.31 -18.72 8.53
N ALA A 29 -0.05 -19.81 7.83
CA ALA A 29 -1.08 -20.44 6.99
C ALA A 29 -2.44 -20.37 7.65
N TYR A 30 -2.51 -20.74 8.92
CA TYR A 30 -3.76 -20.73 9.66
C TYR A 30 -4.36 -19.33 9.68
N ASP A 31 -3.52 -18.34 9.94
CA ASP A 31 -3.97 -16.94 9.99
C ASP A 31 -4.49 -16.49 8.63
N LYS A 32 -5.67 -15.90 8.63
CA LYS A 32 -6.29 -15.41 7.39
C LYS A 32 -6.22 -13.89 7.31
N THR A 33 -6.43 -13.23 8.44
CA THR A 33 -6.40 -11.78 8.50
C THR A 33 -5.00 -11.25 8.20
N ALA A 34 -3.98 -12.06 8.50
CA ALA A 34 -2.60 -11.67 8.26
C ALA A 34 -2.30 -11.61 6.77
N LEU A 35 -2.05 -10.41 6.27
CA LEU A 35 -1.75 -10.22 4.85
C LEU A 35 -0.31 -10.62 4.55
N ALA A 36 -0.12 -11.34 3.44
CA ALA A 36 1.21 -11.78 3.04
C ALA A 36 1.81 -10.84 2.01
N LEU A 37 3.11 -10.56 2.14
CA LEU A 37 3.80 -9.67 1.21
C LEU A 37 5.20 -10.19 0.90
N GLU A 38 5.79 -9.67 -0.16
CA GLU A 38 7.14 -10.08 -0.57
C GLU A 38 8.05 -8.87 -0.73
N VAL A 39 9.22 -8.93 -0.13
CA VAL A 39 10.19 -7.84 -0.22
C VAL A 39 10.13 -7.17 -1.58
N GLY A 40 9.70 -5.91 -1.59
CA GLY A 40 9.60 -5.17 -2.83
C GLY A 40 8.19 -5.09 -3.35
N ASP A 41 7.22 -4.97 -2.45
CA ASP A 41 5.81 -4.89 -2.82
C ASP A 41 5.17 -3.61 -2.28
N ILE A 42 4.34 -2.99 -3.10
CA ILE A 42 3.66 -1.75 -2.71
C ILE A 42 2.32 -2.05 -2.05
N VAL A 43 2.29 -2.01 -0.72
CA VAL A 43 1.06 -2.26 0.02
C VAL A 43 0.14 -1.05 0.01
N LYS A 44 -0.88 -1.09 -0.85
CA LYS A 44 -1.82 0.01 -0.96
C LYS A 44 -2.90 -0.08 0.13
N VAL A 45 -2.81 0.82 1.10
CA VAL A 45 -3.77 0.83 2.20
C VAL A 45 -4.70 2.05 2.10
N THR A 46 -6.01 1.78 2.15
CA THR A 46 -7.00 2.84 2.06
C THR A 46 -7.31 3.43 3.43
N ARG A 47 -7.22 2.59 4.46
CA ARG A 47 -7.49 3.02 5.82
C ARG A 47 -6.30 2.73 6.73
N MET A 48 -5.86 3.75 7.46
CA MET A 48 -4.73 3.60 8.37
C MET A 48 -5.18 3.69 9.82
N ASN A 49 -5.35 2.53 10.45
CA ASN A 49 -5.79 2.48 11.85
C ASN A 49 -4.78 3.17 12.77
N ILE A 50 -5.14 3.33 14.03
CA ILE A 50 -4.26 3.98 15.00
C ILE A 50 -3.57 2.95 15.88
N ASN A 51 -4.24 1.81 16.10
CA ASN A 51 -3.67 0.74 16.91
C ASN A 51 -2.22 0.45 16.52
N GLY A 52 -2.03 0.14 15.24
CA GLY A 52 -0.69 -0.16 14.75
C GLY A 52 -0.70 -0.71 13.34
N GLN A 53 -1.60 -1.65 13.08
CA GLN A 53 -1.71 -2.27 11.76
C GLN A 53 -2.69 -1.49 10.88
N TRP A 54 -2.54 -1.66 9.57
CA TRP A 54 -3.42 -0.97 8.62
C TRP A 54 -4.12 -1.97 7.71
N GLU A 55 -5.04 -1.47 6.89
CA GLU A 55 -5.78 -2.33 5.96
C GLU A 55 -5.37 -2.05 4.52
N GLY A 56 -4.72 -3.03 3.90
CA GLY A 56 -4.28 -2.88 2.52
C GLY A 56 -4.57 -4.11 1.69
N GLU A 57 -4.57 -3.93 0.36
CA GLU A 57 -4.84 -5.04 -0.55
C GLU A 57 -3.63 -5.31 -1.44
N VAL A 58 -3.18 -6.57 -1.44
CA VAL A 58 -2.04 -6.96 -2.25
C VAL A 58 -2.20 -8.38 -2.78
N ASN A 59 -1.78 -8.59 -4.02
CA ASN A 59 -1.89 -9.91 -4.65
C ASN A 59 -3.27 -10.52 -4.42
N GLY A 60 -4.31 -9.73 -4.67
CA GLY A 60 -5.67 -10.20 -4.48
C GLY A 60 -5.90 -10.75 -3.07
N ARG A 61 -5.41 -10.02 -2.07
CA ARG A 61 -5.57 -10.42 -0.69
C ARG A 61 -5.57 -9.21 0.25
N LYS A 62 -6.65 -9.05 1.00
CA LYS A 62 -6.78 -7.93 1.93
C LYS A 62 -6.64 -8.41 3.38
N GLY A 63 -5.62 -7.92 4.06
CA GLY A 63 -5.39 -8.30 5.44
C GLY A 63 -4.64 -7.25 6.23
N LEU A 64 -4.57 -7.43 7.54
CA LEU A 64 -3.87 -6.48 8.40
C LEU A 64 -2.39 -6.79 8.46
N PHE A 65 -1.57 -5.82 8.11
CA PHE A 65 -0.12 -5.99 8.12
C PHE A 65 0.55 -4.92 8.97
N PRO A 66 1.62 -5.30 9.68
CA PRO A 66 2.37 -4.40 10.56
C PRO A 66 3.15 -3.35 9.77
N PHE A 67 3.16 -2.12 10.27
CA PHE A 67 3.86 -1.03 9.62
C PHE A 67 5.38 -1.16 9.82
N THR A 68 5.76 -1.77 10.93
CA THR A 68 7.17 -1.97 11.25
C THR A 68 7.84 -2.90 10.25
N HIS A 69 7.03 -3.47 9.35
CA HIS A 69 7.55 -4.38 8.34
C HIS A 69 7.71 -3.68 6.99
N VAL A 70 7.15 -2.48 6.90
CA VAL A 70 7.23 -1.69 5.67
C VAL A 70 7.66 -0.27 5.96
N LYS A 71 8.10 0.43 4.91
CA LYS A 71 8.55 1.82 5.04
C LYS A 71 7.87 2.71 4.02
N ILE A 72 7.28 3.81 4.50
CA ILE A 72 6.60 4.75 3.62
C ILE A 72 7.58 5.43 2.68
N PHE A 73 7.26 5.42 1.38
CA PHE A 73 8.11 6.04 0.37
C PHE A 73 7.28 6.82 -0.64
N ASP A 74 7.95 7.67 -1.41
CA ASP A 74 7.27 8.48 -2.42
C ASP A 74 7.51 7.93 -3.82
N PRO A 75 6.58 7.08 -4.28
CA PRO A 75 6.66 6.46 -5.61
C PRO A 75 6.45 7.47 -6.73
N GLN A 76 5.49 8.36 -6.55
CA GLN A 76 5.19 9.38 -7.55
C GLN A 76 5.65 10.76 -7.07
N ASN A 77 6.76 10.80 -6.35
CA ASN A 77 7.30 12.06 -5.84
C ASN A 77 7.01 13.21 -6.80
N PRO A 78 5.93 13.94 -6.52
CA PRO A 78 5.51 15.08 -7.34
C PRO A 78 6.46 16.26 -7.22
N ASP A 79 7.47 16.12 -6.37
CA ASP A 79 8.45 17.18 -6.16
C ASP A 79 9.52 17.14 -7.24
N GLU A 80 9.76 18.29 -7.87
CA GLU A 80 10.75 18.39 -8.93
C GLU A 80 12.08 18.90 -8.37
N ASN A 81 12.87 17.98 -7.83
CA ASN A 81 14.17 18.33 -7.27
C ASN A 81 15.23 18.46 -8.37
N GLU A 82 15.72 19.67 -8.56
CA GLU A 82 16.73 19.93 -9.58
C GLU A 82 18.12 20.06 -8.95
N SER A 83 19.15 19.93 -9.78
CA SER A 83 20.53 20.02 -9.30
C SER A 83 20.97 21.48 -9.20
N GLY A 84 21.01 22.00 -7.97
CA GLY A 84 21.42 23.37 -7.75
C GLY A 84 22.25 23.53 -6.50
N PRO A 85 23.17 24.52 -6.51
CA PRO A 85 24.05 24.80 -5.38
C PRO A 85 23.30 25.40 -4.19
N SER A 86 22.79 24.52 -3.32
CA SER A 86 22.05 24.97 -2.15
C SER A 86 22.95 25.75 -1.19
N SER A 87 23.21 27.01 -1.52
CA SER A 87 24.06 27.85 -0.69
C SER A 87 23.47 28.01 0.71
N GLY A 88 24.18 27.49 1.71
CA GLY A 88 23.71 27.58 3.08
C GLY A 88 24.76 27.14 4.08
N GLY A 1 -10.94 -4.51 -33.34
CA GLY A 1 -10.38 -4.00 -32.11
C GLY A 1 -10.55 -2.51 -31.96
N SER A 2 -9.86 -1.92 -30.99
CA SER A 2 -9.96 -0.49 -30.73
C SER A 2 -8.84 -0.02 -29.80
N SER A 3 -8.76 1.28 -29.59
CA SER A 3 -7.74 1.86 -28.72
C SER A 3 -8.24 3.14 -28.05
N GLY A 4 -7.53 3.58 -27.03
CA GLY A 4 -7.91 4.78 -26.32
C GLY A 4 -6.72 5.56 -25.80
N SER A 5 -6.97 6.50 -24.89
CA SER A 5 -5.91 7.31 -24.31
C SER A 5 -6.39 8.01 -23.04
N SER A 6 -5.45 8.52 -22.25
CA SER A 6 -5.78 9.21 -21.02
C SER A 6 -4.53 9.80 -20.38
N GLY A 7 -4.72 10.70 -19.42
CA GLY A 7 -3.60 11.32 -18.73
C GLY A 7 -4.03 12.11 -17.51
N PRO A 8 -3.19 12.09 -16.47
CA PRO A 8 -3.46 12.80 -15.22
C PRO A 8 -3.38 14.32 -15.39
N LEU A 9 -3.68 15.05 -14.32
CA LEU A 9 -3.64 16.51 -14.35
C LEU A 9 -2.52 17.04 -13.47
N PRO A 10 -2.06 18.26 -13.76
CA PRO A 10 -0.98 18.91 -13.00
C PRO A 10 -1.42 19.30 -11.60
N SER A 11 -2.69 19.06 -11.29
CA SER A 11 -3.23 19.39 -9.97
C SER A 11 -2.74 18.41 -8.91
N THR A 12 -2.73 18.85 -7.67
CA THR A 12 -2.29 18.00 -6.56
C THR A 12 -3.35 17.91 -5.47
N GLN A 13 -3.61 16.70 -5.01
CA GLN A 13 -4.61 16.48 -3.97
C GLN A 13 -4.25 15.27 -3.11
N ASN A 14 -4.50 15.37 -1.82
CA ASN A 14 -4.20 14.28 -0.89
C ASN A 14 -4.64 12.94 -1.48
N GLY A 15 -3.68 12.04 -1.66
CA GLY A 15 -3.98 10.73 -2.20
C GLY A 15 -3.71 9.60 -1.21
N PRO A 16 -3.84 8.36 -1.67
CA PRO A 16 -3.61 7.18 -0.84
C PRO A 16 -2.14 7.00 -0.48
N VAL A 17 -1.89 6.40 0.67
CA VAL A 17 -0.53 6.16 1.14
C VAL A 17 0.02 4.84 0.60
N PHE A 18 1.26 4.85 0.14
CA PHE A 18 1.89 3.66 -0.40
C PHE A 18 3.07 3.23 0.46
N ALA A 19 3.10 1.95 0.81
CA ALA A 19 4.18 1.40 1.64
C ALA A 19 4.82 0.18 0.98
N LYS A 20 6.11 0.28 0.69
CA LYS A 20 6.84 -0.81 0.06
C LYS A 20 7.33 -1.81 1.10
N ALA A 21 7.22 -3.09 0.78
CA ALA A 21 7.66 -4.15 1.68
C ALA A 21 9.17 -4.36 1.60
N ILE A 22 9.87 -3.99 2.68
CA ILE A 22 11.31 -4.14 2.74
C ILE A 22 11.71 -5.51 3.24
N GLN A 23 10.88 -6.07 4.11
CA GLN A 23 11.15 -7.39 4.68
C GLN A 23 10.06 -8.39 4.28
N LYS A 24 10.46 -9.63 4.04
CA LYS A 24 9.53 -10.68 3.66
C LYS A 24 8.50 -10.94 4.76
N ARG A 25 7.22 -10.90 4.40
CA ARG A 25 6.16 -11.13 5.35
C ARG A 25 5.53 -12.51 5.16
N VAL A 26 5.67 -13.36 6.17
CA VAL A 26 5.13 -14.72 6.12
C VAL A 26 4.03 -14.91 7.16
N PRO A 27 2.78 -14.69 6.74
CA PRO A 27 1.61 -14.83 7.62
C PRO A 27 1.34 -16.29 7.99
N CYS A 28 0.60 -16.49 9.07
CA CYS A 28 0.26 -17.83 9.52
C CYS A 28 -0.93 -18.39 8.76
N ALA A 29 -1.19 -19.68 8.92
CA ALA A 29 -2.30 -20.33 8.24
C ALA A 29 -3.62 -20.04 8.95
N TYR A 30 -3.60 -20.09 10.27
CA TYR A 30 -4.80 -19.83 11.06
C TYR A 30 -5.20 -18.36 10.97
N ASP A 31 -4.21 -17.48 10.91
CA ASP A 31 -4.45 -16.04 10.83
C ASP A 31 -4.94 -15.67 9.43
N LYS A 32 -6.26 -15.62 9.27
CA LYS A 32 -6.86 -15.27 7.99
C LYS A 32 -6.81 -13.76 7.76
N THR A 33 -6.52 -13.02 8.81
CA THR A 33 -6.44 -11.56 8.73
C THR A 33 -4.99 -11.10 8.55
N ALA A 34 -4.10 -12.06 8.31
CA ALA A 34 -2.69 -11.76 8.11
C ALA A 34 -2.35 -11.64 6.62
N LEU A 35 -1.99 -10.43 6.20
CA LEU A 35 -1.65 -10.17 4.81
C LEU A 35 -0.23 -10.63 4.51
N ALA A 36 -0.08 -11.37 3.41
CA ALA A 36 1.24 -11.88 3.01
C ALA A 36 1.87 -10.96 1.96
N LEU A 37 3.17 -10.73 2.11
CA LEU A 37 3.90 -9.88 1.17
C LEU A 37 5.26 -10.47 0.84
N GLU A 38 5.89 -9.94 -0.21
CA GLU A 38 7.21 -10.42 -0.63
C GLU A 38 8.18 -9.26 -0.81
N VAL A 39 9.41 -9.45 -0.37
CA VAL A 39 10.43 -8.41 -0.50
C VAL A 39 10.35 -7.72 -1.86
N GLY A 40 9.90 -6.47 -1.85
CA GLY A 40 9.78 -5.72 -3.08
C GLY A 40 8.36 -5.70 -3.62
N ASP A 41 7.41 -5.44 -2.74
CA ASP A 41 6.00 -5.41 -3.14
C ASP A 41 5.33 -4.14 -2.63
N ILE A 42 4.47 -3.56 -3.47
CA ILE A 42 3.77 -2.33 -3.10
C ILE A 42 2.46 -2.65 -2.38
N VAL A 43 2.28 -2.04 -1.21
CA VAL A 43 1.07 -2.25 -0.42
C VAL A 43 0.21 -1.00 -0.39
N LYS A 44 -0.85 -0.99 -1.21
CA LYS A 44 -1.76 0.14 -1.28
C LYS A 44 -2.78 0.08 -0.15
N VAL A 45 -2.63 0.98 0.82
CA VAL A 45 -3.54 1.04 1.96
C VAL A 45 -4.49 2.22 1.85
N THR A 46 -5.75 2.02 2.22
CA THR A 46 -6.74 3.07 2.16
C THR A 46 -7.35 3.34 3.54
N ARG A 47 -7.29 2.34 4.41
CA ARG A 47 -7.82 2.46 5.76
C ARG A 47 -6.71 2.32 6.80
N MET A 48 -6.53 3.36 7.61
CA MET A 48 -5.51 3.36 8.64
C MET A 48 -6.13 3.49 10.03
N ASN A 49 -5.99 2.44 10.83
CA ASN A 49 -6.55 2.43 12.18
C ASN A 49 -5.59 3.09 13.16
N ILE A 50 -6.13 3.57 14.28
CA ILE A 50 -5.31 4.22 15.30
C ILE A 50 -4.46 3.20 16.05
N ASN A 51 -5.05 2.03 16.32
CA ASN A 51 -4.35 0.97 17.04
C ASN A 51 -2.95 0.77 16.46
N GLY A 52 -2.87 0.67 15.14
CA GLY A 52 -1.58 0.47 14.49
C GLY A 52 -1.70 -0.32 13.20
N GLN A 53 -2.45 -1.42 13.25
CA GLN A 53 -2.64 -2.27 12.08
C GLN A 53 -3.52 -1.59 11.05
N TRP A 54 -3.03 -1.51 9.81
CA TRP A 54 -3.77 -0.86 8.73
C TRP A 54 -4.38 -1.90 7.81
N GLU A 55 -5.24 -1.46 6.90
CA GLU A 55 -5.90 -2.36 5.96
C GLU A 55 -5.49 -2.03 4.52
N GLY A 56 -4.71 -2.92 3.92
CA GLY A 56 -4.26 -2.71 2.56
C GLY A 56 -4.54 -3.91 1.67
N GLU A 57 -4.39 -3.72 0.36
CA GLU A 57 -4.63 -4.79 -0.61
C GLU A 57 -3.35 -5.14 -1.36
N VAL A 58 -2.93 -6.40 -1.26
CA VAL A 58 -1.72 -6.86 -1.94
C VAL A 58 -1.91 -8.26 -2.50
N ASN A 59 -1.57 -8.42 -3.77
CA ASN A 59 -1.70 -9.72 -4.44
C ASN A 59 -3.14 -10.24 -4.34
N GLY A 60 -4.09 -9.35 -4.60
CA GLY A 60 -5.49 -9.74 -4.54
C GLY A 60 -5.89 -10.25 -3.17
N ARG A 61 -5.38 -9.60 -2.12
CA ARG A 61 -5.69 -10.00 -0.75
C ARG A 61 -5.65 -8.80 0.18
N LYS A 62 -6.49 -8.83 1.21
CA LYS A 62 -6.55 -7.74 2.19
C LYS A 62 -6.35 -8.27 3.60
N GLY A 63 -5.31 -7.78 4.27
CA GLY A 63 -5.03 -8.20 5.63
C GLY A 63 -4.28 -7.15 6.43
N LEU A 64 -4.15 -7.37 7.73
CA LEU A 64 -3.46 -6.44 8.60
C LEU A 64 -1.95 -6.70 8.59
N PHE A 65 -1.19 -5.68 8.20
CA PHE A 65 0.27 -5.80 8.14
C PHE A 65 0.93 -4.75 9.02
N PRO A 66 2.04 -5.14 9.68
CA PRO A 66 2.79 -4.24 10.56
C PRO A 66 3.51 -3.14 9.79
N PHE A 67 3.13 -1.90 10.07
CA PHE A 67 3.74 -0.74 9.41
C PHE A 67 5.26 -0.76 9.58
N THR A 68 5.72 -1.39 10.65
CA THR A 68 7.15 -1.47 10.93
C THR A 68 7.87 -2.30 9.88
N HIS A 69 7.18 -3.30 9.34
CA HIS A 69 7.76 -4.17 8.32
C HIS A 69 7.88 -3.43 6.99
N VAL A 70 6.91 -2.56 6.71
CA VAL A 70 6.91 -1.80 5.47
C VAL A 70 7.47 -0.40 5.69
N LYS A 71 7.72 0.31 4.60
CA LYS A 71 8.26 1.66 4.66
C LYS A 71 7.45 2.63 3.80
N ILE A 72 6.97 3.71 4.42
CA ILE A 72 6.19 4.70 3.71
C ILE A 72 7.04 5.48 2.71
N PHE A 73 6.64 5.45 1.45
CA PHE A 73 7.37 6.16 0.39
C PHE A 73 6.44 6.59 -0.73
N ASP A 74 6.78 7.68 -1.38
CA ASP A 74 5.96 8.21 -2.48
C ASP A 74 6.49 7.72 -3.83
N PRO A 75 5.78 6.75 -4.42
CA PRO A 75 6.17 6.17 -5.71
C PRO A 75 5.98 7.16 -6.87
N GLN A 76 5.54 8.37 -6.54
CA GLN A 76 5.32 9.40 -7.54
C GLN A 76 4.23 8.97 -8.53
N ASN A 77 3.09 8.57 -8.01
CA ASN A 77 1.98 8.13 -8.85
C ASN A 77 0.75 9.02 -8.63
N PRO A 78 0.10 9.40 -9.75
CA PRO A 78 -1.10 10.25 -9.70
C PRO A 78 -2.31 9.52 -9.14
N ASP A 79 -2.13 8.24 -8.82
CA ASP A 79 -3.20 7.43 -8.26
C ASP A 79 -3.99 8.22 -7.22
N GLU A 80 -5.25 7.84 -7.04
CA GLU A 80 -6.12 8.51 -6.07
C GLU A 80 -7.36 7.68 -5.78
N ASN A 81 -7.63 7.47 -4.49
CA ASN A 81 -8.79 6.68 -4.07
C ASN A 81 -10.09 7.40 -4.44
N GLU A 82 -11.20 6.67 -4.40
CA GLU A 82 -12.50 7.23 -4.72
C GLU A 82 -13.44 7.16 -3.51
N SER A 83 -13.53 5.98 -2.91
CA SER A 83 -14.40 5.78 -1.76
C SER A 83 -14.39 7.01 -0.85
N GLY A 84 -13.18 7.50 -0.55
CA GLY A 84 -13.06 8.67 0.30
C GLY A 84 -12.98 8.31 1.77
N PRO A 85 -11.79 7.86 2.21
CA PRO A 85 -11.57 7.47 3.60
C PRO A 85 -11.56 8.67 4.55
N SER A 86 -11.75 9.86 3.99
CA SER A 86 -11.78 11.08 4.78
C SER A 86 -12.50 10.86 6.11
N SER A 87 -13.66 10.20 6.04
CA SER A 87 -14.45 9.93 7.24
C SER A 87 -15.23 8.62 7.08
N GLY A 88 -15.10 7.75 8.08
CA GLY A 88 -15.79 6.47 8.03
C GLY A 88 -16.57 6.20 9.31
N GLY A 1 -18.62 -13.16 -5.70
CA GLY A 1 -17.52 -12.31 -6.12
C GLY A 1 -18.00 -10.93 -6.56
N SER A 2 -17.77 -10.61 -7.83
CA SER A 2 -18.17 -9.32 -8.37
C SER A 2 -18.34 -9.39 -9.90
N SER A 3 -19.52 -9.02 -10.37
CA SER A 3 -19.81 -9.06 -11.79
C SER A 3 -18.67 -8.42 -12.59
N GLY A 4 -18.22 -7.26 -12.14
CA GLY A 4 -17.13 -6.57 -12.82
C GLY A 4 -17.41 -5.09 -13.00
N SER A 5 -16.68 -4.26 -12.28
CA SER A 5 -16.85 -2.81 -12.36
C SER A 5 -18.33 -2.46 -12.53
N SER A 6 -19.19 -3.09 -11.75
CA SER A 6 -20.62 -2.85 -11.81
C SER A 6 -20.94 -1.40 -11.43
N GLY A 7 -20.19 -0.88 -10.47
CA GLY A 7 -20.42 0.49 -10.02
C GLY A 7 -19.16 1.33 -10.11
N PRO A 8 -18.89 1.87 -11.31
CA PRO A 8 -17.71 2.71 -11.55
C PRO A 8 -17.83 4.07 -10.87
N LEU A 9 -16.68 4.69 -10.63
CA LEU A 9 -16.64 6.00 -9.98
C LEU A 9 -15.53 6.86 -10.54
N PRO A 10 -15.70 8.20 -10.48
CA PRO A 10 -14.71 9.15 -10.98
C PRO A 10 -13.45 9.18 -10.11
N SER A 11 -12.37 9.73 -10.66
CA SER A 11 -11.11 9.83 -9.93
C SER A 11 -11.27 10.64 -8.66
N THR A 12 -11.17 9.98 -7.52
CA THR A 12 -11.30 10.65 -6.23
C THR A 12 -10.14 11.61 -5.98
N GLN A 13 -10.43 12.72 -5.30
CA GLN A 13 -9.40 13.71 -5.01
C GLN A 13 -8.32 13.13 -4.12
N ASN A 14 -8.70 12.73 -2.91
CA ASN A 14 -7.76 12.16 -1.96
C ASN A 14 -7.12 10.89 -2.51
N GLY A 15 -5.82 10.74 -2.28
CA GLY A 15 -5.12 9.56 -2.77
C GLY A 15 -4.67 8.65 -1.65
N PRO A 16 -4.67 7.33 -1.91
CA PRO A 16 -4.25 6.32 -0.93
C PRO A 16 -2.76 6.36 -0.65
N VAL A 17 -2.36 5.82 0.50
CA VAL A 17 -0.96 5.80 0.88
C VAL A 17 -0.26 4.54 0.35
N PHE A 18 0.95 4.72 -0.16
CA PHE A 18 1.72 3.60 -0.70
C PHE A 18 2.91 3.28 0.21
N ALA A 19 3.20 1.99 0.34
CA ALA A 19 4.31 1.54 1.17
C ALA A 19 4.87 0.20 0.69
N LYS A 20 6.13 0.19 0.29
CA LYS A 20 6.77 -1.02 -0.20
C LYS A 20 7.24 -1.89 0.97
N ALA A 21 6.99 -3.19 0.87
CA ALA A 21 7.40 -4.13 1.91
C ALA A 21 8.90 -4.35 1.89
N ILE A 22 9.60 -3.74 2.83
CA ILE A 22 11.06 -3.88 2.93
C ILE A 22 11.44 -5.27 3.40
N GLN A 23 10.57 -5.89 4.19
CA GLN A 23 10.82 -7.22 4.72
C GLN A 23 9.72 -8.18 4.30
N LYS A 24 10.11 -9.44 4.04
CA LYS A 24 9.15 -10.46 3.63
C LYS A 24 8.23 -10.84 4.79
N ARG A 25 6.94 -10.60 4.61
CA ARG A 25 5.95 -10.93 5.64
C ARG A 25 5.51 -12.38 5.53
N VAL A 26 5.71 -13.13 6.61
CA VAL A 26 5.33 -14.54 6.63
C VAL A 26 4.34 -14.82 7.76
N PRO A 27 3.04 -14.76 7.44
CA PRO A 27 1.97 -15.00 8.40
C PRO A 27 1.90 -16.47 8.83
N CYS A 28 1.34 -16.71 10.02
CA CYS A 28 1.20 -18.06 10.53
C CYS A 28 0.19 -18.86 9.71
N ALA A 29 0.20 -20.18 9.89
CA ALA A 29 -0.71 -21.05 9.17
C ALA A 29 -2.16 -20.68 9.45
N TYR A 30 -2.43 -20.22 10.66
CA TYR A 30 -3.77 -19.84 11.07
C TYR A 30 -3.87 -18.32 11.26
N ASP A 31 -3.22 -17.58 10.38
CA ASP A 31 -3.24 -16.13 10.44
C ASP A 31 -3.96 -15.52 9.23
N LYS A 32 -5.24 -15.22 9.39
CA LYS A 32 -6.03 -14.65 8.33
C LYS A 32 -6.01 -13.12 8.39
N THR A 33 -5.62 -12.58 9.54
CA THR A 33 -5.56 -11.14 9.73
C THR A 33 -4.18 -10.60 9.38
N ALA A 34 -3.26 -11.51 9.06
CA ALA A 34 -1.91 -11.12 8.69
C ALA A 34 -1.69 -11.20 7.19
N LEU A 35 -1.53 -10.03 6.56
CA LEU A 35 -1.32 -9.97 5.12
C LEU A 35 0.12 -10.33 4.77
N ALA A 36 0.28 -11.19 3.75
CA ALA A 36 1.61 -11.61 3.31
C ALA A 36 2.08 -10.78 2.13
N LEU A 37 3.34 -10.35 2.18
CA LEU A 37 3.92 -9.53 1.12
C LEU A 37 5.39 -9.90 0.90
N GLU A 38 5.78 -10.01 -0.37
CA GLU A 38 7.15 -10.34 -0.71
C GLU A 38 8.06 -9.11 -0.63
N VAL A 39 9.36 -9.34 -0.52
CA VAL A 39 10.32 -8.25 -0.43
C VAL A 39 10.27 -7.37 -1.67
N GLY A 40 9.81 -6.13 -1.50
CA GLY A 40 9.72 -5.22 -2.62
C GLY A 40 8.32 -5.15 -3.19
N ASP A 41 7.33 -5.47 -2.38
CA ASP A 41 5.93 -5.44 -2.82
C ASP A 41 5.22 -4.19 -2.30
N ILE A 42 4.64 -3.43 -3.22
CA ILE A 42 3.93 -2.21 -2.86
C ILE A 42 2.59 -2.53 -2.19
N VAL A 43 2.32 -1.86 -1.06
CA VAL A 43 1.08 -2.08 -0.33
C VAL A 43 0.21 -0.83 -0.36
N LYS A 44 -0.97 -0.96 -0.96
CA LYS A 44 -1.90 0.16 -1.06
C LYS A 44 -2.94 0.10 0.05
N VAL A 45 -2.84 1.00 1.01
CA VAL A 45 -3.76 1.05 2.14
C VAL A 45 -4.67 2.27 2.04
N THR A 46 -5.97 2.05 2.25
CA THR A 46 -6.95 3.14 2.19
C THR A 46 -7.48 3.47 3.57
N ARG A 47 -7.37 2.52 4.49
CA ARG A 47 -7.85 2.72 5.85
C ARG A 47 -6.76 2.37 6.87
N MET A 48 -6.45 3.32 7.75
CA MET A 48 -5.43 3.11 8.77
C MET A 48 -6.03 3.18 10.16
N ASN A 49 -6.25 2.02 10.76
CA ASN A 49 -6.83 1.94 12.11
C ASN A 49 -5.89 2.56 13.14
N ILE A 50 -6.44 3.40 14.00
CA ILE A 50 -5.64 4.04 15.04
C ILE A 50 -4.80 3.03 15.80
N ASN A 51 -5.42 1.91 16.17
CA ASN A 51 -4.71 0.86 16.89
C ASN A 51 -3.29 0.71 16.40
N GLY A 52 -3.12 0.69 15.08
CA GLY A 52 -1.80 0.54 14.50
C GLY A 52 -1.82 -0.25 13.20
N GLN A 53 -2.63 -1.30 13.16
CA GLN A 53 -2.74 -2.14 11.99
C GLN A 53 -3.46 -1.41 10.86
N TRP A 54 -2.87 -1.42 9.67
CA TRP A 54 -3.47 -0.76 8.52
C TRP A 54 -4.14 -1.77 7.59
N GLU A 55 -5.08 -1.30 6.78
CA GLU A 55 -5.79 -2.17 5.85
C GLU A 55 -5.38 -1.88 4.41
N GLY A 56 -4.75 -2.86 3.78
CA GLY A 56 -4.32 -2.69 2.40
C GLY A 56 -4.60 -3.91 1.55
N GLU A 57 -4.70 -3.71 0.24
CA GLU A 57 -4.97 -4.80 -0.69
C GLU A 57 -3.77 -5.05 -1.61
N VAL A 58 -3.26 -6.28 -1.58
CA VAL A 58 -2.12 -6.65 -2.41
C VAL A 58 -2.28 -8.05 -2.98
N ASN A 59 -1.88 -8.23 -4.23
CA ASN A 59 -1.98 -9.52 -4.90
C ASN A 59 -3.32 -10.18 -4.59
N GLY A 60 -4.40 -9.44 -4.80
CA GLY A 60 -5.72 -9.97 -4.53
C GLY A 60 -5.88 -10.47 -3.11
N ARG A 61 -5.22 -9.80 -2.17
CA ARG A 61 -5.28 -10.18 -0.77
C ARG A 61 -5.48 -8.96 0.12
N LYS A 62 -6.25 -9.13 1.19
CA LYS A 62 -6.52 -8.05 2.13
C LYS A 62 -6.31 -8.49 3.57
N GLY A 63 -5.28 -7.95 4.21
CA GLY A 63 -4.99 -8.30 5.59
C GLY A 63 -4.26 -7.20 6.33
N LEU A 64 -4.13 -7.36 7.64
CA LEU A 64 -3.44 -6.38 8.47
C LEU A 64 -1.94 -6.63 8.49
N PHE A 65 -1.17 -5.59 8.16
CA PHE A 65 0.28 -5.70 8.14
C PHE A 65 0.91 -4.65 9.06
N PRO A 66 2.01 -5.04 9.72
CA PRO A 66 2.74 -4.16 10.64
C PRO A 66 3.46 -3.03 9.91
N PHE A 67 3.36 -1.83 10.45
CA PHE A 67 4.01 -0.66 9.85
C PHE A 67 5.52 -0.76 9.98
N THR A 68 5.99 -1.70 10.80
CA THR A 68 7.41 -1.88 11.02
C THR A 68 8.04 -2.70 9.89
N HIS A 69 7.25 -3.62 9.33
CA HIS A 69 7.73 -4.47 8.24
C HIS A 69 7.77 -3.68 6.93
N VAL A 70 7.07 -2.56 6.89
CA VAL A 70 7.02 -1.72 5.69
C VAL A 70 7.53 -0.32 6.00
N LYS A 71 8.08 0.33 4.97
CA LYS A 71 8.60 1.68 5.12
C LYS A 71 7.94 2.64 4.14
N ILE A 72 7.41 3.74 4.65
CA ILE A 72 6.74 4.73 3.82
C ILE A 72 7.74 5.44 2.90
N PHE A 73 7.48 5.36 1.60
CA PHE A 73 8.36 5.98 0.61
C PHE A 73 7.56 6.81 -0.38
N ASP A 74 8.24 7.72 -1.07
CA ASP A 74 7.58 8.57 -2.06
C ASP A 74 7.43 7.86 -3.39
N PRO A 75 6.21 7.87 -3.94
CA PRO A 75 5.90 7.23 -5.22
C PRO A 75 6.54 7.95 -6.40
N GLN A 76 7.03 9.16 -6.15
CA GLN A 76 7.66 9.96 -7.19
C GLN A 76 6.72 10.16 -8.37
N ASN A 77 5.46 10.44 -8.07
CA ASN A 77 4.46 10.67 -9.10
C ASN A 77 4.72 11.98 -9.84
N PRO A 78 4.77 11.90 -11.18
CA PRO A 78 5.01 13.07 -12.03
C PRO A 78 3.83 14.03 -12.04
N ASP A 79 2.69 13.57 -11.53
CA ASP A 79 1.49 14.39 -11.48
C ASP A 79 1.61 15.47 -10.41
N GLU A 80 1.87 15.05 -9.17
CA GLU A 80 2.02 15.98 -8.07
C GLU A 80 3.35 16.71 -8.13
N ASN A 81 4.44 15.97 -7.90
CA ASN A 81 5.77 16.55 -7.94
C ASN A 81 6.37 16.45 -9.33
N GLU A 82 7.21 17.43 -9.69
CA GLU A 82 7.85 17.45 -10.99
C GLU A 82 9.30 17.91 -10.89
N SER A 83 10.10 17.58 -11.90
CA SER A 83 11.50 17.95 -11.91
C SER A 83 11.68 19.39 -12.39
N GLY A 84 12.92 19.87 -12.34
CA GLY A 84 13.20 21.23 -12.77
C GLY A 84 14.06 21.28 -14.01
N PRO A 85 13.91 22.35 -14.81
CA PRO A 85 14.68 22.54 -16.04
C PRO A 85 16.15 22.83 -15.78
N SER A 86 16.47 23.19 -14.54
CA SER A 86 17.83 23.49 -14.15
C SER A 86 18.63 22.21 -13.94
N SER A 87 18.07 21.30 -13.16
CA SER A 87 18.73 20.02 -12.87
C SER A 87 20.04 20.26 -12.13
N GLY A 88 20.01 21.17 -11.17
CA GLY A 88 21.21 21.47 -10.39
C GLY A 88 21.08 21.03 -8.94
N GLY A 1 -13.62 3.35 -30.07
CA GLY A 1 -14.85 3.44 -29.30
C GLY A 1 -15.18 4.86 -28.88
N SER A 2 -15.99 4.98 -27.83
CA SER A 2 -16.39 6.30 -27.33
C SER A 2 -16.42 6.30 -25.80
N SER A 3 -16.33 7.49 -25.23
CA SER A 3 -16.35 7.64 -23.77
C SER A 3 -17.25 8.80 -23.36
N GLY A 4 -17.72 8.75 -22.11
CA GLY A 4 -18.59 9.80 -21.60
C GLY A 4 -17.82 10.92 -20.92
N SER A 5 -17.48 10.71 -19.66
CA SER A 5 -16.73 11.70 -18.89
C SER A 5 -17.35 13.08 -19.06
N SER A 6 -18.67 13.16 -18.98
CA SER A 6 -19.38 14.42 -19.12
C SER A 6 -19.67 15.06 -17.77
N GLY A 7 -20.29 14.28 -16.88
CA GLY A 7 -20.61 14.79 -15.56
C GLY A 7 -19.97 13.96 -14.46
N PRO A 8 -18.63 13.97 -14.40
CA PRO A 8 -17.88 13.23 -13.39
C PRO A 8 -18.04 13.81 -12.00
N LEU A 9 -17.57 13.09 -10.99
CA LEU A 9 -17.66 13.52 -9.61
C LEU A 9 -16.28 13.70 -9.00
N PRO A 10 -16.13 14.68 -8.10
CA PRO A 10 -14.87 14.97 -7.41
C PRO A 10 -14.48 13.88 -6.42
N SER A 11 -13.19 13.58 -6.35
CA SER A 11 -12.70 12.55 -5.45
C SER A 11 -12.56 13.10 -4.03
N THR A 12 -13.36 12.53 -3.12
CA THR A 12 -13.33 12.97 -1.72
C THR A 12 -11.95 12.75 -1.11
N GLN A 13 -11.31 11.66 -1.48
CA GLN A 13 -9.98 11.34 -0.95
C GLN A 13 -8.91 11.64 -1.99
N ASN A 14 -7.88 12.40 -1.59
CA ASN A 14 -6.80 12.76 -2.48
C ASN A 14 -6.14 11.52 -3.07
N GLY A 15 -5.50 10.73 -2.21
CA GLY A 15 -4.84 9.51 -2.67
C GLY A 15 -4.35 8.65 -1.52
N PRO A 16 -4.42 7.33 -1.69
CA PRO A 16 -3.98 6.37 -0.68
C PRO A 16 -2.47 6.37 -0.48
N VAL A 17 -2.02 5.97 0.69
CA VAL A 17 -0.59 5.92 1.00
C VAL A 17 0.03 4.64 0.48
N PHE A 18 1.15 4.77 -0.23
CA PHE A 18 1.85 3.63 -0.77
C PHE A 18 3.13 3.33 0.01
N ALA A 19 3.26 2.10 0.48
CA ALA A 19 4.44 1.70 1.25
C ALA A 19 4.94 0.33 0.80
N LYS A 20 6.20 0.28 0.39
CA LYS A 20 6.80 -0.97 -0.07
C LYS A 20 7.29 -1.80 1.11
N ALA A 21 7.17 -3.12 0.99
CA ALA A 21 7.60 -4.03 2.05
C ALA A 21 9.11 -4.22 2.03
N ILE A 22 9.76 -3.90 3.14
CA ILE A 22 11.20 -4.03 3.25
C ILE A 22 11.58 -5.42 3.74
N GLN A 23 10.70 -6.03 4.53
CA GLN A 23 10.95 -7.36 5.06
C GLN A 23 10.02 -8.39 4.43
N LYS A 24 10.17 -9.65 4.82
CA LYS A 24 9.35 -10.73 4.28
C LYS A 24 8.39 -11.27 5.34
N ARG A 25 7.10 -11.22 5.04
CA ARG A 25 6.09 -11.70 5.96
C ARG A 25 5.54 -13.05 5.52
N VAL A 26 5.45 -13.99 6.45
CA VAL A 26 4.95 -15.33 6.15
C VAL A 26 3.86 -15.74 7.14
N PRO A 27 2.60 -15.48 6.77
CA PRO A 27 1.45 -15.81 7.62
C PRO A 27 1.21 -17.31 7.71
N CYS A 28 0.56 -17.74 8.79
CA CYS A 28 0.27 -19.15 8.99
C CYS A 28 -0.90 -19.60 8.13
N ALA A 29 -1.12 -20.91 8.07
CA ALA A 29 -2.21 -21.47 7.28
C ALA A 29 -3.56 -21.08 7.85
N TYR A 30 -3.72 -21.28 9.16
CA TYR A 30 -4.97 -20.94 9.84
C TYR A 30 -5.24 -19.44 9.80
N ASP A 31 -4.18 -18.65 9.97
CA ASP A 31 -4.30 -17.20 9.95
C ASP A 31 -4.71 -16.72 8.56
N LYS A 32 -5.85 -16.03 8.49
CA LYS A 32 -6.35 -15.51 7.22
C LYS A 32 -6.31 -13.98 7.21
N THR A 33 -6.29 -13.38 8.40
CA THR A 33 -6.26 -11.93 8.53
C THR A 33 -4.85 -11.40 8.28
N ALA A 34 -3.85 -12.25 8.52
CA ALA A 34 -2.46 -11.86 8.32
C ALA A 34 -2.12 -11.77 6.83
N LEU A 35 -1.88 -10.56 6.36
CA LEU A 35 -1.55 -10.34 4.95
C LEU A 35 -0.12 -10.78 4.67
N ALA A 36 0.08 -11.41 3.51
CA ALA A 36 1.39 -11.89 3.11
C ALA A 36 2.08 -10.88 2.19
N LEU A 37 3.37 -10.65 2.42
CA LEU A 37 4.14 -9.72 1.61
C LEU A 37 5.56 -10.24 1.38
N GLU A 38 6.21 -9.72 0.35
CA GLU A 38 7.58 -10.13 0.03
C GLU A 38 8.45 -8.92 -0.29
N VAL A 39 9.73 -9.00 0.08
CA VAL A 39 10.66 -7.91 -0.16
C VAL A 39 10.43 -7.29 -1.54
N GLY A 40 9.90 -6.07 -1.55
CA GLY A 40 9.65 -5.38 -2.80
C GLY A 40 8.20 -5.48 -3.23
N ASP A 41 7.29 -5.19 -2.32
CA ASP A 41 5.87 -5.25 -2.60
C ASP A 41 5.16 -3.97 -2.17
N ILE A 42 4.46 -3.34 -3.10
CA ILE A 42 3.75 -2.10 -2.81
C ILE A 42 2.43 -2.38 -2.11
N VAL A 43 2.32 -1.92 -0.86
CA VAL A 43 1.11 -2.11 -0.08
C VAL A 43 0.20 -0.89 -0.14
N LYS A 44 -0.92 -1.03 -0.84
CA LYS A 44 -1.88 0.06 -0.98
C LYS A 44 -2.93 0.02 0.13
N VAL A 45 -2.83 0.97 1.06
CA VAL A 45 -3.76 1.04 2.17
C VAL A 45 -4.73 2.21 2.01
N THR A 46 -6.01 1.96 2.25
CA THR A 46 -7.03 3.00 2.13
C THR A 46 -7.48 3.48 3.50
N ARG A 47 -7.44 2.59 4.49
CA ARG A 47 -7.85 2.94 5.84
C ARG A 47 -6.77 2.54 6.85
N MET A 48 -6.46 3.45 7.77
CA MET A 48 -5.45 3.20 8.78
C MET A 48 -6.07 3.20 10.18
N ASN A 49 -6.22 2.01 10.76
CA ASN A 49 -6.79 1.87 12.09
C ASN A 49 -5.90 2.51 13.15
N ILE A 50 -6.52 3.08 14.18
CA ILE A 50 -5.77 3.73 15.25
C ILE A 50 -4.87 2.73 15.97
N ASN A 51 -5.43 1.56 16.29
CA ASN A 51 -4.68 0.52 16.97
C ASN A 51 -3.23 0.49 16.51
N GLY A 52 -3.04 0.36 15.20
CA GLY A 52 -1.69 0.33 14.65
C GLY A 52 -1.66 -0.23 13.25
N GLN A 53 -2.16 -1.47 13.10
CA GLN A 53 -2.17 -2.12 11.80
C GLN A 53 -3.20 -1.48 10.88
N TRP A 54 -2.87 -1.39 9.59
CA TRP A 54 -3.77 -0.80 8.61
C TRP A 54 -4.39 -1.87 7.72
N GLU A 55 -5.34 -1.46 6.88
CA GLU A 55 -6.00 -2.39 5.98
C GLU A 55 -5.62 -2.11 4.53
N GLY A 56 -4.81 -2.99 3.96
CA GLY A 56 -4.37 -2.82 2.58
C GLY A 56 -4.60 -4.07 1.74
N GLU A 57 -4.65 -3.89 0.43
CA GLU A 57 -4.86 -5.02 -0.48
C GLU A 57 -3.68 -5.17 -1.43
N VAL A 58 -3.09 -6.36 -1.45
CA VAL A 58 -1.95 -6.65 -2.33
C VAL A 58 -2.02 -8.07 -2.86
N ASN A 59 -1.87 -8.21 -4.18
CA ASN A 59 -1.91 -9.52 -4.82
C ASN A 59 -3.27 -10.16 -4.64
N GLY A 60 -4.34 -9.39 -4.86
CA GLY A 60 -5.67 -9.91 -4.72
C GLY A 60 -5.95 -10.45 -3.33
N ARG A 61 -5.39 -9.79 -2.32
CA ARG A 61 -5.58 -10.23 -0.94
C ARG A 61 -5.52 -9.03 0.01
N LYS A 62 -6.43 -9.01 0.98
CA LYS A 62 -6.49 -7.94 1.95
C LYS A 62 -6.29 -8.47 3.37
N GLY A 63 -5.29 -7.94 4.06
CA GLY A 63 -5.01 -8.37 5.42
C GLY A 63 -4.32 -7.31 6.24
N LEU A 64 -4.21 -7.54 7.54
CA LEU A 64 -3.57 -6.60 8.44
C LEU A 64 -2.05 -6.79 8.45
N PHE A 65 -1.32 -5.74 8.09
CA PHE A 65 0.13 -5.80 8.07
C PHE A 65 0.75 -4.74 8.97
N PRO A 66 1.84 -5.09 9.64
CA PRO A 66 2.55 -4.18 10.56
C PRO A 66 3.25 -3.05 9.82
N PHE A 67 3.07 -1.83 10.32
CA PHE A 67 3.70 -0.65 9.70
C PHE A 67 5.21 -0.69 9.87
N THR A 68 5.67 -1.33 10.95
CA THR A 68 7.09 -1.43 11.24
C THR A 68 7.78 -2.37 10.25
N HIS A 69 6.99 -3.01 9.41
CA HIS A 69 7.53 -3.94 8.40
C HIS A 69 7.66 -3.26 7.05
N VAL A 70 6.81 -2.27 6.80
CA VAL A 70 6.83 -1.54 5.54
C VAL A 70 7.43 -0.16 5.72
N LYS A 71 8.11 0.34 4.68
CA LYS A 71 8.73 1.65 4.73
C LYS A 71 8.03 2.61 3.78
N ILE A 72 7.64 3.77 4.30
CA ILE A 72 6.96 4.79 3.51
C ILE A 72 7.92 5.44 2.52
N PHE A 73 7.44 5.68 1.31
CA PHE A 73 8.25 6.31 0.27
C PHE A 73 7.38 7.05 -0.73
N ASP A 74 7.99 7.98 -1.46
CA ASP A 74 7.27 8.77 -2.45
C ASP A 74 7.05 7.95 -3.73
N PRO A 75 5.79 7.63 -4.02
CA PRO A 75 5.42 6.85 -5.21
C PRO A 75 5.61 7.66 -6.50
N GLN A 76 6.10 8.88 -6.37
CA GLN A 76 6.33 9.74 -7.52
C GLN A 76 7.63 9.37 -8.22
N ASN A 77 7.82 8.09 -8.47
CA ASN A 77 9.03 7.61 -9.14
C ASN A 77 8.85 7.60 -10.66
N PRO A 78 9.83 8.15 -11.38
CA PRO A 78 9.81 8.21 -12.84
C PRO A 78 9.97 6.84 -13.49
N ASP A 79 10.33 5.85 -12.67
CA ASP A 79 10.52 4.49 -13.16
C ASP A 79 9.28 3.64 -12.91
N GLU A 80 8.84 3.60 -11.66
CA GLU A 80 7.67 2.83 -11.29
C GLU A 80 6.43 3.33 -12.02
N ASN A 81 6.27 2.92 -13.27
CA ASN A 81 5.13 3.33 -14.07
C ASN A 81 3.81 2.94 -13.41
N GLU A 82 3.68 1.66 -13.09
CA GLU A 82 2.47 1.15 -12.45
C GLU A 82 2.58 1.29 -10.93
N SER A 83 1.42 1.31 -10.27
CA SER A 83 1.38 1.43 -8.81
C SER A 83 2.14 2.68 -8.35
N GLY A 84 1.97 3.78 -9.09
CA GLY A 84 2.65 5.01 -8.73
C GLY A 84 1.80 6.24 -9.03
N PRO A 85 1.64 6.55 -10.32
CA PRO A 85 0.86 7.71 -10.76
C PRO A 85 -0.64 7.52 -10.52
N SER A 86 -1.09 6.27 -10.57
CA SER A 86 -2.49 5.96 -10.36
C SER A 86 -2.86 6.06 -8.88
N SER A 87 -3.78 6.97 -8.57
CA SER A 87 -4.20 7.17 -7.19
C SER A 87 -5.69 6.83 -7.04
N GLY A 88 -5.97 5.59 -6.63
CA GLY A 88 -7.34 5.15 -6.44
C GLY A 88 -7.75 5.15 -4.99
N GLY A 1 10.74 13.42 -17.32
CA GLY A 1 10.47 14.60 -16.49
C GLY A 1 9.30 15.41 -17.00
N SER A 2 8.83 16.34 -16.18
CA SER A 2 7.70 17.19 -16.55
C SER A 2 8.14 18.63 -16.79
N SER A 3 7.63 19.23 -17.85
CA SER A 3 7.97 20.60 -18.20
C SER A 3 9.45 20.88 -17.92
N GLY A 4 10.29 19.92 -18.27
CA GLY A 4 11.72 20.06 -18.06
C GLY A 4 12.24 19.19 -16.94
N SER A 5 12.12 19.70 -15.71
CA SER A 5 12.58 18.97 -14.54
C SER A 5 11.91 19.49 -13.27
N SER A 6 11.77 18.61 -12.29
CA SER A 6 11.13 18.98 -11.02
C SER A 6 11.62 20.34 -10.55
N GLY A 7 10.82 20.98 -9.69
CA GLY A 7 11.19 22.29 -9.18
C GLY A 7 10.90 22.43 -7.70
N PRO A 8 9.65 22.82 -7.37
CA PRO A 8 9.22 23.00 -5.98
C PRO A 8 9.11 21.67 -5.23
N LEU A 9 9.12 21.75 -3.90
CA LEU A 9 9.03 20.56 -3.07
C LEU A 9 7.60 20.35 -2.58
N PRO A 10 7.23 19.08 -2.36
CA PRO A 10 5.88 18.71 -1.89
C PRO A 10 5.64 19.13 -0.44
N SER A 11 4.74 20.09 -0.25
CA SER A 11 4.43 20.59 1.08
C SER A 11 3.34 19.74 1.74
N THR A 12 2.20 19.63 1.06
CA THR A 12 1.08 18.85 1.56
C THR A 12 0.37 18.11 0.44
N GLN A 13 -0.13 16.92 0.74
CA GLN A 13 -0.84 16.11 -0.25
C GLN A 13 -1.94 15.28 0.42
N ASN A 14 -2.75 14.62 -0.41
CA ASN A 14 -3.84 13.79 0.09
C ASN A 14 -4.16 12.68 -0.89
N GLY A 15 -4.57 11.53 -0.36
CA GLY A 15 -4.90 10.39 -1.19
C GLY A 15 -4.43 9.08 -0.60
N PRO A 16 -4.44 8.02 -1.43
CA PRO A 16 -4.01 6.68 -1.02
C PRO A 16 -2.51 6.60 -0.76
N VAL A 17 -2.14 6.16 0.43
CA VAL A 17 -0.73 6.03 0.80
C VAL A 17 -0.16 4.69 0.34
N PHE A 18 1.05 4.73 -0.21
CA PHE A 18 1.70 3.53 -0.70
C PHE A 18 2.94 3.21 0.12
N ALA A 19 3.00 1.99 0.66
CA ALA A 19 4.13 1.56 1.47
C ALA A 19 4.80 0.32 0.88
N LYS A 20 6.09 0.45 0.54
CA LYS A 20 6.84 -0.65 -0.03
C LYS A 20 7.25 -1.64 1.04
N ALA A 21 7.21 -2.93 0.70
CA ALA A 21 7.58 -3.98 1.64
C ALA A 21 9.09 -4.20 1.65
N ILE A 22 9.73 -3.83 2.75
CA ILE A 22 11.18 -4.00 2.88
C ILE A 22 11.53 -5.37 3.46
N GLN A 23 10.66 -5.88 4.32
CA GLN A 23 10.89 -7.18 4.95
C GLN A 23 9.83 -8.18 4.49
N LYS A 24 10.27 -9.41 4.24
CA LYS A 24 9.37 -10.47 3.79
C LYS A 24 8.35 -10.81 4.88
N ARG A 25 7.07 -10.65 4.55
CA ARG A 25 6.00 -10.94 5.49
C ARG A 25 5.38 -12.30 5.22
N VAL A 26 5.49 -13.20 6.18
CA VAL A 26 4.94 -14.55 6.03
C VAL A 26 3.91 -14.84 7.12
N PRO A 27 2.63 -14.57 6.81
CA PRO A 27 1.52 -14.79 7.74
C PRO A 27 1.26 -16.28 7.99
N CYS A 28 1.01 -16.63 9.24
CA CYS A 28 0.74 -18.02 9.61
C CYS A 28 -0.48 -18.55 8.86
N ALA A 29 -0.45 -19.83 8.52
CA ALA A 29 -1.55 -20.47 7.80
C ALA A 29 -2.88 -20.18 8.49
N TYR A 30 -2.92 -20.38 9.79
CA TYR A 30 -4.14 -20.14 10.57
C TYR A 30 -4.55 -18.67 10.50
N ASP A 31 -3.56 -17.78 10.63
CA ASP A 31 -3.82 -16.35 10.58
C ASP A 31 -4.29 -15.93 9.20
N LYS A 32 -5.60 -15.79 9.05
CA LYS A 32 -6.19 -15.40 7.77
C LYS A 32 -6.18 -13.87 7.62
N THR A 33 -6.33 -13.18 8.74
CA THR A 33 -6.34 -11.73 8.74
C THR A 33 -4.98 -11.16 8.36
N ALA A 34 -3.92 -11.89 8.70
CA ALA A 34 -2.57 -11.47 8.40
C ALA A 34 -2.35 -11.36 6.89
N LEU A 35 -1.84 -10.21 6.46
CA LEU A 35 -1.59 -9.96 5.04
C LEU A 35 -0.24 -10.55 4.63
N ALA A 36 -0.22 -11.27 3.51
CA ALA A 36 1.00 -11.87 3.00
C ALA A 36 1.65 -10.98 1.94
N LEU A 37 2.95 -10.78 2.06
CA LEU A 37 3.69 -9.95 1.12
C LEU A 37 5.07 -10.53 0.84
N GLU A 38 5.72 -10.04 -0.21
CA GLU A 38 7.05 -10.52 -0.57
C GLU A 38 8.01 -9.34 -0.78
N VAL A 39 9.18 -9.43 -0.15
CA VAL A 39 10.18 -8.38 -0.26
C VAL A 39 10.19 -7.77 -1.65
N GLY A 40 9.71 -6.52 -1.75
CA GLY A 40 9.67 -5.84 -3.03
C GLY A 40 8.26 -5.73 -3.58
N ASP A 41 7.29 -5.50 -2.69
CA ASP A 41 5.91 -5.37 -3.10
C ASP A 41 5.29 -4.08 -2.54
N ILE A 42 4.35 -3.52 -3.27
CA ILE A 42 3.68 -2.29 -2.84
C ILE A 42 2.36 -2.60 -2.14
N VAL A 43 2.26 -2.17 -0.88
CA VAL A 43 1.04 -2.40 -0.09
C VAL A 43 0.14 -1.18 -0.14
N LYS A 44 -0.86 -1.22 -1.00
CA LYS A 44 -1.81 -0.12 -1.14
C LYS A 44 -2.83 -0.13 0.00
N VAL A 45 -2.70 0.83 0.90
CA VAL A 45 -3.61 0.94 2.05
C VAL A 45 -4.54 2.12 1.89
N THR A 46 -5.83 1.90 2.18
CA THR A 46 -6.83 2.95 2.07
C THR A 46 -7.23 3.48 3.45
N ARG A 47 -7.27 2.58 4.42
CA ARG A 47 -7.63 2.96 5.79
C ARG A 47 -6.56 2.52 6.78
N MET A 48 -6.17 3.43 7.66
CA MET A 48 -5.14 3.14 8.66
C MET A 48 -5.70 3.30 10.07
N ASN A 49 -6.01 2.16 10.71
CA ASN A 49 -6.56 2.17 12.06
C ASN A 49 -5.60 2.87 13.02
N ILE A 50 -6.17 3.52 14.04
CA ILE A 50 -5.37 4.23 15.03
C ILE A 50 -4.70 3.26 15.99
N ASN A 51 -5.14 2.01 15.95
CA ASN A 51 -4.58 0.97 16.83
C ASN A 51 -3.17 0.58 16.37
N GLY A 52 -2.91 0.74 15.07
CA GLY A 52 -1.60 0.40 14.54
C GLY A 52 -1.69 -0.37 13.25
N GLN A 53 -2.48 -1.44 13.25
CA GLN A 53 -2.66 -2.27 12.06
C GLN A 53 -3.48 -1.53 11.00
N TRP A 54 -2.96 -1.51 9.78
CA TRP A 54 -3.65 -0.84 8.68
C TRP A 54 -4.27 -1.86 7.73
N GLU A 55 -5.22 -1.40 6.92
CA GLU A 55 -5.91 -2.28 5.97
C GLU A 55 -5.50 -1.95 4.54
N GLY A 56 -4.82 -2.89 3.89
CA GLY A 56 -4.38 -2.68 2.53
C GLY A 56 -4.63 -3.90 1.64
N GLU A 57 -4.53 -3.70 0.33
CA GLU A 57 -4.75 -4.78 -0.62
C GLU A 57 -3.50 -5.02 -1.48
N VAL A 58 -3.04 -6.25 -1.51
CA VAL A 58 -1.86 -6.61 -2.28
C VAL A 58 -2.08 -7.90 -3.06
N ASN A 59 -1.78 -7.87 -4.35
CA ASN A 59 -1.95 -9.04 -5.21
C ASN A 59 -3.33 -9.67 -5.02
N GLY A 60 -4.29 -8.85 -4.58
CA GLY A 60 -5.63 -9.34 -4.36
C GLY A 60 -5.82 -9.90 -2.96
N ARG A 61 -4.97 -9.47 -2.03
CA ARG A 61 -5.05 -9.94 -0.65
C ARG A 61 -5.25 -8.77 0.30
N LYS A 62 -6.30 -8.86 1.13
CA LYS A 62 -6.60 -7.81 2.09
C LYS A 62 -6.41 -8.31 3.52
N GLY A 63 -5.36 -7.82 4.18
CA GLY A 63 -5.08 -8.23 5.55
C GLY A 63 -4.32 -7.17 6.32
N LEU A 64 -4.18 -7.38 7.62
CA LEU A 64 -3.46 -6.44 8.48
C LEU A 64 -1.97 -6.74 8.47
N PHE A 65 -1.18 -5.75 8.08
CA PHE A 65 0.27 -5.89 8.03
C PHE A 65 0.96 -4.92 8.97
N PRO A 66 2.05 -5.37 9.61
CA PRO A 66 2.81 -4.54 10.56
C PRO A 66 3.56 -3.42 9.87
N PHE A 67 3.34 -2.20 10.33
CA PHE A 67 4.00 -1.02 9.75
C PHE A 67 5.52 -1.14 9.89
N THR A 68 5.96 -1.81 10.94
CA THR A 68 7.38 -1.99 11.19
C THR A 68 8.04 -2.81 10.08
N HIS A 69 7.22 -3.53 9.33
CA HIS A 69 7.72 -4.36 8.24
C HIS A 69 7.86 -3.55 6.95
N VAL A 70 6.92 -2.64 6.73
CA VAL A 70 6.95 -1.79 5.55
C VAL A 70 7.52 -0.42 5.87
N LYS A 71 7.81 0.36 4.82
CA LYS A 71 8.35 1.70 4.99
C LYS A 71 7.62 2.71 4.11
N ILE A 72 7.22 3.83 4.71
CA ILE A 72 6.51 4.87 3.98
C ILE A 72 7.43 5.57 2.99
N PHE A 73 6.92 5.80 1.77
CA PHE A 73 7.69 6.45 0.74
C PHE A 73 6.79 7.29 -0.16
N ASP A 74 7.39 8.28 -0.84
CA ASP A 74 6.63 9.16 -1.74
C ASP A 74 6.23 8.42 -3.00
N PRO A 75 4.92 8.42 -3.30
CA PRO A 75 4.37 7.75 -4.48
C PRO A 75 4.77 8.46 -5.78
N GLN A 76 5.55 9.52 -5.65
CA GLN A 76 6.00 10.29 -6.81
C GLN A 76 4.81 10.85 -7.57
N ASN A 77 3.80 11.31 -6.84
CA ASN A 77 2.61 11.89 -7.44
C ASN A 77 2.97 13.07 -8.35
N PRO A 78 2.55 12.99 -9.61
CA PRO A 78 2.82 14.04 -10.60
C PRO A 78 2.03 15.32 -10.32
N ASP A 79 1.02 15.20 -9.47
CA ASP A 79 0.18 16.35 -9.12
C ASP A 79 0.72 17.04 -7.87
N GLU A 80 0.22 18.25 -7.62
CA GLU A 80 0.66 19.01 -6.45
C GLU A 80 -0.32 20.15 -6.15
N ASN A 81 -0.79 20.20 -4.91
CA ASN A 81 -1.73 21.23 -4.49
C ASN A 81 -1.07 22.61 -4.49
N GLU A 82 0.10 22.70 -3.87
CA GLU A 82 0.83 23.95 -3.79
C GLU A 82 2.32 23.72 -4.00
N SER A 83 3.04 24.79 -4.32
CA SER A 83 4.48 24.71 -4.55
C SER A 83 5.26 24.84 -3.24
N GLY A 84 4.94 25.88 -2.47
CA GLY A 84 5.61 26.10 -1.21
C GLY A 84 7.02 26.61 -1.39
N PRO A 85 7.70 26.90 -0.27
CA PRO A 85 9.07 27.40 -0.27
C PRO A 85 10.08 26.34 -0.73
N SER A 86 11.35 26.72 -0.76
CA SER A 86 12.41 25.81 -1.17
C SER A 86 13.77 26.28 -0.66
N SER A 87 14.73 25.36 -0.64
CA SER A 87 16.08 25.67 -0.17
C SER A 87 17.02 25.94 -1.34
N GLY A 88 18.21 26.43 -1.03
CA GLY A 88 19.18 26.72 -2.08
C GLY A 88 20.31 25.71 -2.11
N GLY A 1 -40.51 2.51 -5.76
CA GLY A 1 -39.64 3.54 -6.28
C GLY A 1 -38.85 4.24 -5.19
N SER A 2 -37.58 4.53 -5.48
CA SER A 2 -36.71 5.19 -4.52
C SER A 2 -35.44 5.68 -5.19
N SER A 3 -34.98 6.86 -4.78
CA SER A 3 -33.75 7.44 -5.34
C SER A 3 -32.64 7.48 -4.30
N GLY A 4 -31.51 6.86 -4.62
CA GLY A 4 -30.39 6.84 -3.71
C GLY A 4 -30.64 5.95 -2.50
N SER A 5 -30.41 4.65 -2.67
CA SER A 5 -30.61 3.69 -1.60
C SER A 5 -29.36 3.56 -0.74
N SER A 6 -29.20 4.46 0.22
CA SER A 6 -28.03 4.45 1.10
C SER A 6 -26.75 4.61 0.30
N GLY A 7 -26.76 5.52 -0.67
CA GLY A 7 -25.59 5.75 -1.49
C GLY A 7 -24.43 6.31 -0.70
N PRO A 8 -23.28 6.48 -1.36
CA PRO A 8 -22.07 7.02 -0.73
C PRO A 8 -22.20 8.50 -0.38
N LEU A 9 -21.17 9.05 0.25
CA LEU A 9 -21.16 10.45 0.63
C LEU A 9 -20.23 11.26 -0.25
N PRO A 10 -20.60 12.52 -0.52
CA PRO A 10 -19.80 13.43 -1.35
C PRO A 10 -18.50 13.85 -0.68
N SER A 11 -18.44 13.66 0.64
CA SER A 11 -17.25 14.02 1.41
C SER A 11 -15.99 13.75 0.61
N THR A 12 -15.05 14.68 0.66
CA THR A 12 -13.78 14.54 -0.04
C THR A 12 -12.86 13.54 0.66
N GLN A 13 -11.86 13.05 -0.06
CA GLN A 13 -10.91 12.09 0.49
C GLN A 13 -9.54 12.25 -0.15
N ASN A 14 -8.50 12.20 0.67
CA ASN A 14 -7.14 12.34 0.18
C ASN A 14 -6.66 11.05 -0.49
N GLY A 15 -5.60 11.16 -1.28
CA GLY A 15 -5.07 10.00 -1.96
C GLY A 15 -4.60 8.92 -1.01
N PRO A 16 -4.58 7.66 -1.48
CA PRO A 16 -4.17 6.52 -0.67
C PRO A 16 -2.68 6.53 -0.37
N VAL A 17 -2.27 5.82 0.68
CA VAL A 17 -0.87 5.74 1.07
C VAL A 17 -0.21 4.49 0.50
N PHE A 18 1.03 4.66 0.03
CA PHE A 18 1.77 3.54 -0.54
C PHE A 18 2.98 3.19 0.33
N ALA A 19 3.14 1.90 0.61
CA ALA A 19 4.25 1.43 1.44
C ALA A 19 4.87 0.17 0.85
N LYS A 20 6.15 0.24 0.52
CA LYS A 20 6.86 -0.90 -0.05
C LYS A 20 7.35 -1.83 1.06
N ALA A 21 7.23 -3.13 0.83
CA ALA A 21 7.66 -4.12 1.80
C ALA A 21 9.18 -4.31 1.75
N ILE A 22 9.85 -3.90 2.82
CA ILE A 22 11.30 -4.01 2.90
C ILE A 22 11.71 -5.41 3.35
N GLN A 23 10.78 -6.12 3.97
CA GLN A 23 11.05 -7.48 4.46
C GLN A 23 9.98 -8.45 3.98
N LYS A 24 10.24 -9.74 4.14
CA LYS A 24 9.30 -10.77 3.73
C LYS A 24 8.32 -11.10 4.85
N ARG A 25 7.02 -10.98 4.56
CA ARG A 25 5.99 -11.27 5.55
C ARG A 25 5.47 -12.68 5.39
N VAL A 26 5.58 -13.48 6.45
CA VAL A 26 5.12 -14.86 6.44
C VAL A 26 4.05 -15.10 7.51
N PRO A 27 2.78 -14.96 7.12
CA PRO A 27 1.66 -15.15 8.03
C PRO A 27 1.48 -16.62 8.42
N CYS A 28 0.94 -16.84 9.62
CA CYS A 28 0.72 -18.20 10.12
C CYS A 28 -0.62 -18.75 9.61
N ALA A 29 -0.70 -20.06 9.47
CA ALA A 29 -1.91 -20.71 9.01
C ALA A 29 -3.13 -20.20 9.77
N TYR A 30 -3.07 -20.28 11.09
CA TYR A 30 -4.17 -19.84 11.94
C TYR A 30 -4.50 -18.37 11.67
N ASP A 31 -3.47 -17.55 11.51
CA ASP A 31 -3.65 -16.13 11.25
C ASP A 31 -4.14 -15.90 9.82
N LYS A 32 -5.36 -15.39 9.69
CA LYS A 32 -5.95 -15.12 8.39
C LYS A 32 -5.95 -13.62 8.08
N THR A 33 -6.01 -12.81 9.13
CA THR A 33 -6.03 -11.37 8.98
C THR A 33 -4.67 -10.84 8.57
N ALA A 34 -3.62 -11.63 8.83
CA ALA A 34 -2.26 -11.25 8.49
C ALA A 34 -2.03 -11.38 6.99
N LEU A 35 -1.88 -10.25 6.31
CA LEU A 35 -1.65 -10.24 4.87
C LEU A 35 -0.20 -10.62 4.55
N ALA A 36 -0.03 -11.43 3.51
CA ALA A 36 1.30 -11.87 3.10
C ALA A 36 1.84 -11.00 1.98
N LEU A 37 3.12 -10.66 2.05
CA LEU A 37 3.76 -9.83 1.04
C LEU A 37 5.13 -10.37 0.67
N GLU A 38 5.68 -9.88 -0.43
CA GLU A 38 6.99 -10.32 -0.90
C GLU A 38 7.97 -9.14 -0.98
N VAL A 39 9.15 -9.34 -0.41
CA VAL A 39 10.17 -8.29 -0.41
C VAL A 39 10.16 -7.50 -1.71
N GLY A 40 9.78 -6.23 -1.62
CA GLY A 40 9.73 -5.39 -2.79
C GLY A 40 8.36 -5.36 -3.43
N ASP A 41 7.34 -5.18 -2.60
CA ASP A 41 5.96 -5.13 -3.08
C ASP A 41 5.28 -3.83 -2.65
N ILE A 42 4.49 -3.26 -3.55
CA ILE A 42 3.78 -2.01 -3.26
C ILE A 42 2.48 -2.28 -2.52
N VAL A 43 2.42 -1.85 -1.25
CA VAL A 43 1.23 -2.03 -0.44
C VAL A 43 0.31 -0.82 -0.52
N LYS A 44 -0.92 -1.05 -0.97
CA LYS A 44 -1.91 0.02 -1.09
C LYS A 44 -2.90 -0.02 0.06
N VAL A 45 -2.79 0.94 0.96
CA VAL A 45 -3.68 1.02 2.11
C VAL A 45 -4.67 2.17 1.97
N THR A 46 -5.94 1.89 2.20
CA THR A 46 -6.98 2.90 2.10
C THR A 46 -7.44 3.37 3.47
N ARG A 47 -7.23 2.53 4.47
CA ARG A 47 -7.62 2.85 5.84
C ARG A 47 -6.46 2.62 6.81
N MET A 48 -6.17 3.63 7.63
CA MET A 48 -5.09 3.54 8.60
C MET A 48 -5.63 3.61 10.03
N ASN A 49 -5.67 2.46 10.69
CA ASN A 49 -6.16 2.39 12.05
C ASN A 49 -5.13 2.92 13.04
N ILE A 50 -5.53 3.90 13.85
CA ILE A 50 -4.64 4.50 14.83
C ILE A 50 -3.87 3.42 15.60
N ASN A 51 -4.60 2.42 16.08
CA ASN A 51 -3.99 1.33 16.84
C ASN A 51 -2.63 0.95 16.25
N GLY A 52 -2.59 0.80 14.94
CA GLY A 52 -1.35 0.44 14.27
C GLY A 52 -1.57 -0.41 13.04
N GLN A 53 -2.40 -1.44 13.17
CA GLN A 53 -2.69 -2.33 12.06
C GLN A 53 -3.56 -1.63 11.02
N TRP A 54 -3.02 -1.51 9.80
CA TRP A 54 -3.75 -0.86 8.72
C TRP A 54 -4.32 -1.89 7.75
N GLU A 55 -5.37 -1.51 7.03
CA GLU A 55 -6.01 -2.40 6.07
C GLU A 55 -5.53 -2.11 4.66
N GLY A 56 -4.89 -3.10 4.05
CA GLY A 56 -4.38 -2.93 2.69
C GLY A 56 -4.70 -4.11 1.80
N GLU A 57 -4.59 -3.92 0.49
CA GLU A 57 -4.88 -4.97 -0.46
C GLU A 57 -3.81 -5.02 -1.56
N VAL A 58 -3.10 -6.15 -1.64
CA VAL A 58 -2.05 -6.32 -2.63
C VAL A 58 -2.22 -7.65 -3.37
N ASN A 59 -1.74 -7.70 -4.61
CA ASN A 59 -1.83 -8.90 -5.42
C ASN A 59 -1.76 -10.15 -4.54
N GLY A 60 -2.94 -10.63 -4.13
CA GLY A 60 -3.00 -11.82 -3.29
C GLY A 60 -4.25 -11.86 -2.44
N ARG A 61 -4.28 -11.08 -1.38
CA ARG A 61 -5.43 -11.03 -0.48
C ARG A 61 -5.50 -9.70 0.26
N LYS A 62 -6.44 -9.59 1.18
CA LYS A 62 -6.61 -8.38 1.96
C LYS A 62 -6.46 -8.66 3.46
N GLY A 63 -5.42 -8.09 4.06
CA GLY A 63 -5.19 -8.30 5.47
C GLY A 63 -4.42 -7.16 6.11
N LEU A 64 -4.31 -7.18 7.44
CA LEU A 64 -3.60 -6.13 8.16
C LEU A 64 -2.11 -6.44 8.22
N PHE A 65 -1.29 -5.39 8.18
CA PHE A 65 0.16 -5.54 8.24
C PHE A 65 0.79 -4.50 9.17
N PRO A 66 1.83 -4.92 9.89
CA PRO A 66 2.55 -4.03 10.82
C PRO A 66 3.34 -2.95 10.10
N PHE A 67 3.42 -1.78 10.72
CA PHE A 67 4.16 -0.66 10.13
C PHE A 67 5.66 -0.83 10.33
N THR A 68 6.04 -1.83 11.13
CA THR A 68 7.45 -2.10 11.40
C THR A 68 8.02 -3.05 10.36
N HIS A 69 7.25 -3.31 9.31
CA HIS A 69 7.69 -4.20 8.24
C HIS A 69 7.86 -3.43 6.92
N VAL A 70 6.99 -2.45 6.71
CA VAL A 70 7.04 -1.64 5.50
C VAL A 70 7.53 -0.23 5.80
N LYS A 71 8.17 0.39 4.82
CA LYS A 71 8.69 1.75 4.97
C LYS A 71 7.93 2.73 4.09
N ILE A 72 7.45 3.81 4.69
CA ILE A 72 6.71 4.83 3.96
C ILE A 72 7.63 5.64 3.05
N PHE A 73 7.67 5.27 1.77
CA PHE A 73 8.52 5.97 0.80
C PHE A 73 7.67 6.83 -0.12
N ASP A 74 8.30 7.85 -0.71
CA ASP A 74 7.60 8.76 -1.61
C ASP A 74 7.55 8.17 -3.03
N PRO A 75 6.33 8.06 -3.56
CA PRO A 75 6.11 7.52 -4.91
C PRO A 75 6.62 8.46 -6.00
N GLN A 76 6.95 9.69 -5.62
CA GLN A 76 7.45 10.67 -6.56
C GLN A 76 8.91 10.42 -6.89
N ASN A 77 9.24 9.17 -7.17
CA ASN A 77 10.62 8.80 -7.50
C ASN A 77 10.71 8.23 -8.91
N PRO A 78 10.87 9.13 -9.90
CA PRO A 78 10.97 8.75 -11.30
C PRO A 78 12.28 8.04 -11.62
N ASP A 79 13.09 7.82 -10.59
CA ASP A 79 14.37 7.14 -10.75
C ASP A 79 14.18 5.78 -11.43
N GLU A 80 15.21 5.34 -12.15
CA GLU A 80 15.16 4.05 -12.84
C GLU A 80 16.09 3.04 -12.17
N ASN A 81 15.53 2.20 -11.31
CA ASN A 81 16.30 1.19 -10.61
C ASN A 81 15.41 0.05 -10.13
N GLU A 82 15.81 -1.18 -10.47
CA GLU A 82 15.04 -2.36 -10.08
C GLU A 82 15.89 -3.62 -10.17
N SER A 83 16.13 -4.25 -9.03
CA SER A 83 16.94 -5.46 -8.98
C SER A 83 16.73 -6.20 -7.67
N GLY A 84 17.28 -7.41 -7.58
CA GLY A 84 17.14 -8.21 -6.38
C GLY A 84 18.40 -8.97 -6.03
N PRO A 85 18.65 -10.06 -6.77
CA PRO A 85 19.83 -10.91 -6.56
C PRO A 85 21.12 -10.21 -6.97
N SER A 86 22.21 -10.57 -6.32
CA SER A 86 23.52 -9.98 -6.63
C SER A 86 23.37 -8.51 -6.97
N SER A 87 22.59 -7.78 -6.18
CA SER A 87 22.37 -6.36 -6.41
C SER A 87 23.69 -5.63 -6.62
N GLY A 88 23.74 -4.81 -7.67
CA GLY A 88 24.95 -4.05 -7.96
C GLY A 88 24.69 -2.85 -8.83
N GLY A 1 9.61 1.38 -40.50
CA GLY A 1 8.96 1.20 -39.22
C GLY A 1 7.92 2.26 -38.94
N SER A 2 7.54 2.40 -37.68
CA SER A 2 6.53 3.39 -37.29
C SER A 2 7.00 4.19 -36.07
N SER A 3 6.21 5.19 -35.68
CA SER A 3 6.55 6.03 -34.55
C SER A 3 5.59 5.78 -33.39
N GLY A 4 5.86 6.41 -32.26
CA GLY A 4 5.01 6.26 -31.09
C GLY A 4 4.04 7.41 -30.90
N SER A 5 3.48 7.52 -29.70
CA SER A 5 2.52 8.59 -29.41
C SER A 5 2.62 9.01 -27.95
N SER A 6 1.86 10.04 -27.59
CA SER A 6 1.86 10.55 -26.23
C SER A 6 0.45 10.61 -25.66
N GLY A 7 0.34 10.97 -24.38
CA GLY A 7 -0.97 11.06 -23.75
C GLY A 7 -1.10 12.30 -22.90
N PRO A 8 -2.05 12.26 -21.94
CA PRO A 8 -2.30 13.39 -21.03
C PRO A 8 -1.16 13.60 -20.05
N LEU A 9 -1.29 14.63 -19.21
CA LEU A 9 -0.28 14.94 -18.21
C LEU A 9 -0.60 14.28 -16.88
N PRO A 10 0.44 13.93 -16.12
CA PRO A 10 0.30 13.28 -14.82
C PRO A 10 -0.26 14.23 -13.76
N SER A 11 -1.24 13.75 -12.99
CA SER A 11 -1.86 14.56 -11.95
C SER A 11 -1.91 13.79 -10.64
N THR A 12 -1.29 14.36 -9.61
CA THR A 12 -1.25 13.74 -8.29
C THR A 12 -2.15 14.49 -7.31
N GLN A 13 -2.88 13.74 -6.49
CA GLN A 13 -3.77 14.33 -5.50
C GLN A 13 -3.91 13.43 -4.28
N ASN A 14 -4.26 14.03 -3.15
CA ASN A 14 -4.43 13.27 -1.91
C ASN A 14 -5.12 11.94 -2.17
N GLY A 15 -4.38 10.85 -2.01
CA GLY A 15 -4.95 9.54 -2.24
C GLY A 15 -4.48 8.53 -1.21
N PRO A 16 -4.56 7.23 -1.56
CA PRO A 16 -4.14 6.14 -0.67
C PRO A 16 -2.64 6.10 -0.46
N VAL A 17 -2.22 5.77 0.77
CA VAL A 17 -0.81 5.70 1.09
C VAL A 17 -0.19 4.41 0.55
N PHE A 18 1.08 4.51 0.13
CA PHE A 18 1.79 3.35 -0.40
C PHE A 18 3.07 3.09 0.38
N ALA A 19 3.40 1.81 0.56
CA ALA A 19 4.60 1.41 1.28
C ALA A 19 5.23 0.18 0.67
N LYS A 20 6.53 0.26 0.38
CA LYS A 20 7.25 -0.86 -0.21
C LYS A 20 7.80 -1.78 0.88
N ALA A 21 7.26 -2.99 0.95
CA ALA A 21 7.70 -3.96 1.94
C ALA A 21 9.19 -4.25 1.80
N ILE A 22 9.97 -3.83 2.78
CA ILE A 22 11.41 -4.03 2.77
C ILE A 22 11.76 -5.46 3.20
N GLN A 23 10.86 -6.08 3.96
CA GLN A 23 11.07 -7.44 4.43
C GLN A 23 10.00 -8.38 3.90
N LYS A 24 10.18 -9.67 4.15
CA LYS A 24 9.21 -10.67 3.69
C LYS A 24 8.13 -10.91 4.75
N ARG A 25 6.88 -10.65 4.38
CA ARG A 25 5.76 -10.83 5.30
C ARG A 25 5.00 -12.12 4.96
N VAL A 26 5.03 -13.07 5.88
CA VAL A 26 4.33 -14.34 5.68
C VAL A 26 3.46 -14.68 6.89
N PRO A 27 2.15 -14.80 6.64
CA PRO A 27 1.17 -15.12 7.69
C PRO A 27 1.32 -16.55 8.20
N CYS A 28 0.86 -16.80 9.42
CA CYS A 28 0.93 -18.13 10.02
C CYS A 28 -0.09 -19.07 9.38
N ALA A 29 0.02 -20.35 9.70
CA ALA A 29 -0.90 -21.35 9.16
C ALA A 29 -2.35 -20.89 9.27
N TYR A 30 -2.75 -20.51 10.49
CA TYR A 30 -4.11 -20.05 10.72
C TYR A 30 -4.15 -18.53 10.93
N ASP A 31 -3.61 -17.79 9.97
CA ASP A 31 -3.58 -16.35 10.04
C ASP A 31 -4.22 -15.73 8.80
N LYS A 32 -5.56 -15.71 8.78
CA LYS A 32 -6.30 -15.15 7.66
C LYS A 32 -6.24 -13.62 7.69
N THR A 33 -6.28 -13.05 8.89
CA THR A 33 -6.23 -11.61 9.05
C THR A 33 -4.88 -11.05 8.63
N ALA A 34 -3.84 -11.85 8.78
CA ALA A 34 -2.49 -11.44 8.42
C ALA A 34 -2.29 -11.49 6.90
N LEU A 35 -2.05 -10.32 6.31
CA LEU A 35 -1.85 -10.22 4.87
C LEU A 35 -0.45 -10.70 4.49
N ALA A 36 -0.37 -11.44 3.39
CA ALA A 36 0.91 -11.95 2.91
C ALA A 36 1.51 -11.03 1.84
N LEU A 37 2.80 -10.75 1.97
CA LEU A 37 3.49 -9.89 1.02
C LEU A 37 4.91 -10.37 0.77
N GLU A 38 5.55 -9.84 -0.27
CA GLU A 38 6.91 -10.22 -0.61
C GLU A 38 7.86 -9.03 -0.50
N VAL A 39 9.14 -9.28 -0.69
CA VAL A 39 10.15 -8.23 -0.61
C VAL A 39 10.13 -7.36 -1.86
N GLY A 40 9.61 -6.14 -1.72
CA GLY A 40 9.53 -5.23 -2.85
C GLY A 40 8.13 -5.05 -3.37
N ASP A 41 7.15 -5.17 -2.48
CA ASP A 41 5.75 -5.02 -2.86
C ASP A 41 5.17 -3.73 -2.30
N ILE A 42 4.36 -3.04 -3.10
CA ILE A 42 3.75 -1.78 -2.69
C ILE A 42 2.37 -2.02 -2.10
N VAL A 43 2.31 -2.19 -0.78
CA VAL A 43 1.06 -2.43 -0.09
C VAL A 43 0.20 -1.17 -0.05
N LYS A 44 -0.84 -1.14 -0.89
CA LYS A 44 -1.72 0.01 -0.96
C LYS A 44 -2.78 -0.05 0.15
N VAL A 45 -2.63 0.83 1.14
CA VAL A 45 -3.57 0.88 2.26
C VAL A 45 -4.43 2.13 2.20
N THR A 46 -5.74 1.95 2.34
CA THR A 46 -6.67 3.06 2.30
C THR A 46 -7.32 3.29 3.66
N ARG A 47 -7.57 2.19 4.38
CA ARG A 47 -8.18 2.27 5.70
C ARG A 47 -7.13 2.18 6.79
N MET A 48 -7.07 3.20 7.64
CA MET A 48 -6.11 3.22 8.75
C MET A 48 -6.82 3.28 10.09
N ASN A 49 -6.68 2.21 10.88
CA ASN A 49 -7.31 2.13 12.19
C ASN A 49 -6.51 2.93 13.22
N ILE A 50 -7.19 3.35 14.28
CA ILE A 50 -6.54 4.12 15.34
C ILE A 50 -5.88 3.19 16.36
N ASN A 51 -5.20 2.16 15.86
CA ASN A 51 -4.52 1.21 16.73
C ASN A 51 -3.09 0.96 16.25
N GLY A 52 -2.92 0.91 14.94
CA GLY A 52 -1.60 0.68 14.37
C GLY A 52 -1.64 -0.12 13.09
N GLN A 53 -2.49 -1.15 13.07
CA GLN A 53 -2.62 -2.00 11.89
C GLN A 53 -3.53 -1.35 10.85
N TRP A 54 -3.03 -1.26 9.62
CA TRP A 54 -3.79 -0.66 8.53
C TRP A 54 -4.33 -1.72 7.58
N GLU A 55 -5.40 -1.40 6.88
CA GLU A 55 -6.02 -2.33 5.93
C GLU A 55 -5.61 -2.00 4.50
N GLY A 56 -4.93 -2.95 3.85
CA GLY A 56 -4.49 -2.75 2.49
C GLY A 56 -4.83 -3.92 1.59
N GLU A 57 -4.82 -3.68 0.28
CA GLU A 57 -5.13 -4.72 -0.69
C GLU A 57 -3.92 -5.02 -1.58
N VAL A 58 -3.46 -6.26 -1.53
CA VAL A 58 -2.31 -6.68 -2.33
C VAL A 58 -2.51 -8.08 -2.87
N ASN A 59 -2.33 -8.24 -4.18
CA ASN A 59 -2.48 -9.53 -4.83
C ASN A 59 -3.82 -10.16 -4.48
N GLY A 60 -4.89 -9.37 -4.59
CA GLY A 60 -6.22 -9.87 -4.28
C GLY A 60 -6.32 -10.40 -2.87
N ARG A 61 -5.63 -9.74 -1.94
CA ARG A 61 -5.65 -10.16 -0.54
C ARG A 61 -5.67 -8.94 0.39
N LYS A 62 -6.70 -8.86 1.23
CA LYS A 62 -6.83 -7.76 2.16
C LYS A 62 -6.60 -8.22 3.60
N GLY A 63 -5.53 -7.74 4.21
CA GLY A 63 -5.21 -8.12 5.58
C GLY A 63 -4.40 -7.07 6.30
N LEU A 64 -4.22 -7.25 7.61
CA LEU A 64 -3.45 -6.31 8.41
C LEU A 64 -1.96 -6.61 8.34
N PHE A 65 -1.17 -5.61 7.99
CA PHE A 65 0.27 -5.77 7.89
C PHE A 65 1.00 -4.80 8.81
N PRO A 66 2.10 -5.26 9.41
CA PRO A 66 2.91 -4.45 10.33
C PRO A 66 3.66 -3.33 9.61
N PHE A 67 3.42 -2.09 10.03
CA PHE A 67 4.07 -0.93 9.43
C PHE A 67 5.58 -0.99 9.62
N THR A 68 6.00 -1.44 10.80
CA THR A 68 7.42 -1.55 11.11
C THR A 68 8.14 -2.41 10.10
N HIS A 69 7.38 -3.17 9.31
CA HIS A 69 7.95 -4.04 8.30
C HIS A 69 8.10 -3.29 6.97
N VAL A 70 7.20 -2.36 6.72
CA VAL A 70 7.23 -1.58 5.48
C VAL A 70 7.83 -0.19 5.72
N LYS A 71 8.25 0.45 4.64
CA LYS A 71 8.85 1.78 4.73
C LYS A 71 8.18 2.73 3.74
N ILE A 72 7.71 3.87 4.25
CA ILE A 72 7.06 4.87 3.40
C ILE A 72 8.05 5.52 2.45
N PHE A 73 7.66 5.64 1.18
CA PHE A 73 8.52 6.24 0.18
C PHE A 73 7.69 6.91 -0.91
N ASP A 74 8.36 7.58 -1.84
CA ASP A 74 7.69 8.26 -2.94
C ASP A 74 7.88 7.51 -4.26
N PRO A 75 7.00 6.51 -4.49
CA PRO A 75 7.06 5.69 -5.71
C PRO A 75 6.66 6.48 -6.95
N GLN A 76 5.69 7.36 -6.80
CA GLN A 76 5.20 8.18 -7.92
C GLN A 76 5.18 7.37 -9.21
N ASN A 77 4.64 6.16 -9.13
CA ASN A 77 4.55 5.28 -10.30
C ASN A 77 3.10 5.12 -10.74
N PRO A 78 2.88 5.20 -12.06
CA PRO A 78 1.54 5.06 -12.65
C PRO A 78 1.02 3.63 -12.55
N ASP A 79 1.83 2.74 -12.02
CA ASP A 79 1.46 1.33 -11.87
C ASP A 79 0.17 1.21 -11.04
N GLU A 80 0.18 1.81 -9.87
CA GLU A 80 -0.99 1.77 -8.98
C GLU A 80 -1.35 3.16 -8.48
N ASN A 81 -2.33 3.78 -9.13
CA ASN A 81 -2.77 5.12 -8.76
C ASN A 81 -4.29 5.20 -8.72
N GLU A 82 -4.87 4.72 -7.62
CA GLU A 82 -6.32 4.73 -7.46
C GLU A 82 -6.87 6.14 -7.63
N SER A 83 -7.73 6.33 -8.63
CA SER A 83 -8.32 7.63 -8.90
C SER A 83 -9.83 7.60 -8.68
N GLY A 84 -10.47 8.75 -8.83
CA GLY A 84 -11.91 8.83 -8.65
C GLY A 84 -12.30 9.62 -7.42
N PRO A 85 -13.44 10.31 -7.49
CA PRO A 85 -13.95 11.12 -6.38
C PRO A 85 -14.43 10.27 -5.21
N SER A 86 -13.78 10.44 -4.06
CA SER A 86 -14.14 9.68 -2.87
C SER A 86 -14.43 10.61 -1.69
N SER A 87 -14.94 10.05 -0.61
CA SER A 87 -15.27 10.84 0.58
C SER A 87 -14.51 10.32 1.80
N GLY A 88 -13.60 11.13 2.32
CA GLY A 88 -12.83 10.74 3.47
C GLY A 88 -11.36 11.10 3.34
N GLY A 1 -38.93 -1.66 -3.89
CA GLY A 1 -37.59 -2.17 -3.67
C GLY A 1 -36.70 -1.18 -2.95
N SER A 2 -35.40 -1.25 -3.21
CA SER A 2 -34.44 -0.35 -2.57
C SER A 2 -33.34 0.06 -3.56
N SER A 3 -32.84 1.28 -3.41
CA SER A 3 -31.79 1.80 -4.28
C SER A 3 -30.70 2.49 -3.46
N GLY A 4 -29.57 2.76 -4.12
CA GLY A 4 -28.46 3.42 -3.44
C GLY A 4 -27.79 4.44 -4.32
N SER A 5 -26.92 5.26 -3.71
CA SER A 5 -26.21 6.29 -4.44
C SER A 5 -24.70 6.03 -4.43
N SER A 6 -24.11 6.06 -5.62
CA SER A 6 -22.67 5.82 -5.76
C SER A 6 -21.91 7.14 -5.85
N GLY A 7 -20.83 7.24 -5.09
CA GLY A 7 -20.03 8.45 -5.09
C GLY A 7 -19.20 8.61 -3.83
N PRO A 8 -18.00 9.19 -3.96
CA PRO A 8 -17.09 9.41 -2.84
C PRO A 8 -17.60 10.47 -1.88
N LEU A 9 -16.91 10.64 -0.76
CA LEU A 9 -17.31 11.63 0.24
C LEU A 9 -17.24 13.04 -0.33
N PRO A 10 -18.22 13.87 0.05
CA PRO A 10 -18.31 15.26 -0.42
C PRO A 10 -17.20 16.13 0.17
N SER A 11 -16.47 15.59 1.14
CA SER A 11 -15.38 16.33 1.77
C SER A 11 -14.05 16.03 1.08
N THR A 12 -13.03 16.80 1.45
CA THR A 12 -11.70 16.62 0.86
C THR A 12 -11.27 15.17 0.91
N GLN A 13 -11.01 14.60 -0.26
CA GLN A 13 -10.58 13.20 -0.35
C GLN A 13 -9.06 13.09 -0.22
N ASN A 14 -8.60 12.57 0.92
CA ASN A 14 -7.17 12.41 1.16
C ASN A 14 -6.57 11.38 0.21
N GLY A 15 -5.42 11.71 -0.35
CA GLY A 15 -4.75 10.80 -1.27
C GLY A 15 -4.26 9.55 -0.59
N PRO A 16 -4.29 8.43 -1.32
CA PRO A 16 -3.85 7.12 -0.80
C PRO A 16 -2.34 7.06 -0.59
N VAL A 17 -1.92 6.44 0.50
CA VAL A 17 -0.50 6.31 0.81
C VAL A 17 0.01 4.91 0.48
N PHE A 18 1.07 4.85 -0.31
CA PHE A 18 1.66 3.57 -0.71
C PHE A 18 2.82 3.20 0.21
N ALA A 19 2.90 1.92 0.55
CA ALA A 19 3.96 1.43 1.43
C ALA A 19 4.52 0.10 0.93
N LYS A 20 5.81 0.09 0.61
CA LYS A 20 6.47 -1.11 0.13
C LYS A 20 6.98 -1.96 1.28
N ALA A 21 6.77 -3.27 1.20
CA ALA A 21 7.22 -4.18 2.24
C ALA A 21 8.72 -4.43 2.14
N ILE A 22 9.47 -3.88 3.09
CA ILE A 22 10.91 -4.04 3.11
C ILE A 22 11.31 -5.42 3.59
N GLN A 23 10.52 -5.98 4.50
CA GLN A 23 10.78 -7.30 5.05
C GLN A 23 9.70 -8.30 4.62
N LYS A 24 10.06 -9.57 4.59
CA LYS A 24 9.12 -10.62 4.20
C LYS A 24 8.14 -10.93 5.33
N ARG A 25 6.85 -10.82 5.05
CA ARG A 25 5.83 -11.10 6.05
C ARG A 25 5.31 -12.53 5.93
N VAL A 26 5.23 -13.22 7.07
CA VAL A 26 4.76 -14.60 7.08
C VAL A 26 3.60 -14.77 8.06
N PRO A 27 2.37 -14.64 7.55
CA PRO A 27 1.16 -14.78 8.35
C PRO A 27 0.92 -16.21 8.82
N CYS A 28 0.25 -16.37 9.96
CA CYS A 28 -0.04 -17.69 10.50
C CYS A 28 -0.68 -18.58 9.45
N ALA A 29 -0.41 -19.88 9.55
CA ALA A 29 -0.96 -20.85 8.61
C ALA A 29 -2.47 -20.68 8.48
N TYR A 30 -3.13 -20.30 9.57
CA TYR A 30 -4.57 -20.10 9.56
C TYR A 30 -4.92 -18.66 9.91
N ASP A 31 -4.13 -17.72 9.41
CA ASP A 31 -4.36 -16.30 9.67
C ASP A 31 -5.32 -15.71 8.63
N LYS A 32 -6.14 -14.76 9.07
CA LYS A 32 -7.09 -14.10 8.18
C LYS A 32 -6.90 -12.59 8.18
N THR A 33 -6.33 -12.08 9.26
CA THR A 33 -6.08 -10.64 9.38
C THR A 33 -4.61 -10.31 9.15
N ALA A 34 -3.85 -11.32 8.74
CA ALA A 34 -2.42 -11.14 8.48
C ALA A 34 -2.12 -11.22 6.99
N LEU A 35 -1.72 -10.08 6.41
CA LEU A 35 -1.41 -10.02 4.99
C LEU A 35 0.01 -10.53 4.73
N ALA A 36 0.15 -11.35 3.69
CA ALA A 36 1.46 -11.89 3.33
C ALA A 36 2.12 -11.06 2.24
N LEU A 37 3.38 -10.71 2.46
CA LEU A 37 4.13 -9.90 1.50
C LEU A 37 5.57 -10.40 1.39
N GLU A 38 6.19 -10.17 0.24
CA GLU A 38 7.56 -10.58 0.00
C GLU A 38 8.46 -9.38 -0.30
N VAL A 39 9.66 -9.40 0.24
CA VAL A 39 10.62 -8.30 0.02
C VAL A 39 10.45 -7.70 -1.37
N GLY A 40 9.87 -6.52 -1.44
CA GLY A 40 9.66 -5.85 -2.71
C GLY A 40 8.23 -5.96 -3.20
N ASP A 41 7.28 -5.78 -2.29
CA ASP A 41 5.87 -5.87 -2.64
C ASP A 41 5.12 -4.60 -2.20
N ILE A 42 4.39 -4.00 -3.12
CA ILE A 42 3.63 -2.80 -2.83
C ILE A 42 2.36 -3.12 -2.06
N VAL A 43 2.02 -2.27 -1.10
CA VAL A 43 0.83 -2.46 -0.29
C VAL A 43 -0.02 -1.19 -0.26
N LYS A 44 -1.11 -1.19 -1.03
CA LYS A 44 -2.00 -0.04 -1.09
C LYS A 44 -2.93 -0.01 0.13
N VAL A 45 -2.68 0.93 1.03
CA VAL A 45 -3.49 1.07 2.23
C VAL A 45 -4.44 2.26 2.13
N THR A 46 -5.68 2.06 2.56
CA THR A 46 -6.67 3.12 2.52
C THR A 46 -7.17 3.48 3.91
N ARG A 47 -7.20 2.48 4.80
CA ARG A 47 -7.65 2.68 6.16
C ARG A 47 -6.52 2.41 7.16
N MET A 48 -6.11 3.45 7.87
CA MET A 48 -5.03 3.33 8.85
C MET A 48 -5.59 3.40 10.27
N ASN A 49 -5.50 2.28 10.99
CA ASN A 49 -6.00 2.21 12.35
C ASN A 49 -5.04 2.92 13.31
N ILE A 50 -5.52 3.18 14.53
CA ILE A 50 -4.71 3.84 15.53
C ILE A 50 -3.70 2.89 16.15
N ASN A 51 -4.17 1.72 16.58
CA ASN A 51 -3.31 0.72 17.18
C ASN A 51 -1.93 0.71 16.53
N GLY A 52 -1.92 0.63 15.19
CA GLY A 52 -0.68 0.61 14.46
C GLY A 52 -0.79 -0.11 13.14
N GLN A 53 -1.51 -1.23 13.12
CA GLN A 53 -1.69 -2.01 11.91
C GLN A 53 -2.72 -1.37 11.00
N TRP A 54 -2.50 -1.45 9.70
CA TRP A 54 -3.41 -0.88 8.72
C TRP A 54 -3.88 -1.93 7.72
N GLU A 55 -4.92 -1.60 6.96
CA GLU A 55 -5.45 -2.53 5.96
C GLU A 55 -5.07 -2.10 4.55
N GLY A 56 -4.49 -3.01 3.80
CA GLY A 56 -4.08 -2.71 2.44
C GLY A 56 -4.42 -3.82 1.47
N GLU A 57 -4.50 -3.48 0.19
CA GLU A 57 -4.82 -4.47 -0.84
C GLU A 57 -3.62 -4.71 -1.76
N VAL A 58 -3.15 -5.95 -1.77
CA VAL A 58 -1.99 -6.33 -2.58
C VAL A 58 -2.38 -7.41 -3.60
N ASN A 59 -1.55 -7.58 -4.62
CA ASN A 59 -1.79 -8.58 -5.65
C ASN A 59 -2.47 -9.81 -5.06
N GLY A 60 -3.79 -9.89 -5.23
CA GLY A 60 -4.54 -11.01 -4.71
C GLY A 60 -4.27 -11.27 -3.23
N ARG A 61 -4.34 -10.22 -2.44
CA ARG A 61 -4.10 -10.32 -1.00
C ARG A 61 -4.75 -9.17 -0.24
N LYS A 62 -5.53 -9.51 0.78
CA LYS A 62 -6.21 -8.51 1.58
C LYS A 62 -6.08 -8.82 3.07
N GLY A 63 -5.14 -8.15 3.72
CA GLY A 63 -4.92 -8.36 5.14
C GLY A 63 -4.30 -7.15 5.82
N LEU A 64 -4.24 -7.19 7.16
CA LEU A 64 -3.68 -6.10 7.92
C LEU A 64 -2.18 -6.28 8.11
N PHE A 65 -1.44 -5.17 8.13
CA PHE A 65 0.01 -5.21 8.31
C PHE A 65 0.48 -4.08 9.22
N PRO A 66 1.51 -4.36 10.03
CA PRO A 66 2.07 -3.38 10.95
C PRO A 66 2.82 -2.26 10.23
N PHE A 67 3.04 -1.15 10.94
CA PHE A 67 3.74 -0.02 10.37
C PHE A 67 5.25 -0.15 10.55
N THR A 68 5.66 -1.16 11.32
CA THR A 68 7.07 -1.40 11.58
C THR A 68 7.63 -2.43 10.62
N HIS A 69 6.84 -2.80 9.62
CA HIS A 69 7.26 -3.78 8.63
C HIS A 69 7.45 -3.13 7.25
N VAL A 70 6.59 -2.17 6.94
CA VAL A 70 6.65 -1.47 5.67
C VAL A 70 7.17 -0.05 5.84
N LYS A 71 7.84 0.47 4.82
CA LYS A 71 8.38 1.82 4.86
C LYS A 71 7.63 2.74 3.91
N ILE A 72 7.19 3.89 4.42
CA ILE A 72 6.47 4.86 3.61
C ILE A 72 7.39 5.54 2.59
N PHE A 73 7.48 4.95 1.40
CA PHE A 73 8.32 5.49 0.34
C PHE A 73 7.49 6.28 -0.67
N ASP A 74 8.02 7.42 -1.10
CA ASP A 74 7.33 8.26 -2.08
C ASP A 74 7.40 7.66 -3.47
N PRO A 75 6.23 7.44 -4.08
CA PRO A 75 6.13 6.87 -5.42
C PRO A 75 6.61 7.83 -6.50
N GLN A 76 6.93 9.05 -6.10
CA GLN A 76 7.40 10.07 -7.03
C GLN A 76 8.93 10.16 -7.00
N ASN A 77 9.59 9.00 -7.00
CA ASN A 77 11.04 8.96 -6.98
C ASN A 77 11.64 10.15 -7.72
N PRO A 78 11.99 11.20 -6.97
CA PRO A 78 12.58 12.42 -7.54
C PRO A 78 13.99 12.19 -8.06
N ASP A 79 14.52 10.99 -7.83
CA ASP A 79 15.86 10.65 -8.27
C ASP A 79 16.10 11.12 -9.70
N GLU A 80 17.34 11.54 -9.98
CA GLU A 80 17.69 12.03 -11.31
C GLU A 80 18.57 11.01 -12.04
N ASN A 81 17.96 10.23 -12.92
CA ASN A 81 18.67 9.22 -13.68
C ASN A 81 18.72 9.58 -15.16
N GLU A 82 18.96 10.85 -15.46
CA GLU A 82 19.02 11.33 -16.83
C GLU A 82 20.34 12.04 -17.10
N SER A 83 21.44 11.45 -16.62
CA SER A 83 22.75 12.02 -16.81
C SER A 83 22.96 12.46 -18.26
N GLY A 84 23.19 13.75 -18.45
CA GLY A 84 23.40 14.28 -19.79
C GLY A 84 23.93 15.69 -19.79
N PRO A 85 23.05 16.66 -19.49
CA PRO A 85 23.42 18.08 -19.45
C PRO A 85 24.32 18.40 -18.26
N SER A 86 24.53 17.42 -17.39
CA SER A 86 25.38 17.60 -16.23
C SER A 86 26.80 17.99 -16.62
N SER A 87 27.51 18.66 -15.73
CA SER A 87 28.87 19.09 -15.99
C SER A 87 29.75 17.91 -16.40
N GLY A 88 31.00 18.19 -16.75
CA GLY A 88 31.91 17.15 -17.16
C GLY A 88 33.36 17.59 -17.09
#